data_6JEN
#
_entry.id   6JEN
#
_cell.length_a   56.718
_cell.length_b   136.883
_cell.length_c   205.136
_cell.angle_alpha   90.00
_cell.angle_beta   90.00
_cell.angle_gamma   90.00
#
_symmetry.space_group_name_H-M   'P 21 21 21'
#
loop_
_entity.id
_entity.type
_entity.pdbx_description
1 polymer Glycosyltransferase
2 non-polymer Pterostilbene
3 non-polymer "URIDINE-5'-DIPHOSPHATE-2-DEOXY-2-FLUORO-ALPHA-D-GLUCOSE"
#
_entity_poly.entity_id   1
_entity_poly.type   'polypeptide(L)'
_entity_poly.pdbx_seq_one_letter_code
;MNHKVHHHHHHLQENLYFQGMEMEAPLIVIVPSPGMGHLIPLVEFAKVLVSRFHFSVSLLLPTTAQPTKAQTTLLNSLPS
SVSHNFLPTVDPAHLPDGVAHEVTISLTHAHSLSSIRAALGSLAQQAQVVALITDLFGTGLYTVARDLGIPPYLYFTSTA
MCLLFLFHLPKLDETVSCEYRDMPEPLVLPGCVPLHGKDFVDPAQDRQDQAYHVLLDHVKRYVLAEGIFVNTFVDLEPGA
IKTLQTEDPNVPPVYPVGPIIQSGLDDDSHGSDCLKWLDRQPSGSVLFVSFGSGGTLSNEQLNELAIGLEISGHRFLWVV
RSPNDHSSFGSFFSTQSQDDPFGFLPTGFVDRIKDRGLLVPSWAPQIKVLSHGSTGGFLTHCGWNSTLESIVNGVPLIVW
PLYAEQRMNAVMLNQGLKVALRPNASQRGLVEADEIARVVKELMDGDEGKKARYKMRELSDSAKRVTSENGESTKLLSEV
ASKWSQCKS
;
_entity_poly.pdbx_strand_id   A,B,C
#
# COMPACT_ATOMS: atom_id res chain seq x y z
N ALA A 25 -5.37 33.60 -5.43
CA ALA A 25 -5.47 33.47 -3.91
C ALA A 25 -4.27 32.69 -3.35
N PRO A 26 -3.52 33.23 -2.36
CA PRO A 26 -2.35 32.53 -1.83
C PRO A 26 -2.76 31.21 -1.15
N LEU A 27 -1.85 30.24 -1.17
CA LEU A 27 -2.12 28.88 -0.60
C LEU A 27 -1.30 28.71 0.69
N ILE A 28 -1.98 28.21 1.73
CA ILE A 28 -1.38 27.81 3.02
C ILE A 28 -1.46 26.29 3.10
N VAL A 29 -0.34 25.64 3.35
CA VAL A 29 -0.28 24.16 3.37
C VAL A 29 -0.29 23.77 4.85
N ILE A 30 -1.15 22.83 5.22
CA ILE A 30 -1.29 22.36 6.61
C ILE A 30 -1.03 20.86 6.61
N VAL A 31 -0.12 20.41 7.46
CA VAL A 31 0.27 18.97 7.58
C VAL A 31 -0.07 18.51 8.98
N PRO A 32 -1.32 18.04 9.19
CA PRO A 32 -1.69 17.40 10.45
C PRO A 32 -0.97 16.06 10.63
N SER A 33 -0.61 15.77 11.87
CA SER A 33 -0.25 14.40 12.34
C SER A 33 -1.44 13.46 12.19
N PRO A 34 -1.25 12.14 11.98
CA PRO A 34 -2.39 11.22 11.88
C PRO A 34 -3.09 11.10 13.24
N GLY A 35 -4.41 10.86 13.24
CA GLY A 35 -5.24 10.83 14.45
C GLY A 35 -6.19 12.00 14.52
N MET A 36 -7.41 11.78 15.01
CA MET A 36 -8.53 12.75 14.94
C MET A 36 -8.28 13.97 15.83
N GLY A 37 -7.53 13.78 16.92
CA GLY A 37 -7.29 14.84 17.92
C GLY A 37 -6.18 15.78 17.50
N HIS A 38 -5.45 15.39 16.44
CA HIS A 38 -4.50 16.24 15.68
C HIS A 38 -5.21 16.89 14.47
N LEU A 39 -6.03 16.10 13.75
CA LEU A 39 -6.69 16.53 12.50
C LEU A 39 -7.75 17.60 12.76
N ILE A 40 -8.69 17.37 13.68
CA ILE A 40 -9.89 18.21 13.86
C ILE A 40 -9.49 19.65 14.22
N PRO A 41 -8.62 19.86 15.23
CA PRO A 41 -8.23 21.21 15.61
C PRO A 41 -7.65 21.98 14.42
N LEU A 42 -6.79 21.33 13.62
CA LEU A 42 -6.10 21.92 12.44
C LEU A 42 -7.09 22.19 11.30
N VAL A 43 -8.03 21.27 11.06
CA VAL A 43 -9.17 21.51 10.14
C VAL A 43 -9.91 22.78 10.57
N GLU A 44 -10.16 22.96 11.86
CA GLU A 44 -10.91 24.13 12.38
C GLU A 44 -10.07 25.39 12.20
N PHE A 45 -8.75 25.34 12.40
CA PHE A 45 -7.85 26.48 12.12
C PHE A 45 -7.95 26.83 10.62
N ALA A 46 -7.96 25.82 9.75
CA ALA A 46 -8.09 25.95 8.29
C ALA A 46 -9.36 26.70 7.94
N LYS A 47 -10.48 26.30 8.55
CA LYS A 47 -11.83 26.89 8.30
C LYS A 47 -11.82 28.36 8.72
N VAL A 48 -11.02 28.71 9.73
CA VAL A 48 -10.90 30.12 10.22
C VAL A 48 -10.12 30.94 9.18
N LEU A 49 -9.07 30.38 8.61
CA LEU A 49 -8.17 31.10 7.65
C LEU A 49 -8.95 31.41 6.36
N VAL A 50 -9.75 30.46 5.85
CA VAL A 50 -10.51 30.65 4.58
C VAL A 50 -11.77 31.51 4.79
N SER A 51 -12.39 31.46 5.98
CA SER A 51 -13.56 32.29 6.38
C SER A 51 -13.18 33.76 6.57
N ARG A 52 -12.04 34.07 7.20
CA ARG A 52 -11.73 35.46 7.65
C ARG A 52 -10.86 36.16 6.61
N PHE A 53 -10.15 35.40 5.78
CA PHE A 53 -9.10 35.95 4.88
C PHE A 53 -9.26 35.34 3.48
N HIS A 54 -8.58 35.95 2.51
CA HIS A 54 -8.55 35.53 1.08
C HIS A 54 -7.35 34.58 0.90
N PHE A 55 -7.51 33.32 1.33
CA PHE A 55 -6.51 32.22 1.24
C PHE A 55 -7.23 30.94 0.84
N SER A 56 -6.48 30.03 0.22
CA SER A 56 -6.86 28.60 0.05
C SER A 56 -5.92 27.75 0.92
N VAL A 57 -6.36 26.56 1.30
CA VAL A 57 -5.61 25.67 2.20
C VAL A 57 -5.58 24.30 1.52
N SER A 58 -4.39 23.71 1.41
CA SER A 58 -4.20 22.31 1.01
C SER A 58 -3.71 21.54 2.24
N LEU A 59 -4.49 20.56 2.66
CA LEU A 59 -4.14 19.60 3.73
C LEU A 59 -3.41 18.46 3.06
N LEU A 60 -2.20 18.20 3.51
CA LEU A 60 -1.41 16.99 3.13
C LEU A 60 -1.45 16.11 4.35
N LEU A 61 -2.07 14.93 4.24
CA LEU A 61 -2.32 14.05 5.40
C LEU A 61 -1.47 12.81 5.29
N PRO A 62 -0.37 12.71 6.05
CA PRO A 62 0.34 11.44 6.22
C PRO A 62 -0.62 10.42 6.83
N THR A 63 -0.44 9.13 6.50
CA THR A 63 -1.36 8.02 6.89
C THR A 63 -0.57 6.74 7.14
N THR A 64 -1.02 5.93 8.11
CA THR A 64 -0.46 4.57 8.42
C THR A 64 -1.39 3.51 7.83
N ALA A 65 -2.63 3.92 7.53
CA ALA A 65 -3.69 3.08 6.92
C ALA A 65 -4.58 3.92 6.00
N GLN A 66 -5.19 3.27 5.01
CA GLN A 66 -6.04 3.93 4.00
C GLN A 66 -7.11 4.74 4.73
N PRO A 67 -7.60 5.84 4.12
CA PRO A 67 -8.60 6.71 4.74
C PRO A 67 -9.71 5.97 5.48
N THR A 68 -10.13 6.47 6.65
CA THR A 68 -11.29 5.97 7.45
C THR A 68 -12.58 6.59 6.89
N LYS A 69 -13.73 5.98 7.21
CA LYS A 69 -15.07 6.57 6.96
C LYS A 69 -15.14 7.95 7.67
N ALA A 70 -14.70 8.01 8.92
CA ALA A 70 -14.64 9.21 9.78
C ALA A 70 -13.85 10.35 9.10
N GLN A 71 -12.65 10.05 8.59
CA GLN A 71 -11.74 11.03 7.94
C GLN A 71 -12.39 11.56 6.65
N THR A 72 -12.88 10.66 5.80
CA THR A 72 -13.43 10.98 4.45
C THR A 72 -14.66 11.88 4.60
N THR A 73 -15.55 11.54 5.54
CA THR A 73 -16.76 12.36 5.88
C THR A 73 -16.33 13.79 6.20
N LEU A 74 -15.46 13.95 7.20
CA LEU A 74 -14.98 15.25 7.73
C LEU A 74 -14.34 16.08 6.61
N LEU A 75 -13.46 15.45 5.84
CA LEU A 75 -12.65 16.12 4.79
C LEU A 75 -13.50 16.50 3.58
N ASN A 76 -14.49 15.68 3.20
CA ASN A 76 -15.33 15.95 2.00
C ASN A 76 -16.38 17.01 2.36
N SER A 77 -16.61 17.22 3.65
CA SER A 77 -17.58 18.19 4.23
C SER A 77 -16.99 19.60 4.36
N LEU A 78 -15.78 19.86 3.85
CA LEU A 78 -15.09 21.17 4.03
C LEU A 78 -15.52 22.09 2.90
N PRO A 79 -15.33 23.43 3.04
CA PRO A 79 -15.52 24.35 1.91
C PRO A 79 -14.59 23.93 0.76
N SER A 80 -14.97 24.25 -0.48
CA SER A 80 -14.19 23.91 -1.69
C SER A 80 -12.82 24.60 -1.61
N SER A 81 -12.73 25.74 -0.91
CA SER A 81 -11.48 26.52 -0.68
C SER A 81 -10.45 25.72 0.14
N VAL A 82 -10.79 24.52 0.63
CA VAL A 82 -9.87 23.64 1.41
C VAL A 82 -9.72 22.31 0.68
N SER A 83 -8.66 22.16 -0.12
CA SER A 83 -8.34 20.90 -0.85
C SER A 83 -7.64 19.95 0.11
N HIS A 84 -7.69 18.67 -0.16
CA HIS A 84 -7.05 17.65 0.70
C HIS A 84 -6.45 16.57 -0.18
N ASN A 85 -5.46 15.88 0.38
CA ASN A 85 -4.59 14.94 -0.34
C ASN A 85 -4.03 13.95 0.69
N PHE A 86 -4.59 12.76 0.77
CA PHE A 86 -3.98 11.66 1.55
C PHE A 86 -2.70 11.25 0.86
N LEU A 87 -1.60 11.18 1.60
CA LEU A 87 -0.26 10.89 1.03
C LEU A 87 -0.12 9.37 0.98
N PRO A 88 0.76 8.84 0.11
CA PRO A 88 1.02 7.42 0.10
C PRO A 88 1.10 6.92 1.54
N THR A 89 0.35 5.86 1.85
CA THR A 89 0.42 5.11 3.14
C THR A 89 1.87 4.71 3.39
N VAL A 90 2.34 4.90 4.63
CA VAL A 90 3.71 4.48 5.03
C VAL A 90 3.69 2.96 5.19
N ASP A 91 4.51 2.25 4.43
CA ASP A 91 4.62 0.76 4.48
C ASP A 91 4.84 0.37 5.95
N PRO A 92 3.91 -0.39 6.60
CA PRO A 92 3.97 -0.63 8.04
C PRO A 92 5.15 -1.49 8.55
N ALA A 93 5.94 -2.06 7.64
CA ALA A 93 7.22 -2.76 7.90
C ALA A 93 8.34 -1.74 8.15
N HIS A 94 8.09 -0.45 7.90
CA HIS A 94 9.12 0.61 8.13
C HIS A 94 9.09 1.09 9.59
N LEU A 95 8.24 0.46 10.40
CA LEU A 95 8.01 0.72 11.85
C LEU A 95 8.72 -0.36 12.71
N PRO A 96 9.49 0.04 13.76
CA PRO A 96 10.42 -0.85 14.48
C PRO A 96 9.88 -2.08 15.20
N VAL A 99 3.76 0.69 21.05
CA VAL A 99 4.49 1.91 21.52
C VAL A 99 3.46 3.03 21.74
N ALA A 100 3.91 4.19 22.23
CA ALA A 100 3.03 5.38 22.47
C ALA A 100 2.63 5.98 21.11
N HIS A 101 1.49 6.68 21.04
CA HIS A 101 1.10 7.54 19.88
C HIS A 101 2.24 8.47 19.47
N GLU A 102 2.94 9.11 20.42
CA GLU A 102 4.10 9.99 20.14
C GLU A 102 5.07 9.28 19.17
N VAL A 103 5.35 7.99 19.36
CA VAL A 103 6.36 7.24 18.54
C VAL A 103 5.76 6.95 17.15
N THR A 104 4.51 6.47 17.12
CA THR A 104 3.74 6.16 15.88
C THR A 104 3.75 7.41 15.00
N ILE A 105 3.32 8.54 15.58
CA ILE A 105 3.08 9.84 14.88
C ILE A 105 4.42 10.34 14.32
N SER A 106 5.46 10.36 15.15
CA SER A 106 6.82 10.84 14.80
C SER A 106 7.35 10.03 13.62
N LEU A 107 7.17 8.72 13.66
CA LEU A 107 7.71 7.80 12.63
C LEU A 107 6.92 7.97 11.32
N THR A 108 5.61 8.18 11.41
CA THR A 108 4.73 8.50 10.25
C THR A 108 5.28 9.74 9.54
N HIS A 109 5.59 10.81 10.28
CA HIS A 109 6.15 12.09 9.75
C HIS A 109 7.48 11.85 9.05
N ALA A 110 8.41 11.13 9.71
CA ALA A 110 9.75 10.83 9.17
C ALA A 110 9.63 10.08 7.83
N HIS A 111 8.86 9.00 7.82
CA HIS A 111 8.77 8.09 6.65
C HIS A 111 7.79 8.69 5.62
N SER A 112 7.23 9.88 5.87
CA SER A 112 6.37 10.60 4.90
C SER A 112 7.09 11.84 4.38
N LEU A 113 8.36 12.05 4.74
CA LEU A 113 9.11 13.31 4.44
C LEU A 113 9.29 13.45 2.92
N SER A 114 9.75 12.38 2.26
CA SER A 114 9.87 12.31 0.77
C SER A 114 8.54 12.71 0.14
N SER A 115 7.43 12.09 0.55
CA SER A 115 6.09 12.33 -0.04
C SER A 115 5.70 13.80 0.12
N ILE A 116 5.90 14.37 1.31
CA ILE A 116 5.51 15.78 1.60
C ILE A 116 6.37 16.72 0.76
N ARG A 117 7.69 16.50 0.73
CA ARG A 117 8.62 17.30 -0.11
C ARG A 117 8.12 17.32 -1.57
N ALA A 118 7.83 16.14 -2.12
CA ALA A 118 7.32 15.96 -3.49
C ALA A 118 6.05 16.79 -3.71
N ALA A 119 5.05 16.68 -2.81
CA ALA A 119 3.77 17.42 -2.90
C ALA A 119 4.02 18.93 -2.79
N LEU A 120 4.87 19.36 -1.85
CA LEU A 120 5.23 20.78 -1.63
C LEU A 120 5.91 21.33 -2.89
N GLY A 121 6.92 20.63 -3.39
CA GLY A 121 7.65 21.00 -4.63
C GLY A 121 6.69 21.31 -5.76
N SER A 122 5.65 20.48 -5.92
CA SER A 122 4.69 20.62 -7.04
C SER A 122 3.67 21.74 -6.75
N LEU A 123 3.15 21.84 -5.54
CA LEU A 123 2.29 22.97 -5.11
C LEU A 123 3.04 24.28 -5.32
N ALA A 124 4.31 24.32 -4.95
CA ALA A 124 5.15 25.54 -4.98
C ALA A 124 5.30 26.03 -6.43
N GLN A 125 5.35 25.13 -7.42
CA GLN A 125 5.54 25.55 -8.84
C GLN A 125 4.18 26.00 -9.40
N GLN A 126 3.06 25.37 -9.01
CA GLN A 126 1.70 25.62 -9.58
C GLN A 126 0.90 26.66 -8.78
N ALA A 127 1.46 27.25 -7.72
CA ALA A 127 0.74 28.19 -6.82
C ALA A 127 1.73 28.93 -5.92
N GLN A 128 1.32 30.05 -5.31
CA GLN A 128 2.16 30.77 -4.31
C GLN A 128 1.82 30.18 -2.92
N VAL A 129 2.74 29.38 -2.39
CA VAL A 129 2.64 28.79 -1.03
C VAL A 129 3.27 29.78 -0.07
N VAL A 130 2.49 30.39 0.81
CA VAL A 130 2.91 31.57 1.62
C VAL A 130 3.31 31.13 3.03
N ALA A 131 2.91 29.93 3.45
CA ALA A 131 3.15 29.40 4.82
C ALA A 131 2.80 27.91 4.92
N LEU A 132 3.59 27.20 5.72
CA LEU A 132 3.31 25.81 6.11
C LEU A 132 2.93 25.79 7.60
N ILE A 133 1.90 25.04 7.97
CA ILE A 133 1.46 24.91 9.39
C ILE A 133 1.47 23.45 9.80
N THR A 134 2.14 23.12 10.89
CA THR A 134 2.14 21.75 11.44
C THR A 134 1.60 21.81 12.87
N ASP A 135 1.48 20.61 13.47
CA ASP A 135 1.16 20.48 14.90
C ASP A 135 2.48 20.11 15.58
N LEU A 136 2.45 19.80 16.88
CA LEU A 136 3.68 19.69 17.70
C LEU A 136 4.56 18.51 17.28
N PHE A 137 4.14 17.66 16.33
CA PHE A 137 4.92 16.46 15.91
C PHE A 137 5.41 16.60 14.47
N GLY A 138 5.17 17.75 13.84
CA GLY A 138 5.53 17.97 12.42
C GLY A 138 6.80 18.78 12.23
N THR A 139 7.64 18.88 13.25
CA THR A 139 8.79 19.81 13.31
C THR A 139 9.89 19.36 12.34
N GLY A 140 9.91 18.08 11.93
CA GLY A 140 10.80 17.60 10.86
C GLY A 140 10.69 18.43 9.58
N LEU A 141 9.55 19.08 9.33
CA LEU A 141 9.28 19.77 8.04
C LEU A 141 9.86 21.19 8.02
N TYR A 142 10.36 21.71 9.15
CA TYR A 142 10.63 23.15 9.32
C TYR A 142 11.84 23.57 8.46
N THR A 143 12.99 22.90 8.62
CA THR A 143 14.21 23.06 7.79
C THR A 143 13.82 22.98 6.30
N VAL A 144 13.12 21.90 5.94
CA VAL A 144 12.66 21.61 4.54
C VAL A 144 11.88 22.79 3.96
N ALA A 145 10.93 23.32 4.73
CA ALA A 145 10.08 24.47 4.31
C ALA A 145 10.94 25.73 4.15
N ARG A 146 11.95 25.95 5.00
CA ARG A 146 12.82 27.16 4.96
C ARG A 146 13.64 27.16 3.64
N ASP A 147 14.30 26.03 3.34
CA ASP A 147 15.07 25.79 2.10
C ASP A 147 14.23 26.21 0.87
N LEU A 148 12.92 25.92 0.86
CA LEU A 148 12.00 26.21 -0.27
C LEU A 148 11.37 27.61 -0.14
N GLY A 149 11.84 28.42 0.82
CA GLY A 149 11.38 29.82 1.06
C GLY A 149 9.94 29.90 1.51
N ILE A 150 9.48 28.92 2.29
CA ILE A 150 8.12 28.86 2.92
C ILE A 150 8.30 28.96 4.43
N PRO A 151 7.72 29.99 5.09
CA PRO A 151 7.84 30.13 6.53
C PRO A 151 7.02 29.07 7.27
N PRO A 152 7.66 28.26 8.15
CA PRO A 152 6.95 27.24 8.91
C PRO A 152 6.40 27.76 10.26
N TYR A 153 5.15 27.40 10.57
CA TYR A 153 4.49 27.75 11.86
C TYR A 153 4.01 26.50 12.57
N LEU A 154 4.11 26.51 13.90
CA LEU A 154 3.53 25.50 14.81
C LEU A 154 2.15 25.99 15.28
N TYR A 155 1.10 25.19 15.09
CA TYR A 155 -0.23 25.43 15.72
C TYR A 155 -0.29 24.52 16.94
N PHE A 156 -0.21 25.13 18.12
CA PHE A 156 -0.16 24.38 19.40
C PHE A 156 -1.58 24.25 19.96
N THR A 157 -2.08 23.04 20.01
CA THR A 157 -3.51 22.70 20.20
C THR A 157 -3.82 22.50 21.68
N SER A 158 -2.87 22.79 22.57
CA SER A 158 -3.04 22.72 24.04
C SER A 158 -2.66 24.06 24.70
N THR A 159 -2.42 24.08 26.00
CA THR A 159 -2.30 25.31 26.83
C THR A 159 -0.92 25.96 26.68
N ALA A 160 -0.85 27.27 26.90
CA ALA A 160 0.41 28.03 27.05
C ALA A 160 1.25 27.37 28.15
N MET A 161 0.64 26.93 29.25
CA MET A 161 1.38 26.23 30.35
C MET A 161 2.06 24.97 29.79
N CYS A 162 1.36 24.23 28.96
CA CYS A 162 1.89 22.97 28.37
C CYS A 162 3.07 23.29 27.43
N LEU A 163 2.95 24.29 26.56
CA LEU A 163 4.05 24.73 25.67
C LEU A 163 5.28 25.12 26.52
N LEU A 164 5.08 25.95 27.54
CA LEU A 164 6.13 26.44 28.47
C LEU A 164 6.82 25.24 29.15
N PHE A 165 6.04 24.26 29.60
CA PHE A 165 6.59 23.03 30.20
C PHE A 165 7.55 22.38 29.20
N LEU A 166 7.17 22.34 27.92
CA LEU A 166 7.92 21.59 26.85
C LEU A 166 9.21 22.35 26.52
N PHE A 167 9.16 23.67 26.37
CA PHE A 167 10.38 24.51 26.19
C PHE A 167 11.34 24.30 27.38
N HIS A 168 10.82 24.04 28.59
CA HIS A 168 11.63 23.83 29.81
C HIS A 168 12.11 22.39 29.96
N LEU A 169 11.57 21.44 29.22
CA LEU A 169 11.81 19.98 29.47
C LEU A 169 13.28 19.62 29.22
N PRO A 170 13.96 20.15 28.19
CA PRO A 170 15.40 19.86 28.02
C PRO A 170 16.24 20.27 29.23
N LYS A 171 16.06 21.50 29.74
CA LYS A 171 16.74 21.99 30.97
C LYS A 171 16.41 21.02 32.11
N LEU A 172 15.12 20.72 32.28
CA LEU A 172 14.62 19.84 33.37
C LEU A 172 15.24 18.44 33.24
N ASP A 173 15.46 17.94 32.03
CA ASP A 173 16.08 16.63 31.77
C ASP A 173 17.51 16.61 32.30
N GLU A 174 18.24 17.71 32.19
CA GLU A 174 19.65 17.78 32.68
C GLU A 174 19.65 17.98 34.21
N THR A 175 18.77 18.81 34.75
CA THR A 175 18.68 19.16 36.20
C THR A 175 18.26 17.96 37.06
N VAL A 176 17.17 17.29 36.69
CA VAL A 176 16.54 16.20 37.48
C VAL A 176 16.89 14.87 36.82
N SER A 177 17.44 13.93 37.58
CA SER A 177 17.98 12.64 37.07
C SER A 177 17.05 11.50 37.48
N CYS A 178 16.16 11.71 38.45
CA CYS A 178 15.18 10.67 38.88
C CYS A 178 13.98 10.69 37.92
N GLU A 179 13.20 9.60 37.91
CA GLU A 179 11.85 9.60 37.28
C GLU A 179 11.04 10.72 37.93
N TYR A 180 10.33 11.52 37.14
CA TYR A 180 9.77 12.82 37.60
C TYR A 180 8.74 12.61 38.72
N ARG A 181 8.06 11.47 38.76
CA ARG A 181 7.10 11.14 39.86
C ARG A 181 7.82 10.92 41.19
N ASP A 182 9.14 10.72 41.20
CA ASP A 182 9.95 10.57 42.45
C ASP A 182 10.59 11.89 42.86
N MET A 183 10.27 12.98 42.18
CA MET A 183 10.76 14.30 42.65
C MET A 183 9.69 14.81 43.59
N PRO A 184 9.92 14.85 44.92
CA PRO A 184 8.86 15.22 45.86
C PRO A 184 8.49 16.71 45.74
N GLU A 185 9.40 17.52 45.22
CA GLU A 185 9.21 18.97 45.04
C GLU A 185 8.46 19.20 43.74
N PRO A 186 7.49 20.14 43.71
CA PRO A 186 6.82 20.50 42.46
C PRO A 186 7.68 21.38 41.56
N LEU A 187 7.47 21.30 40.25
CA LEU A 187 8.03 22.25 39.27
C LEU A 187 7.22 23.54 39.37
N VAL A 188 7.86 24.70 39.45
CA VAL A 188 7.08 25.98 39.51
C VAL A 188 7.56 26.89 38.40
N LEU A 189 7.00 26.72 37.21
CA LEU A 189 7.31 27.54 36.01
C LEU A 189 6.83 28.96 36.27
N PRO A 190 7.61 29.98 35.89
CA PRO A 190 7.17 31.38 36.04
C PRO A 190 5.75 31.65 35.53
N GLY A 191 4.86 32.13 36.40
CA GLY A 191 3.50 32.54 36.01
C GLY A 191 2.48 31.42 36.14
N CYS A 192 2.91 30.23 36.56
CA CYS A 192 2.10 28.98 36.50
C CYS A 192 1.84 28.41 37.89
N VAL A 193 0.79 27.61 38.01
CA VAL A 193 0.54 26.78 39.23
C VAL A 193 1.67 25.77 39.39
N PRO A 194 2.04 25.45 40.65
CA PRO A 194 2.97 24.37 40.93
C PRO A 194 2.44 23.08 40.28
N LEU A 195 3.35 22.25 39.77
CA LEU A 195 3.04 21.01 39.06
C LEU A 195 3.95 19.87 39.56
N HIS A 196 3.36 18.89 40.23
CA HIS A 196 4.04 17.67 40.71
C HIS A 196 4.34 16.78 39.51
N GLY A 197 5.45 16.05 39.56
CA GLY A 197 5.96 15.19 38.49
C GLY A 197 4.95 14.14 38.05
N LYS A 198 4.12 13.61 38.94
CA LYS A 198 3.09 12.60 38.57
C LYS A 198 2.09 13.24 37.58
N ASP A 199 1.98 14.56 37.54
CA ASP A 199 1.01 15.30 36.67
C ASP A 199 1.70 15.79 35.37
N PHE A 200 2.98 15.51 35.17
CA PHE A 200 3.70 15.83 33.90
C PHE A 200 3.08 15.02 32.74
N VAL A 201 3.26 15.50 31.51
CA VAL A 201 2.73 14.86 30.28
C VAL A 201 3.11 13.37 30.23
N ASP A 202 2.19 12.54 29.72
CA ASP A 202 2.29 11.05 29.63
C ASP A 202 3.67 10.57 29.17
N PRO A 203 4.21 11.03 28.01
CA PRO A 203 5.50 10.55 27.52
C PRO A 203 6.70 10.80 28.47
N ALA A 204 6.57 11.76 29.41
CA ALA A 204 7.63 12.12 30.38
C ALA A 204 7.55 11.25 31.66
N GLN A 205 6.61 10.31 31.73
CA GLN A 205 6.40 9.45 32.94
C GLN A 205 7.17 8.12 32.81
N ASP A 206 7.93 7.91 31.72
CA ASP A 206 8.90 6.82 31.53
C ASP A 206 10.08 7.33 30.68
N ARG A 207 11.20 7.68 31.33
CA ARG A 207 12.35 8.33 30.64
C ARG A 207 13.17 7.29 29.87
N GLN A 208 12.86 6.00 30.03
CA GLN A 208 13.54 4.87 29.33
C GLN A 208 12.82 4.54 28.01
N ASP A 209 11.53 4.88 27.91
CA ASP A 209 10.70 4.68 26.68
C ASP A 209 11.19 5.61 25.56
N GLN A 210 10.99 5.19 24.31
CA GLN A 210 11.36 5.96 23.10
C GLN A 210 10.51 7.24 23.04
N ALA A 211 9.26 7.17 23.53
CA ALA A 211 8.30 8.29 23.59
C ALA A 211 8.98 9.54 24.17
N TYR A 212 9.75 9.39 25.24
CA TYR A 212 10.43 10.51 25.94
C TYR A 212 11.49 11.12 25.01
N HIS A 213 12.32 10.25 24.38
CA HIS A 213 13.43 10.70 23.49
C HIS A 213 12.85 11.44 22.27
N VAL A 214 11.76 10.92 21.69
CA VAL A 214 11.11 11.54 20.51
C VAL A 214 10.53 12.91 20.91
N LEU A 215 9.84 13.00 22.05
CA LEU A 215 9.25 14.27 22.54
C LEU A 215 10.35 15.32 22.68
N LEU A 216 11.50 14.95 23.24
CA LEU A 216 12.67 15.86 23.39
C LEU A 216 13.18 16.32 22.02
N ASP A 217 13.28 15.40 21.05
CA ASP A 217 13.80 15.73 19.69
C ASP A 217 12.90 16.79 19.04
N HIS A 218 11.59 16.68 19.20
CA HIS A 218 10.61 17.62 18.58
C HIS A 218 10.76 18.98 19.25
N VAL A 219 10.76 18.99 20.58
CA VAL A 219 10.78 20.23 21.41
C VAL A 219 12.02 21.04 21.07
N LYS A 220 13.17 20.38 20.87
CA LYS A 220 14.45 21.02 20.49
C LYS A 220 14.35 21.70 19.10
N ARG A 221 13.34 21.37 18.30
CA ARG A 221 13.12 21.99 16.97
C ARG A 221 12.05 23.09 17.02
N TYR A 222 11.37 23.33 18.15
CA TYR A 222 10.30 24.37 18.21
C TYR A 222 10.91 25.72 17.85
N VAL A 223 12.19 25.90 18.20
CA VAL A 223 13.01 27.11 17.91
C VAL A 223 13.02 27.44 16.41
N LEU A 224 12.84 26.45 15.53
CA LEU A 224 12.94 26.63 14.05
C LEU A 224 11.69 27.28 13.46
N ALA A 225 10.61 27.43 14.22
CA ALA A 225 9.33 27.94 13.67
C ALA A 225 9.40 29.47 13.53
N GLU A 226 8.87 30.03 12.44
CA GLU A 226 8.69 31.50 12.27
C GLU A 226 7.78 32.00 13.40
N GLY A 227 6.82 31.19 13.82
CA GLY A 227 5.83 31.54 14.85
C GLY A 227 5.16 30.33 15.45
N ILE A 228 4.62 30.48 16.67
CA ILE A 228 3.80 29.44 17.34
C ILE A 228 2.45 30.05 17.69
N PHE A 229 1.41 29.62 17.01
CA PHE A 229 0.00 29.85 17.40
C PHE A 229 -0.28 28.97 18.61
N VAL A 230 -1.04 29.48 19.57
CA VAL A 230 -1.54 28.69 20.72
C VAL A 230 -3.06 28.87 20.78
N ASN A 231 -3.81 27.77 20.86
CA ASN A 231 -5.28 27.83 21.03
C ASN A 231 -5.57 28.16 22.49
N THR A 232 -5.32 29.42 22.89
CA THR A 232 -5.60 29.98 24.23
C THR A 232 -5.72 31.52 24.10
N PHE A 233 -5.80 32.24 25.20
CA PHE A 233 -5.90 33.73 25.18
C PHE A 233 -5.33 34.29 26.48
N VAL A 234 -4.97 35.57 26.41
CA VAL A 234 -4.14 36.22 27.46
C VAL A 234 -4.87 36.11 28.81
N ASP A 235 -6.15 36.44 28.85
CA ASP A 235 -6.96 36.48 30.11
C ASP A 235 -6.90 35.10 30.79
N LEU A 236 -6.76 34.02 30.02
CA LEU A 236 -6.88 32.63 30.53
C LEU A 236 -5.54 32.17 31.14
N GLU A 237 -4.41 32.59 30.60
CA GLU A 237 -3.05 32.09 30.98
C GLU A 237 -2.04 33.23 30.89
N PRO A 238 -2.22 34.30 31.67
CA PRO A 238 -1.41 35.50 31.47
C PRO A 238 0.04 35.24 31.93
N GLY A 239 0.22 34.40 32.96
CA GLY A 239 1.55 34.11 33.51
C GLY A 239 2.41 33.42 32.48
N ALA A 240 1.90 32.30 31.96
CA ALA A 240 2.58 31.43 30.98
C ALA A 240 2.83 32.21 29.68
N ILE A 241 1.87 33.03 29.25
CA ILE A 241 2.04 33.80 27.98
C ILE A 241 3.12 34.86 28.16
N LYS A 242 3.12 35.57 29.30
CA LYS A 242 4.16 36.57 29.61
C LYS A 242 5.51 35.87 29.55
N THR A 243 5.65 34.74 30.24
CA THR A 243 6.92 33.99 30.26
C THR A 243 7.34 33.60 28.85
N LEU A 244 6.43 33.04 28.04
CA LEU A 244 6.80 32.49 26.70
C LEU A 244 7.33 33.63 25.85
N GLN A 245 6.73 34.82 26.00
CA GLN A 245 6.98 36.00 25.13
C GLN A 245 8.14 36.89 25.63
N THR A 246 8.83 36.56 26.74
CA THR A 246 9.80 37.50 27.38
C THR A 246 11.03 36.78 27.95
N GLU A 247 10.85 35.74 28.77
CA GLU A 247 11.93 34.89 29.39
C GLU A 247 13.06 34.52 28.41
N ASP A 248 12.79 34.30 27.10
CA ASP A 248 13.88 33.82 26.19
C ASP A 248 13.73 34.38 24.78
N PRO A 249 14.81 34.94 24.19
CA PRO A 249 14.80 35.37 22.79
C PRO A 249 15.02 34.20 21.83
N ASN A 250 15.60 33.12 22.34
CA ASN A 250 15.69 31.78 21.68
C ASN A 250 14.32 31.31 21.16
N VAL A 251 13.29 31.47 22.01
CA VAL A 251 11.89 31.05 21.73
C VAL A 251 11.30 31.95 20.63
N PRO A 252 10.61 31.36 19.62
CA PRO A 252 9.98 32.13 18.56
C PRO A 252 8.85 33.03 19.04
N PRO A 253 8.34 33.94 18.18
CA PRO A 253 7.11 34.68 18.51
C PRO A 253 6.03 33.68 18.94
N VAL A 254 5.22 34.04 19.94
CA VAL A 254 4.06 33.22 20.41
C VAL A 254 2.79 34.05 20.26
N TYR A 255 1.80 33.55 19.52
CA TYR A 255 0.54 34.28 19.24
C TYR A 255 -0.66 33.53 19.83
N PRO A 256 -1.20 33.96 21.00
CA PRO A 256 -2.48 33.43 21.47
C PRO A 256 -3.58 33.92 20.53
N VAL A 257 -4.31 33.03 19.86
CA VAL A 257 -5.34 33.38 18.83
C VAL A 257 -6.64 32.60 19.10
N GLY A 258 -6.78 32.06 20.31
CA GLY A 258 -7.94 31.25 20.74
C GLY A 258 -9.04 32.08 21.40
N PRO A 259 -10.19 31.47 21.77
CA PRO A 259 -10.46 30.05 21.49
C PRO A 259 -10.99 29.79 20.08
N ILE A 260 -10.46 28.75 19.45
CA ILE A 260 -10.97 28.20 18.18
C ILE A 260 -11.53 26.83 18.57
N ILE A 261 -12.84 26.69 18.36
CA ILE A 261 -13.64 25.46 18.65
C ILE A 261 -14.62 25.31 17.48
N GLN A 262 -15.11 24.11 17.20
CA GLN A 262 -16.12 23.88 16.13
C GLN A 262 -17.43 24.58 16.52
N SER A 263 -18.18 25.02 15.50
CA SER A 263 -19.51 25.67 15.58
C SER A 263 -20.51 24.68 16.17
N GLY A 264 -20.27 23.37 15.94
CA GLY A 264 -21.16 22.25 16.32
C GLY A 264 -22.58 22.39 15.78
N LEU A 265 -22.75 22.41 14.45
CA LEU A 265 -24.07 22.54 13.76
C LEU A 265 -24.21 21.45 12.69
N ASP A 266 -24.59 20.22 13.07
CA ASP A 266 -24.56 19.04 12.15
C ASP A 266 -25.47 17.91 12.64
N ASP A 267 -25.33 16.72 12.02
CA ASP A 267 -26.18 15.51 12.20
C ASP A 267 -26.23 15.15 13.69
N ASP A 268 -27.41 14.74 14.18
CA ASP A 268 -27.68 14.36 15.60
C ASP A 268 -27.21 15.50 16.53
N SER A 272 -30.80 11.90 17.55
CA SER A 272 -30.37 12.40 18.88
C SER A 272 -31.57 13.04 19.63
N ASP A 273 -31.92 12.45 20.77
CA ASP A 273 -33.04 12.86 21.64
C ASP A 273 -32.53 13.88 22.70
N CYS A 274 -31.26 14.30 22.62
CA CYS A 274 -30.51 15.01 23.67
C CYS A 274 -31.15 16.36 23.97
N LEU A 275 -31.28 17.20 22.94
CA LEU A 275 -31.79 18.59 23.06
C LEU A 275 -33.26 18.56 23.51
N LYS A 276 -34.02 17.57 23.06
CA LYS A 276 -35.44 17.42 23.47
C LYS A 276 -35.46 17.16 24.99
N TRP A 277 -34.61 16.24 25.40
CA TRP A 277 -34.47 15.86 26.82
C TRP A 277 -34.06 17.07 27.64
N LEU A 278 -33.10 17.82 27.15
CA LEU A 278 -32.54 18.95 27.93
C LEU A 278 -33.61 20.06 28.05
N ASP A 279 -34.50 20.22 27.06
CA ASP A 279 -35.53 21.29 27.07
C ASP A 279 -36.48 21.05 28.25
N ARG A 280 -36.51 19.85 28.79
CA ARG A 280 -37.46 19.51 29.88
C ARG A 280 -36.80 19.64 31.25
N GLN A 281 -35.56 20.09 31.32
CA GLN A 281 -34.85 20.20 32.62
C GLN A 281 -34.73 21.66 33.07
N PRO A 282 -34.70 21.88 34.40
CA PRO A 282 -34.50 23.20 34.96
C PRO A 282 -33.12 23.77 34.65
N SER A 283 -33.09 25.09 34.58
CA SER A 283 -31.89 25.90 34.34
C SER A 283 -30.72 25.44 35.27
N GLY A 284 -29.55 25.19 34.67
CA GLY A 284 -28.27 24.84 35.30
C GLY A 284 -28.31 23.55 36.14
N SER A 285 -29.21 22.61 35.89
CA SER A 285 -29.50 21.45 36.77
C SER A 285 -28.82 20.16 36.24
N VAL A 286 -28.23 20.18 35.06
CA VAL A 286 -27.78 18.97 34.37
C VAL A 286 -26.25 18.95 34.33
N LEU A 287 -25.69 17.82 34.82
CA LEU A 287 -24.26 17.47 34.70
C LEU A 287 -24.08 16.71 33.39
N PHE A 288 -23.31 17.28 32.46
CA PHE A 288 -22.95 16.57 31.23
C PHE A 288 -21.75 15.67 31.58
N VAL A 289 -21.80 14.39 31.21
CA VAL A 289 -20.71 13.43 31.53
C VAL A 289 -20.21 12.80 30.25
N SER A 290 -18.98 13.12 29.86
CA SER A 290 -18.38 12.66 28.58
C SER A 290 -16.86 12.61 28.67
N PHE A 291 -16.30 11.48 28.33
CA PHE A 291 -14.83 11.26 28.14
C PHE A 291 -14.60 11.26 26.61
N GLY A 292 -13.38 11.22 26.11
CA GLY A 292 -13.22 11.40 24.65
C GLY A 292 -13.81 10.25 23.85
N SER A 293 -13.35 10.03 22.62
CA SER A 293 -13.36 8.68 21.99
C SER A 293 -12.20 7.88 22.58
N GLY A 294 -11.08 8.56 22.87
CA GLY A 294 -9.82 7.95 23.33
C GLY A 294 -9.84 7.56 24.80
N GLY A 295 -10.75 8.17 25.57
CA GLY A 295 -10.88 7.94 27.02
C GLY A 295 -11.64 6.66 27.32
N THR A 296 -10.96 5.62 27.80
CA THR A 296 -11.52 4.26 27.97
C THR A 296 -11.60 3.97 29.49
N LEU A 297 -12.81 3.77 30.02
CA LEU A 297 -13.01 3.36 31.44
C LEU A 297 -13.36 1.88 31.48
N SER A 298 -12.82 1.16 32.48
CA SER A 298 -13.19 -0.25 32.80
C SER A 298 -14.69 -0.37 33.11
N ASN A 299 -15.26 -1.55 32.88
CA ASN A 299 -16.66 -1.88 33.28
C ASN A 299 -16.82 -1.52 34.76
N GLU A 300 -15.80 -1.78 35.56
CA GLU A 300 -15.80 -1.57 37.02
C GLU A 300 -16.00 -0.09 37.25
N GLN A 301 -15.21 0.75 36.59
CA GLN A 301 -15.23 2.21 36.86
C GLN A 301 -16.56 2.84 36.36
N LEU A 302 -17.10 2.33 35.26
CA LEU A 302 -18.40 2.78 34.69
C LEU A 302 -19.49 2.50 35.72
N ASN A 303 -19.53 1.29 36.25
CA ASN A 303 -20.57 0.89 37.23
C ASN A 303 -20.47 1.74 38.51
N GLU A 304 -19.29 2.12 38.96
CA GLU A 304 -19.11 3.00 40.14
C GLU A 304 -19.65 4.39 39.77
N LEU A 305 -19.38 4.81 38.53
CA LEU A 305 -19.83 6.14 38.05
C LEU A 305 -21.36 6.17 37.99
N ALA A 306 -22.00 5.09 37.57
CA ALA A 306 -23.47 4.94 37.48
C ALA A 306 -24.08 5.11 38.88
N ILE A 307 -23.72 4.26 39.83
CA ILE A 307 -24.22 4.32 41.23
C ILE A 307 -23.94 5.72 41.78
N GLY A 308 -22.81 6.28 41.46
CA GLY A 308 -22.39 7.63 41.93
C GLY A 308 -23.29 8.74 41.41
N LEU A 309 -23.65 8.68 40.14
CA LEU A 309 -24.60 9.65 39.55
C LEU A 309 -25.98 9.42 40.20
N GLU A 310 -26.43 8.17 40.28
CA GLU A 310 -27.78 7.82 40.82
C GLU A 310 -27.99 8.30 42.28
N ILE A 311 -26.94 8.29 43.12
CA ILE A 311 -27.10 8.67 44.56
C ILE A 311 -26.82 10.17 44.76
N SER A 312 -26.21 10.84 43.79
CA SER A 312 -25.98 12.31 43.81
C SER A 312 -27.33 13.06 43.89
N GLY A 313 -28.37 12.48 43.34
CA GLY A 313 -29.73 13.03 43.26
C GLY A 313 -29.86 14.05 42.12
N HIS A 314 -28.76 14.38 41.48
CA HIS A 314 -28.69 15.33 40.37
C HIS A 314 -29.04 14.67 39.04
N ARG A 315 -29.42 15.55 38.11
CA ARG A 315 -29.83 15.24 36.73
C ARG A 315 -28.57 15.16 35.90
N PHE A 316 -28.57 14.32 34.90
CA PHE A 316 -27.31 14.11 34.16
C PHE A 316 -27.58 13.58 32.77
N LEU A 317 -26.69 13.94 31.86
CA LEU A 317 -26.65 13.42 30.49
C LEU A 317 -25.29 12.75 30.35
N TRP A 318 -25.28 11.44 30.21
CA TRP A 318 -24.03 10.63 30.29
C TRP A 318 -23.81 9.93 28.95
N VAL A 319 -22.77 10.33 28.24
CA VAL A 319 -22.36 9.62 26.99
C VAL A 319 -21.60 8.37 27.42
N VAL A 320 -22.26 7.22 27.32
CA VAL A 320 -21.76 5.90 27.81
C VAL A 320 -21.06 5.17 26.67
N ARG A 321 -19.77 4.97 26.76
CA ARG A 321 -19.06 4.11 25.76
C ARG A 321 -18.76 2.74 26.39
N SER A 322 -19.14 1.65 25.73
CA SER A 322 -18.79 0.27 26.14
C SER A 322 -17.39 0.24 26.75
N PRO A 323 -17.16 -0.54 27.82
CA PRO A 323 -15.83 -0.69 28.40
C PRO A 323 -14.79 -1.34 27.46
N PRO A 341 -27.41 -2.41 24.59
CA PRO A 341 -26.52 -1.21 24.47
C PRO A 341 -25.94 -0.73 25.81
N PHE A 342 -26.70 -0.93 26.92
CA PHE A 342 -26.41 -0.60 28.34
C PHE A 342 -26.61 -1.82 29.27
N GLY A 343 -26.46 -3.04 28.73
CA GLY A 343 -26.64 -4.34 29.40
C GLY A 343 -25.56 -4.62 30.45
N PHE A 344 -24.42 -3.92 30.36
CA PHE A 344 -23.30 -4.06 31.32
C PHE A 344 -23.45 -3.15 32.53
N LEU A 345 -24.51 -2.34 32.56
CA LEU A 345 -24.67 -1.33 33.65
C LEU A 345 -25.37 -2.00 34.84
N PRO A 346 -25.26 -1.42 36.05
CA PRO A 346 -25.83 -2.03 37.23
C PRO A 346 -27.31 -2.35 37.05
N THR A 347 -27.68 -3.47 37.65
CA THR A 347 -29.04 -4.02 37.81
C THR A 347 -30.01 -2.93 38.31
N GLY A 348 -31.05 -2.71 37.52
CA GLY A 348 -32.12 -1.75 37.80
C GLY A 348 -31.79 -0.31 37.46
N PHE A 349 -30.51 0.08 37.31
CA PHE A 349 -30.05 1.49 37.24
C PHE A 349 -30.77 2.23 36.10
N VAL A 350 -30.69 1.74 34.87
CA VAL A 350 -31.35 2.37 33.68
C VAL A 350 -32.80 2.75 34.03
N ASP A 351 -33.49 1.94 34.80
CA ASP A 351 -34.93 2.15 35.11
C ASP A 351 -35.06 3.16 36.24
N ARG A 352 -34.22 3.05 37.26
CA ARG A 352 -34.24 3.88 38.49
C ARG A 352 -33.94 5.34 38.16
N ILE A 353 -33.22 5.65 37.07
CA ILE A 353 -32.78 7.04 36.76
C ILE A 353 -33.49 7.62 35.52
N LYS A 354 -34.65 7.11 35.11
CA LYS A 354 -35.39 7.60 33.91
C LYS A 354 -36.05 8.95 34.27
N ASP A 355 -36.57 9.14 35.48
CA ASP A 355 -36.97 10.48 36.03
C ASP A 355 -35.97 11.60 35.63
N ARG A 356 -34.65 11.40 35.75
CA ARG A 356 -33.68 12.49 36.05
C ARG A 356 -32.36 12.34 35.29
N GLY A 357 -32.14 11.25 34.57
CA GLY A 357 -30.90 11.11 33.78
C GLY A 357 -31.19 10.50 32.43
N LEU A 358 -30.38 10.85 31.45
CA LEU A 358 -30.45 10.36 30.06
C LEU A 358 -29.10 9.73 29.70
N LEU A 359 -29.13 8.51 29.18
CA LEU A 359 -27.93 7.75 28.77
C LEU A 359 -27.86 7.74 27.25
N VAL A 360 -26.81 8.27 26.68
CA VAL A 360 -26.55 8.31 25.21
C VAL A 360 -25.48 7.28 24.87
N PRO A 361 -25.68 6.37 23.93
CA PRO A 361 -24.58 5.54 23.45
C PRO A 361 -23.59 6.36 22.60
N SER A 362 -22.28 6.14 22.74
CA SER A 362 -21.24 6.48 21.72
C SER A 362 -20.98 7.99 21.62
N TRP A 363 -21.99 8.83 21.29
CA TRP A 363 -21.73 10.22 20.80
C TRP A 363 -22.88 11.17 21.16
N ALA A 364 -22.57 12.45 21.36
CA ALA A 364 -23.57 13.52 21.60
C ALA A 364 -23.11 14.85 21.02
N PRO A 365 -24.05 15.76 20.69
CA PRO A 365 -23.66 17.06 20.14
C PRO A 365 -23.11 17.94 21.27
N GLN A 366 -21.81 17.80 21.55
CA GLN A 366 -21.16 18.43 22.74
C GLN A 366 -21.46 19.94 22.77
N ILE A 367 -21.22 20.70 21.70
CA ILE A 367 -21.36 22.18 21.78
C ILE A 367 -22.84 22.50 22.07
N LYS A 368 -23.78 21.77 21.49
CA LYS A 368 -25.22 22.01 21.68
C LYS A 368 -25.59 21.70 23.15
N VAL A 369 -25.04 20.61 23.71
CA VAL A 369 -25.27 20.26 25.15
C VAL A 369 -24.72 21.34 26.08
N LEU A 370 -23.49 21.77 25.85
CA LEU A 370 -22.77 22.72 26.74
C LEU A 370 -23.39 24.11 26.65
N SER A 371 -24.00 24.46 25.50
CA SER A 371 -24.56 25.82 25.24
C SER A 371 -26.04 25.84 25.61
N HIS A 372 -26.62 24.71 26.00
CA HIS A 372 -27.99 24.62 26.52
C HIS A 372 -28.08 25.22 27.93
N GLY A 373 -29.17 25.92 28.24
CA GLY A 373 -29.41 26.60 29.53
C GLY A 373 -29.61 25.61 30.68
N SER A 374 -30.00 24.37 30.38
CA SER A 374 -30.13 23.28 31.38
C SER A 374 -28.77 22.87 31.97
N THR A 375 -27.69 23.02 31.21
CA THR A 375 -26.38 22.38 31.49
C THR A 375 -25.59 23.23 32.49
N GLY A 376 -25.39 22.70 33.70
CA GLY A 376 -24.79 23.42 34.85
C GLY A 376 -23.40 22.93 35.18
N GLY A 377 -22.97 21.78 34.67
CA GLY A 377 -21.62 21.26 34.94
C GLY A 377 -21.23 20.25 33.90
N PHE A 378 -19.94 20.00 33.82
CA PHE A 378 -19.32 19.10 32.82
C PHE A 378 -18.25 18.22 33.50
N LEU A 379 -18.51 16.92 33.55
CA LEU A 379 -17.56 15.90 34.02
C LEU A 379 -16.80 15.42 32.79
N THR A 380 -15.53 15.82 32.65
CA THR A 380 -14.69 15.69 31.43
C THR A 380 -13.30 15.13 31.75
N HIS A 381 -12.63 14.56 30.75
CA HIS A 381 -11.22 14.11 30.77
C HIS A 381 -10.22 15.28 30.61
N CYS A 382 -10.68 16.53 30.37
CA CYS A 382 -9.84 17.75 30.27
C CYS A 382 -8.98 17.82 29.00
N GLY A 383 -9.26 17.06 27.97
CA GLY A 383 -8.74 17.45 26.66
C GLY A 383 -9.08 18.91 26.41
N TRP A 384 -8.20 19.58 25.70
CA TRP A 384 -8.19 21.04 25.66
C TRP A 384 -9.35 21.57 24.81
N ASN A 385 -9.76 20.86 23.76
CA ASN A 385 -10.88 21.31 22.90
C ASN A 385 -12.18 21.20 23.72
N SER A 386 -12.36 20.10 24.45
CA SER A 386 -13.52 19.93 25.37
C SER A 386 -13.51 21.05 26.42
N THR A 387 -12.36 21.34 27.01
CA THR A 387 -12.23 22.40 28.04
C THR A 387 -12.59 23.76 27.45
N LEU A 388 -12.10 24.09 26.27
CA LEU A 388 -12.34 25.40 25.62
C LEU A 388 -13.84 25.55 25.31
N GLU A 389 -14.48 24.49 24.83
CA GLU A 389 -15.94 24.50 24.57
C GLU A 389 -16.65 24.89 25.87
N SER A 390 -16.25 24.28 26.98
CA SER A 390 -16.83 24.48 28.32
C SER A 390 -16.54 25.91 28.81
N ILE A 391 -15.35 26.43 28.54
CA ILE A 391 -14.98 27.84 28.91
C ILE A 391 -15.86 28.83 28.14
N VAL A 392 -16.03 28.67 26.83
CA VAL A 392 -16.77 29.73 26.07
C VAL A 392 -18.27 29.62 26.40
N ASN A 393 -18.76 28.55 27.00
CA ASN A 393 -20.19 28.46 27.43
C ASN A 393 -20.34 28.61 28.95
N GLY A 394 -19.29 28.98 29.66
CA GLY A 394 -19.36 29.21 31.12
C GLY A 394 -19.79 28.01 31.95
N VAL A 395 -19.49 26.78 31.55
CA VAL A 395 -19.89 25.54 32.28
C VAL A 395 -18.72 25.07 33.16
N PRO A 396 -18.84 25.12 34.50
CA PRO A 396 -17.80 24.65 35.41
C PRO A 396 -17.57 23.14 35.35
N LEU A 397 -16.44 22.65 35.82
CA LEU A 397 -16.05 21.24 35.52
C LEU A 397 -15.87 20.39 36.78
N ILE A 398 -15.97 19.09 36.59
CA ILE A 398 -15.31 18.05 37.40
C ILE A 398 -14.28 17.44 36.47
N VAL A 399 -13.00 17.55 36.80
CA VAL A 399 -11.90 17.04 35.94
C VAL A 399 -11.52 15.62 36.38
N TRP A 400 -11.43 14.75 35.40
CA TRP A 400 -11.03 13.33 35.53
C TRP A 400 -10.04 13.02 34.40
N PRO A 401 -8.78 13.49 34.51
CA PRO A 401 -7.80 13.35 33.45
C PRO A 401 -7.41 11.89 33.25
N LEU A 402 -7.07 11.52 32.01
CA LEU A 402 -6.87 10.11 31.58
C LEU A 402 -5.52 9.91 30.88
N TYR A 403 -5.09 10.83 30.02
CA TYR A 403 -3.90 10.61 29.14
C TYR A 403 -3.42 11.94 28.56
N ALA A 404 -2.33 11.88 27.78
CA ALA A 404 -1.68 13.04 27.14
C ALA A 404 -1.30 14.08 28.21
N GLU A 405 -1.67 15.35 28.01
CA GLU A 405 -1.33 16.45 28.95
C GLU A 405 -2.58 16.77 29.83
N GLN A 406 -3.53 15.85 29.95
CA GLN A 406 -4.78 16.07 30.72
C GLN A 406 -4.51 16.27 32.22
N ARG A 407 -3.57 15.56 32.83
CA ARG A 407 -3.32 15.67 34.30
C ARG A 407 -2.86 17.11 34.60
N MET A 408 -2.07 17.66 33.71
CA MET A 408 -1.55 19.04 33.83
C MET A 408 -2.72 20.00 33.64
N ASN A 409 -3.57 19.76 32.64
CA ASN A 409 -4.78 20.61 32.38
C ASN A 409 -5.67 20.60 33.64
N ALA A 410 -5.81 19.43 34.28
CA ALA A 410 -6.65 19.24 35.48
C ALA A 410 -6.13 20.12 36.62
N VAL A 411 -4.81 20.08 36.85
CA VAL A 411 -4.16 20.88 37.93
C VAL A 411 -4.38 22.37 37.63
N MET A 412 -4.20 22.77 36.39
CA MET A 412 -4.36 24.18 35.98
C MET A 412 -5.80 24.64 36.25
N LEU A 413 -6.78 23.84 35.88
CA LEU A 413 -8.21 24.21 35.95
C LEU A 413 -8.68 24.17 37.41
N ASN A 414 -8.21 23.20 38.20
CA ASN A 414 -8.61 22.98 39.63
C ASN A 414 -7.87 23.95 40.56
N GLN A 415 -6.55 24.02 40.48
CA GLN A 415 -5.68 24.78 41.43
C GLN A 415 -5.37 26.19 40.93
N GLY A 416 -5.32 26.41 39.61
CA GLY A 416 -4.95 27.70 39.02
C GLY A 416 -6.15 28.60 38.83
N LEU A 417 -7.06 28.22 37.94
CA LEU A 417 -8.25 29.02 37.57
C LEU A 417 -9.41 28.78 38.56
N LYS A 418 -9.39 27.64 39.26
CA LYS A 418 -10.40 27.29 40.28
C LYS A 418 -11.78 27.27 39.63
N VAL A 419 -11.89 26.68 38.42
CA VAL A 419 -13.14 26.52 37.62
C VAL A 419 -13.52 25.03 37.59
N ALA A 420 -12.76 24.17 38.27
CA ALA A 420 -12.99 22.72 38.32
C ALA A 420 -12.87 22.21 39.74
N LEU A 421 -13.64 21.15 40.04
CA LEU A 421 -13.45 20.28 41.22
C LEU A 421 -12.83 18.97 40.75
N ARG A 422 -12.51 18.08 41.67
CA ARG A 422 -11.66 16.91 41.37
C ARG A 422 -11.96 15.83 42.40
N PRO A 423 -12.43 14.64 41.97
CA PRO A 423 -12.63 13.54 42.91
C PRO A 423 -11.27 12.94 43.32
N ASN A 424 -11.19 12.32 44.50
CA ASN A 424 -10.01 11.54 44.96
C ASN A 424 -10.23 10.08 44.60
N ALA A 425 -9.29 9.49 43.86
CA ALA A 425 -9.27 8.03 43.61
C ALA A 425 -8.85 7.34 44.91
N SER A 426 -9.33 6.12 45.17
CA SER A 426 -8.76 5.24 46.21
C SER A 426 -7.40 4.75 45.70
N GLN A 427 -6.57 4.19 46.60
CA GLN A 427 -5.15 3.84 46.35
C GLN A 427 -5.04 3.16 44.97
N ARG A 428 -5.97 2.23 44.70
CA ARG A 428 -5.98 1.29 43.55
C ARG A 428 -6.29 1.99 42.21
N GLY A 429 -6.69 3.27 42.16
CA GLY A 429 -6.85 4.03 40.90
C GLY A 429 -8.32 4.26 40.52
N LEU A 430 -9.23 3.55 41.20
CA LEU A 430 -10.70 3.59 41.04
C LEU A 430 -11.30 4.78 41.79
N VAL A 431 -12.14 5.60 41.13
CA VAL A 431 -12.97 6.63 41.82
C VAL A 431 -14.27 5.99 42.29
N GLU A 432 -14.51 5.98 43.60
CA GLU A 432 -15.65 5.25 44.23
C GLU A 432 -16.94 6.06 44.04
N ALA A 433 -18.06 5.36 43.97
CA ALA A 433 -19.43 5.92 43.86
C ALA A 433 -19.64 7.06 44.88
N ASP A 434 -19.26 6.83 46.13
CA ASP A 434 -19.49 7.79 47.24
C ASP A 434 -18.78 9.12 46.93
N GLU A 435 -17.59 9.02 46.38
CA GLU A 435 -16.73 10.19 46.09
C GLU A 435 -17.26 10.95 44.87
N ILE A 436 -17.75 10.23 43.88
CA ILE A 436 -18.40 10.80 42.67
C ILE A 436 -19.63 11.61 43.13
N ALA A 437 -20.46 10.99 43.97
CA ALA A 437 -21.68 11.63 44.51
C ALA A 437 -21.30 12.89 45.28
N ARG A 438 -20.25 12.83 46.08
CA ARG A 438 -19.86 14.00 46.91
C ARG A 438 -19.51 15.16 45.95
N VAL A 439 -18.71 14.90 44.93
CA VAL A 439 -18.13 15.98 44.09
C VAL A 439 -19.18 16.48 43.10
N VAL A 440 -20.08 15.61 42.64
CA VAL A 440 -21.25 16.03 41.84
C VAL A 440 -22.11 17.02 42.64
N LYS A 441 -22.53 16.64 43.85
CA LYS A 441 -23.33 17.52 44.75
C LYS A 441 -22.54 18.80 45.01
N GLU A 442 -21.22 18.72 45.19
CA GLU A 442 -20.45 19.93 45.55
C GLU A 442 -20.56 20.90 44.36
N LEU A 443 -20.58 20.39 43.12
CA LEU A 443 -20.58 21.23 41.90
C LEU A 443 -21.99 21.74 41.60
N MET A 444 -23.00 20.90 41.72
CA MET A 444 -24.36 21.20 41.23
C MET A 444 -25.12 22.05 42.28
N ASP A 445 -24.91 21.84 43.58
CA ASP A 445 -25.67 22.56 44.64
C ASP A 445 -24.74 23.18 45.71
N GLY A 446 -23.43 22.86 45.75
CA GLY A 446 -22.52 23.30 46.83
C GLY A 446 -21.88 24.65 46.59
N ASP A 447 -21.14 25.18 47.60
CA ASP A 447 -20.57 26.55 47.57
C ASP A 447 -19.41 26.59 46.58
N GLU A 448 -18.55 25.57 46.64
CA GLU A 448 -17.35 25.45 45.77
C GLU A 448 -17.80 25.45 44.29
N GLY A 449 -18.93 24.81 43.99
CA GLY A 449 -19.64 24.85 42.70
C GLY A 449 -20.01 26.29 42.30
N LYS A 450 -20.64 27.05 43.19
CA LYS A 450 -21.06 28.46 42.95
C LYS A 450 -19.82 29.26 42.59
N LYS A 451 -18.74 29.08 43.36
CA LYS A 451 -17.51 29.91 43.21
C LYS A 451 -16.87 29.58 41.85
N ALA A 452 -16.82 28.30 41.50
CA ALA A 452 -16.29 27.76 40.23
C ALA A 452 -17.14 28.26 39.06
N ARG A 453 -18.47 28.15 39.15
CA ARG A 453 -19.40 28.63 38.10
C ARG A 453 -19.20 30.14 37.89
N TYR A 454 -18.99 30.91 38.96
CA TYR A 454 -18.88 32.39 38.85
C TYR A 454 -17.61 32.67 38.03
N LYS A 455 -16.50 32.03 38.42
CA LYS A 455 -15.19 32.18 37.77
C LYS A 455 -15.30 31.74 36.32
N MET A 456 -16.03 30.65 36.04
CA MET A 456 -16.11 30.09 34.67
C MET A 456 -16.90 31.06 33.79
N ARG A 457 -17.92 31.74 34.33
CA ARG A 457 -18.68 32.77 33.58
C ARG A 457 -17.77 33.97 33.27
N GLU A 458 -16.90 34.36 34.19
CA GLU A 458 -15.93 35.48 33.98
C GLU A 458 -15.00 35.16 32.81
N LEU A 459 -14.48 33.93 32.77
CA LEU A 459 -13.67 33.44 31.63
C LEU A 459 -14.50 33.42 30.36
N SER A 460 -15.75 32.98 30.44
CA SER A 460 -16.71 32.98 29.29
C SER A 460 -16.81 34.35 28.64
N ASP A 461 -16.79 35.42 29.44
CA ASP A 461 -17.03 36.80 28.93
C ASP A 461 -15.72 37.29 28.32
N SER A 462 -14.58 36.93 28.93
CA SER A 462 -13.23 37.18 28.36
C SER A 462 -13.14 36.55 26.96
N ALA A 463 -13.52 35.29 26.85
CA ALA A 463 -13.47 34.49 25.59
C ALA A 463 -14.28 35.18 24.51
N LYS A 464 -15.52 35.59 24.81
CA LYS A 464 -16.42 36.28 23.84
C LYS A 464 -15.74 37.59 23.39
N ARG A 465 -15.22 38.36 24.34
CA ARG A 465 -14.53 39.65 24.09
C ARG A 465 -13.34 39.42 23.12
N VAL A 466 -12.42 38.51 23.43
CA VAL A 466 -11.13 38.37 22.69
C VAL A 466 -11.39 37.82 21.29
N THR A 467 -12.53 37.18 21.03
CA THR A 467 -12.86 36.59 19.70
C THR A 467 -13.89 37.44 18.97
N SER A 468 -14.14 38.67 19.42
CA SER A 468 -15.11 39.59 18.77
C SER A 468 -14.35 40.37 17.70
N GLU A 469 -15.06 41.24 16.96
CA GLU A 469 -14.54 41.99 15.79
C GLU A 469 -13.22 42.67 16.13
N ASN A 470 -13.06 43.23 17.33
CA ASN A 470 -11.83 43.96 17.74
C ASN A 470 -11.20 43.31 18.98
N GLY A 471 -11.32 41.99 19.11
CA GLY A 471 -10.71 41.24 20.23
C GLY A 471 -9.22 41.05 20.03
N GLU A 472 -8.45 40.90 21.10
CA GLU A 472 -6.98 40.68 21.04
C GLU A 472 -6.68 39.47 20.13
N SER A 473 -7.47 38.41 20.21
CA SER A 473 -7.21 37.14 19.49
C SER A 473 -7.50 37.33 18.00
N THR A 474 -8.66 37.90 17.66
CA THR A 474 -9.06 38.24 16.27
C THR A 474 -8.00 39.13 15.62
N LYS A 475 -7.67 40.27 16.24
CA LYS A 475 -6.66 41.23 15.76
C LYS A 475 -5.34 40.48 15.50
N LEU A 476 -4.82 39.73 16.47
CA LEU A 476 -3.43 39.20 16.39
C LEU A 476 -3.32 38.19 15.24
N LEU A 477 -4.35 37.37 14.98
CA LEU A 477 -4.33 36.40 13.84
C LEU A 477 -4.28 37.20 12.55
N SER A 478 -5.16 38.21 12.42
CA SER A 478 -5.28 39.11 11.26
C SER A 478 -3.92 39.79 11.01
N GLU A 479 -3.22 40.16 12.07
CA GLU A 479 -1.91 40.86 12.02
C GLU A 479 -0.85 39.90 11.45
N VAL A 480 -0.83 38.63 11.85
CA VAL A 480 0.16 37.65 11.33
C VAL A 480 -0.21 37.26 9.89
N ALA A 481 -1.50 37.04 9.62
CA ALA A 481 -2.02 36.56 8.32
C ALA A 481 -1.79 37.61 7.23
N SER A 482 -1.84 38.91 7.55
CA SER A 482 -1.64 40.03 6.60
C SER A 482 -0.24 39.97 5.96
N LYS A 483 0.80 39.68 6.76
CA LYS A 483 2.20 39.46 6.30
C LYS A 483 2.20 38.43 5.15
N TRP A 484 1.34 37.43 5.20
CA TRP A 484 1.23 36.35 4.18
C TRP A 484 0.55 36.86 2.90
N SER A 485 -0.52 37.67 3.01
CA SER A 485 -1.37 38.11 1.86
C SER A 485 -0.52 38.77 0.78
N GLN A 486 0.39 39.66 1.20
CA GLN A 486 1.40 40.31 0.34
C GLN A 486 2.53 39.32 0.05
N ALA B 25 -4.40 26.39 -19.03
CA ALA B 25 -3.63 25.54 -20.01
C ALA B 25 -3.50 24.11 -19.49
N PRO B 26 -3.86 23.06 -20.28
CA PRO B 26 -3.78 21.69 -19.79
C PRO B 26 -2.31 21.29 -19.53
N LEU B 27 -2.10 20.40 -18.56
CA LEU B 27 -0.76 20.04 -18.07
C LEU B 27 -0.50 18.59 -18.46
N ILE B 28 0.68 18.35 -19.04
CA ILE B 28 1.23 17.00 -19.36
C ILE B 28 2.40 16.75 -18.41
N VAL B 29 2.37 15.63 -17.72
CA VAL B 29 3.42 15.27 -16.73
C VAL B 29 4.32 14.27 -17.42
N ILE B 30 5.63 14.49 -17.37
CA ILE B 30 6.63 13.61 -18.02
C ILE B 30 7.58 13.11 -16.94
N VAL B 31 7.78 11.79 -16.84
CA VAL B 31 8.66 11.14 -15.83
C VAL B 31 9.78 10.41 -16.56
N PRO B 32 10.86 11.10 -16.90
CA PRO B 32 12.04 10.46 -17.45
C PRO B 32 12.74 9.58 -16.40
N SER B 33 13.26 8.44 -16.86
CA SER B 33 14.24 7.59 -16.15
C SER B 33 15.54 8.38 -15.96
N PRO B 34 16.32 8.13 -14.89
CA PRO B 34 17.58 8.87 -14.68
C PRO B 34 18.58 8.48 -15.76
N GLY B 35 19.48 9.37 -16.17
CA GLY B 35 20.42 9.12 -17.29
C GLY B 35 20.09 9.96 -18.52
N MET B 36 21.13 10.48 -19.20
CA MET B 36 20.96 11.58 -20.18
C MET B 36 20.28 11.07 -21.46
N GLY B 37 20.42 9.79 -21.77
CA GLY B 37 19.87 9.18 -23.00
C GLY B 37 18.40 8.82 -22.85
N HIS B 38 17.89 8.92 -21.62
CA HIS B 38 16.43 8.91 -21.28
C HIS B 38 15.91 10.36 -21.17
N LEU B 39 16.66 11.25 -20.52
CA LEU B 39 16.23 12.66 -20.22
C LEU B 39 16.15 13.50 -21.49
N ILE B 40 17.22 13.55 -22.31
CA ILE B 40 17.32 14.48 -23.47
C ILE B 40 16.17 14.25 -24.45
N PRO B 41 15.93 13.00 -24.91
CA PRO B 41 14.85 12.76 -25.85
C PRO B 41 13.51 13.26 -25.35
N LEU B 42 13.21 13.01 -24.07
CA LEU B 42 11.92 13.39 -23.40
C LEU B 42 11.84 14.91 -23.20
N VAL B 43 12.95 15.57 -22.84
CA VAL B 43 13.02 17.05 -22.81
C VAL B 43 12.68 17.60 -24.20
N GLU B 44 13.22 16.99 -25.25
CA GLU B 44 12.96 17.44 -26.64
C GLU B 44 11.49 17.24 -27.00
N PHE B 45 10.89 16.12 -26.58
CA PHE B 45 9.45 15.86 -26.79
C PHE B 45 8.64 16.96 -26.09
N ALA B 46 9.04 17.31 -24.86
CA ALA B 46 8.40 18.37 -24.03
C ALA B 46 8.37 19.69 -24.79
N LYS B 47 9.53 20.05 -25.37
CA LYS B 47 9.73 21.35 -26.08
C LYS B 47 8.83 21.37 -27.31
N VAL B 48 8.57 20.21 -27.90
CA VAL B 48 7.70 20.09 -29.11
C VAL B 48 6.24 20.30 -28.69
N LEU B 49 5.84 19.76 -27.53
CA LEU B 49 4.45 19.84 -27.04
C LEU B 49 4.10 21.30 -26.73
N VAL B 50 4.99 22.06 -26.09
CA VAL B 50 4.71 23.47 -25.69
C VAL B 50 4.86 24.44 -26.88
N SER B 51 5.74 24.15 -27.86
CA SER B 51 5.95 24.95 -29.10
C SER B 51 4.75 24.85 -30.05
N ARG B 52 4.21 23.64 -30.27
CA ARG B 52 3.24 23.39 -31.36
C ARG B 52 1.81 23.47 -30.81
N PHE B 53 1.62 23.31 -29.49
CA PHE B 53 0.29 23.15 -28.88
C PHE B 53 0.19 24.07 -27.65
N HIS B 54 -1.02 24.26 -27.13
CA HIS B 54 -1.26 25.06 -25.89
C HIS B 54 -1.32 24.09 -24.71
N PHE B 55 -0.14 23.67 -24.25
CA PHE B 55 0.08 22.79 -23.07
C PHE B 55 1.18 23.35 -22.19
N SER B 56 1.15 23.02 -20.90
CA SER B 56 2.28 23.13 -19.95
C SER B 56 2.79 21.72 -19.61
N VAL B 57 4.06 21.61 -19.27
CA VAL B 57 4.70 20.30 -18.96
C VAL B 57 5.38 20.42 -17.60
N SER B 58 5.12 19.47 -16.71
CA SER B 58 5.91 19.28 -15.46
C SER B 58 6.75 18.00 -15.60
N LEU B 59 8.06 18.11 -15.54
CA LEU B 59 9.02 16.97 -15.48
C LEU B 59 9.19 16.60 -14.01
N LEU B 60 8.88 15.35 -13.65
CA LEU B 60 9.25 14.78 -12.33
C LEU B 60 10.41 13.82 -12.54
N LEU B 61 11.57 14.07 -11.93
CA LEU B 61 12.81 13.31 -12.22
C LEU B 61 13.23 12.49 -11.03
N PRO B 62 13.02 11.16 -11.06
CA PRO B 62 13.62 10.26 -10.07
C PRO B 62 15.14 10.36 -10.19
N THR B 63 15.86 10.18 -9.07
CA THR B 63 17.33 10.42 -8.97
C THR B 63 17.94 9.56 -7.87
N THR B 64 19.22 9.21 -7.98
CA THR B 64 20.00 8.46 -6.96
C THR B 64 20.95 9.40 -6.22
N ALA B 65 21.00 10.67 -6.63
CA ALA B 65 22.12 11.61 -6.45
C ALA B 65 21.64 13.05 -6.70
N GLN B 66 22.40 14.03 -6.24
CA GLN B 66 22.09 15.45 -6.53
C GLN B 66 22.09 15.64 -8.05
N PRO B 67 21.35 16.63 -8.56
CA PRO B 67 21.41 17.00 -9.97
C PRO B 67 22.85 17.11 -10.48
N THR B 68 23.12 16.72 -11.73
CA THR B 68 24.43 16.91 -12.41
C THR B 68 24.46 18.30 -13.06
N LYS B 69 25.65 18.80 -13.38
CA LYS B 69 25.90 19.97 -14.25
C LYS B 69 25.12 19.81 -15.56
N ALA B 70 25.22 18.64 -16.20
CA ALA B 70 24.58 18.35 -17.52
C ALA B 70 23.06 18.53 -17.43
N GLN B 71 22.43 17.94 -16.42
CA GLN B 71 20.97 17.98 -16.17
C GLN B 71 20.52 19.43 -15.92
N THR B 72 21.21 20.13 -15.00
CA THR B 72 20.86 21.50 -14.52
C THR B 72 20.86 22.49 -15.70
N THR B 73 21.92 22.42 -16.52
CA THR B 73 22.09 23.26 -17.74
C THR B 73 20.85 23.10 -18.63
N LEU B 74 20.57 21.86 -19.04
CA LEU B 74 19.50 21.49 -20.00
C LEU B 74 18.13 21.94 -19.47
N LEU B 75 17.88 21.64 -18.19
CA LEU B 75 16.55 21.86 -17.55
C LEU B 75 16.32 23.36 -17.31
N ASN B 76 17.35 24.12 -16.95
CA ASN B 76 17.17 25.56 -16.61
C ASN B 76 17.08 26.37 -17.91
N SER B 77 17.48 25.77 -19.03
CA SER B 77 17.44 26.36 -20.40
C SER B 77 16.07 26.20 -21.07
N LEU B 78 15.04 25.68 -20.39
CA LEU B 78 13.74 25.34 -21.05
C LEU B 78 12.84 26.58 -21.06
N PRO B 79 11.82 26.62 -21.95
CA PRO B 79 10.78 27.63 -21.88
C PRO B 79 10.09 27.58 -20.49
N SER B 80 9.57 28.72 -20.04
CA SER B 80 8.96 28.85 -18.69
C SER B 80 7.74 27.93 -18.60
N SER B 81 7.10 27.62 -19.73
CA SER B 81 5.92 26.69 -19.82
C SER B 81 6.32 25.24 -19.45
N VAL B 82 7.60 24.95 -19.19
CA VAL B 82 8.08 23.58 -18.79
C VAL B 82 8.71 23.69 -17.40
N SER B 83 7.98 23.32 -16.35
CA SER B 83 8.48 23.28 -14.95
C SER B 83 9.20 21.95 -14.73
N HIS B 84 10.10 21.88 -13.76
CA HIS B 84 10.84 20.62 -13.47
C HIS B 84 11.03 20.51 -11.96
N ASN B 85 11.25 19.29 -11.50
CA ASN B 85 11.16 18.94 -10.06
C ASN B 85 11.97 17.66 -9.86
N PHE B 86 13.18 17.75 -9.34
CA PHE B 86 13.95 16.55 -8.92
C PHE B 86 13.25 15.99 -7.68
N LEU B 87 12.99 14.69 -7.66
CA LEU B 87 12.27 14.03 -6.56
C LEU B 87 13.23 13.75 -5.40
N PRO B 88 12.72 13.60 -4.18
CA PRO B 88 13.54 13.11 -3.07
C PRO B 88 14.40 11.91 -3.55
N THR B 89 15.71 12.03 -3.37
CA THR B 89 16.74 11.04 -3.74
C THR B 89 16.38 9.68 -3.16
N VAL B 90 16.49 8.63 -3.95
CA VAL B 90 16.54 7.24 -3.41
C VAL B 90 17.89 7.05 -2.73
N ASP B 91 17.87 6.73 -1.43
CA ASP B 91 19.06 6.38 -0.63
C ASP B 91 19.84 5.32 -1.41
N PRO B 92 21.11 5.54 -1.83
CA PRO B 92 21.86 4.54 -2.59
C PRO B 92 22.18 3.22 -1.84
N ALA B 93 21.96 3.15 -0.53
CA ALA B 93 22.08 1.92 0.28
C ALA B 93 20.80 1.07 0.14
N HIS B 94 19.71 1.69 -0.32
CA HIS B 94 18.42 0.97 -0.51
C HIS B 94 18.46 0.23 -1.85
N LEU B 95 19.52 0.44 -2.63
CA LEU B 95 19.67 -0.22 -3.96
C LEU B 95 20.97 -1.02 -3.97
N PRO B 96 21.12 -2.05 -4.84
CA PRO B 96 22.33 -2.87 -4.90
C PRO B 96 23.50 -2.15 -5.61
N ASP B 97 24.70 -2.74 -5.51
CA ASP B 97 25.92 -2.16 -6.14
C ASP B 97 26.39 -3.08 -7.29
N GLY B 98 27.02 -2.49 -8.33
CA GLY B 98 27.63 -3.18 -9.49
C GLY B 98 26.69 -4.14 -10.22
N VAL B 99 25.46 -3.72 -10.48
CA VAL B 99 24.40 -4.49 -11.20
C VAL B 99 24.22 -3.84 -12.59
N ALA B 100 23.33 -4.36 -13.44
CA ALA B 100 23.02 -3.75 -14.77
C ALA B 100 22.24 -2.44 -14.55
N HIS B 101 22.37 -1.46 -15.47
CA HIS B 101 21.70 -0.14 -15.32
C HIS B 101 20.18 -0.34 -15.32
N GLU B 102 19.68 -1.28 -16.12
CA GLU B 102 18.27 -1.73 -16.15
C GLU B 102 17.76 -1.93 -14.71
N VAL B 103 18.54 -2.58 -13.85
CA VAL B 103 18.10 -2.96 -12.48
C VAL B 103 18.09 -1.71 -11.58
N THR B 104 19.18 -0.94 -11.64
CA THR B 104 19.36 0.33 -10.89
C THR B 104 18.17 1.26 -11.21
N ILE B 105 17.89 1.48 -12.51
CA ILE B 105 16.87 2.44 -13.03
C ILE B 105 15.49 1.98 -12.54
N SER B 106 15.18 0.69 -12.71
CA SER B 106 13.87 0.10 -12.35
C SER B 106 13.64 0.27 -10.84
N LEU B 107 14.67 0.04 -10.04
CA LEU B 107 14.58 0.13 -8.56
C LEU B 107 14.39 1.59 -8.15
N THR B 108 15.06 2.53 -8.81
CA THR B 108 14.91 3.99 -8.60
C THR B 108 13.43 4.37 -8.82
N HIS B 109 12.81 3.91 -9.92
CA HIS B 109 11.36 4.14 -10.23
C HIS B 109 10.46 3.57 -9.12
N ALA B 110 10.68 2.33 -8.70
CA ALA B 110 9.91 1.63 -7.64
C ALA B 110 9.96 2.43 -6.33
N HIS B 111 11.18 2.75 -5.88
CA HIS B 111 11.42 3.47 -4.60
C HIS B 111 10.97 4.94 -4.69
N SER B 112 10.62 5.45 -5.88
CA SER B 112 10.18 6.85 -6.07
C SER B 112 8.69 6.90 -6.40
N LEU B 113 7.99 5.76 -6.28
CA LEU B 113 6.55 5.65 -6.66
C LEU B 113 5.70 6.50 -5.70
N SER B 114 5.93 6.37 -4.39
CA SER B 114 5.33 7.23 -3.34
C SER B 114 5.52 8.71 -3.70
N SER B 115 6.75 9.14 -3.99
CA SER B 115 7.07 10.56 -4.31
C SER B 115 6.24 11.01 -5.52
N ILE B 116 6.22 10.21 -6.58
CA ILE B 116 5.49 10.58 -7.84
C ILE B 116 3.99 10.66 -7.55
N ARG B 117 3.41 9.68 -6.86
CA ARG B 117 1.98 9.67 -6.52
C ARG B 117 1.63 10.97 -5.78
N ALA B 118 2.43 11.33 -4.77
CA ALA B 118 2.29 12.55 -3.96
C ALA B 118 2.26 13.79 -4.87
N ALA B 119 3.26 13.92 -5.76
CA ALA B 119 3.40 15.06 -6.69
C ALA B 119 2.22 15.11 -7.65
N LEU B 120 1.83 13.98 -8.21
CA LEU B 120 0.68 13.85 -9.17
C LEU B 120 -0.61 14.27 -8.46
N GLY B 121 -0.88 13.72 -7.27
CA GLY B 121 -2.06 14.09 -6.45
C GLY B 121 -2.19 15.60 -6.31
N SER B 122 -1.09 16.31 -6.08
CA SER B 122 -1.09 17.77 -5.84
C SER B 122 -1.21 18.52 -7.17
N LEU B 123 -0.50 18.09 -8.22
CA LEU B 123 -0.67 18.67 -9.59
C LEU B 123 -2.13 18.52 -10.01
N ALA B 124 -2.74 17.36 -9.74
CA ALA B 124 -4.10 17.03 -10.17
C ALA B 124 -5.11 18.00 -9.52
N GLN B 125 -4.86 18.45 -8.28
CA GLN B 125 -5.71 19.41 -7.53
C GLN B 125 -5.59 20.80 -8.17
N GLN B 126 -4.37 21.24 -8.50
CA GLN B 126 -4.01 22.64 -8.86
C GLN B 126 -4.03 22.85 -10.39
N ALA B 127 -4.33 21.82 -11.19
CA ALA B 127 -4.27 21.90 -12.67
C ALA B 127 -5.01 20.70 -13.28
N GLN B 128 -5.40 20.85 -14.56
CA GLN B 128 -6.01 19.76 -15.38
C GLN B 128 -4.86 18.93 -15.99
N VAL B 129 -4.59 17.75 -15.45
CA VAL B 129 -3.49 16.86 -15.90
C VAL B 129 -4.11 15.92 -16.93
N VAL B 130 -3.75 16.07 -18.20
CA VAL B 130 -4.47 15.47 -19.36
C VAL B 130 -3.76 14.19 -19.83
N ALA B 131 -2.51 13.97 -19.41
CA ALA B 131 -1.67 12.82 -19.83
C ALA B 131 -0.37 12.74 -19.02
N LEU B 132 0.05 11.52 -18.75
CA LEU B 132 1.37 11.20 -18.17
C LEU B 132 2.19 10.50 -19.26
N ILE B 133 3.45 10.88 -19.41
CA ILE B 133 4.38 10.28 -20.41
C ILE B 133 5.62 9.75 -19.72
N THR B 134 5.95 8.50 -19.93
CA THR B 134 7.17 7.87 -19.40
C THR B 134 8.00 7.38 -20.58
N ASP B 135 9.18 6.87 -20.28
CA ASP B 135 10.02 6.09 -21.20
C ASP B 135 9.83 4.61 -20.85
N LEU B 136 10.62 3.73 -21.45
CA LEU B 136 10.38 2.27 -21.42
C LEU B 136 10.60 1.67 -20.03
N PHE B 137 11.05 2.44 -19.03
CA PHE B 137 11.30 1.90 -17.65
C PHE B 137 10.34 2.49 -16.62
N GLY B 138 9.36 3.26 -17.07
CA GLY B 138 8.43 3.97 -16.19
C GLY B 138 7.08 3.32 -16.15
N THR B 139 6.97 2.07 -16.57
CA THR B 139 5.68 1.36 -16.75
C THR B 139 5.02 1.05 -15.40
N GLY B 140 5.78 1.06 -14.31
CA GLY B 140 5.23 1.01 -12.93
C GLY B 140 4.13 2.05 -12.69
N LEU B 141 4.14 3.17 -13.41
CA LEU B 141 3.25 4.33 -13.13
C LEU B 141 1.90 4.16 -13.83
N TYR B 142 1.72 3.13 -14.66
CA TYR B 142 0.58 3.09 -15.63
C TYR B 142 -0.74 2.89 -14.88
N THR B 143 -0.84 1.84 -14.06
CA THR B 143 -2.02 1.59 -13.17
C THR B 143 -2.26 2.86 -12.32
N VAL B 144 -1.22 3.39 -11.69
CA VAL B 144 -1.28 4.59 -10.81
C VAL B 144 -1.93 5.78 -11.54
N ALA B 145 -1.53 6.05 -12.77
CA ALA B 145 -2.09 7.14 -13.58
C ALA B 145 -3.56 6.87 -13.91
N ARG B 146 -3.94 5.61 -14.19
CA ARG B 146 -5.33 5.23 -14.55
C ARG B 146 -6.26 5.47 -13.35
N ASP B 147 -5.88 5.00 -12.15
CA ASP B 147 -6.57 5.24 -10.85
C ASP B 147 -6.93 6.73 -10.70
N LEU B 148 -6.05 7.65 -11.08
CA LEU B 148 -6.25 9.13 -10.94
C LEU B 148 -6.96 9.71 -12.18
N GLY B 149 -7.36 8.88 -13.14
CA GLY B 149 -8.05 9.29 -14.39
C GLY B 149 -7.15 10.10 -15.31
N ILE B 150 -5.87 9.73 -15.37
CA ILE B 150 -4.84 10.31 -16.27
C ILE B 150 -4.40 9.21 -17.24
N PRO B 151 -4.54 9.41 -18.57
CA PRO B 151 -4.09 8.41 -19.54
C PRO B 151 -2.56 8.34 -19.63
N PRO B 152 -1.96 7.14 -19.41
CA PRO B 152 -0.52 6.96 -19.53
C PRO B 152 -0.05 6.60 -20.96
N TYR B 153 1.02 7.25 -21.44
CA TYR B 153 1.66 7.00 -22.74
C TYR B 153 3.14 6.65 -22.57
N LEU B 154 3.64 5.75 -23.41
CA LEU B 154 5.08 5.39 -23.53
C LEU B 154 5.71 6.19 -24.67
N TYR B 155 6.76 6.96 -24.40
CA TYR B 155 7.61 7.59 -25.46
C TYR B 155 8.82 6.67 -25.66
N PHE B 156 8.85 5.94 -26.77
CA PHE B 156 9.88 4.91 -27.05
C PHE B 156 11.02 5.55 -27.86
N THR B 157 12.20 5.59 -27.24
CA THR B 157 13.33 6.46 -27.64
C THR B 157 14.29 5.70 -28.57
N SER B 158 13.90 4.54 -29.07
CA SER B 158 14.68 3.71 -30.02
C SER B 158 13.80 3.32 -31.22
N THR B 159 14.20 2.30 -31.98
CA THR B 159 13.59 1.91 -33.29
C THR B 159 12.28 1.14 -33.12
N ALA B 160 11.43 1.22 -34.13
CA ALA B 160 10.22 0.38 -34.27
C ALA B 160 10.65 -1.09 -34.21
N MET B 161 11.77 -1.44 -34.83
CA MET B 161 12.26 -2.85 -34.83
C MET B 161 12.51 -3.27 -33.39
N CYS B 162 13.11 -2.38 -32.59
CA CYS B 162 13.46 -2.66 -31.19
C CYS B 162 12.18 -2.87 -30.36
N LEU B 163 11.19 -1.99 -30.51
CA LEU B 163 9.86 -2.12 -29.84
C LEU B 163 9.23 -3.48 -30.18
N LEU B 164 9.17 -3.81 -31.47
CA LEU B 164 8.59 -5.07 -32.02
C LEU B 164 9.33 -6.28 -31.42
N PHE B 165 10.66 -6.22 -31.34
CA PHE B 165 11.45 -7.29 -30.71
C PHE B 165 10.94 -7.50 -29.28
N LEU B 166 10.67 -6.41 -28.55
CA LEU B 166 10.33 -6.45 -27.10
C LEU B 166 8.91 -7.02 -26.94
N PHE B 167 7.95 -6.60 -27.76
CA PHE B 167 6.59 -7.16 -27.77
C PHE B 167 6.66 -8.66 -28.07
N HIS B 168 7.63 -9.12 -28.86
CA HIS B 168 7.76 -10.56 -29.26
C HIS B 168 8.55 -11.35 -28.21
N LEU B 169 9.26 -10.69 -27.28
CA LEU B 169 10.21 -11.37 -26.37
C LEU B 169 9.47 -12.32 -25.42
N PRO B 170 8.28 -12.00 -24.88
CA PRO B 170 7.53 -12.96 -24.07
C PRO B 170 7.26 -14.30 -24.77
N LYS B 171 6.72 -14.27 -25.99
CA LYS B 171 6.51 -15.52 -26.79
C LYS B 171 7.86 -16.20 -27.02
N LEU B 172 8.88 -15.45 -27.42
CA LEU B 172 10.25 -15.98 -27.67
C LEU B 172 10.83 -16.62 -26.40
N ASP B 173 10.57 -16.06 -25.22
CA ASP B 173 11.02 -16.61 -23.90
C ASP B 173 10.41 -17.99 -23.69
N GLU B 174 9.14 -18.20 -24.06
CA GLU B 174 8.41 -19.47 -23.85
C GLU B 174 8.87 -20.49 -24.91
N THR B 175 9.09 -20.08 -26.15
CA THR B 175 9.52 -20.95 -27.27
C THR B 175 10.94 -21.49 -27.08
N VAL B 176 11.90 -20.63 -26.78
CA VAL B 176 13.38 -20.93 -26.83
C VAL B 176 13.86 -21.05 -25.38
N SER B 177 14.59 -22.11 -25.03
CA SER B 177 15.02 -22.37 -23.63
C SER B 177 16.52 -22.09 -23.47
N CYS B 178 17.28 -22.08 -24.56
CA CYS B 178 18.75 -21.83 -24.52
C CYS B 178 19.02 -20.32 -24.46
N GLU B 179 20.25 -19.94 -24.09
CA GLU B 179 20.77 -18.57 -24.27
C GLU B 179 20.65 -18.20 -25.75
N TYR B 180 20.20 -17.00 -26.05
CA TYR B 180 19.76 -16.61 -27.41
C TYR B 180 20.92 -16.70 -28.40
N ARG B 181 22.17 -16.53 -27.98
CA ARG B 181 23.38 -16.70 -28.86
C ARG B 181 23.53 -18.15 -29.32
N ASP B 182 22.89 -19.13 -28.68
CA ASP B 182 22.93 -20.56 -29.09
C ASP B 182 21.72 -20.94 -29.94
N MET B 183 20.88 -20.00 -30.35
CA MET B 183 19.75 -20.28 -31.28
C MET B 183 20.30 -20.72 -32.64
N PRO B 184 19.88 -21.89 -33.16
CA PRO B 184 20.34 -22.37 -34.46
C PRO B 184 19.96 -21.46 -35.63
N GLU B 185 18.91 -20.67 -35.49
CA GLU B 185 18.40 -19.76 -36.55
C GLU B 185 18.47 -18.31 -36.08
N PRO B 186 18.49 -17.36 -37.02
CA PRO B 186 18.21 -15.96 -36.71
C PRO B 186 16.71 -15.75 -36.42
N LEU B 187 16.39 -14.72 -35.63
CA LEU B 187 15.00 -14.25 -35.44
C LEU B 187 14.62 -13.47 -36.68
N VAL B 188 13.44 -13.74 -37.26
CA VAL B 188 13.00 -12.95 -38.44
C VAL B 188 11.63 -12.35 -38.15
N LEU B 189 11.63 -11.17 -37.52
CA LEU B 189 10.41 -10.43 -37.16
C LEU B 189 9.73 -9.98 -38.45
N PRO B 190 8.39 -10.05 -38.52
CA PRO B 190 7.68 -9.58 -39.72
C PRO B 190 8.08 -8.15 -40.13
N GLY B 191 8.56 -7.98 -41.37
CA GLY B 191 8.87 -6.68 -41.96
C GLY B 191 10.34 -6.32 -41.79
N CYS B 192 11.15 -7.17 -41.13
CA CYS B 192 12.48 -6.80 -40.61
C CYS B 192 13.62 -7.66 -41.16
N VAL B 193 14.85 -7.16 -41.10
CA VAL B 193 16.09 -7.92 -41.39
C VAL B 193 16.24 -9.04 -40.38
N PRO B 194 16.79 -10.19 -40.83
CA PRO B 194 17.15 -11.28 -39.91
C PRO B 194 18.10 -10.76 -38.83
N LEU B 195 17.96 -11.26 -37.60
CA LEU B 195 18.73 -10.82 -36.42
C LEU B 195 19.21 -12.06 -35.64
N HIS B 196 20.51 -12.32 -35.57
CA HIS B 196 21.05 -13.43 -34.73
C HIS B 196 20.92 -13.05 -33.26
N GLY B 197 20.76 -14.04 -32.39
CA GLY B 197 20.66 -13.89 -30.92
C GLY B 197 21.86 -13.15 -30.33
N LYS B 198 23.07 -13.29 -30.89
CA LYS B 198 24.25 -12.54 -30.35
C LYS B 198 24.02 -11.02 -30.51
N ASP B 199 23.11 -10.56 -31.39
CA ASP B 199 22.82 -9.13 -31.66
C ASP B 199 21.59 -8.66 -30.85
N PHE B 200 20.97 -9.53 -30.05
CA PHE B 200 19.85 -9.17 -29.15
C PHE B 200 20.31 -8.14 -28.11
N VAL B 201 19.36 -7.37 -27.59
CA VAL B 201 19.59 -6.32 -26.55
C VAL B 201 20.39 -6.93 -25.38
N ASP B 202 21.26 -6.13 -24.77
CA ASP B 202 22.18 -6.46 -23.64
C ASP B 202 21.51 -7.31 -22.57
N PRO B 203 20.38 -6.87 -21.97
CA PRO B 203 19.74 -7.63 -20.90
C PRO B 203 19.29 -9.04 -21.27
N ALA B 204 19.10 -9.33 -22.57
CA ALA B 204 18.66 -10.65 -23.08
C ALA B 204 19.84 -11.62 -23.27
N GLN B 205 21.08 -11.18 -23.04
CA GLN B 205 22.31 -11.98 -23.32
C GLN B 205 22.74 -12.79 -22.08
N ASP B 206 22.05 -12.62 -20.93
CA ASP B 206 22.13 -13.53 -19.76
C ASP B 206 20.74 -13.67 -19.14
N ARG B 207 20.04 -14.76 -19.43
CA ARG B 207 18.65 -15.01 -19.01
C ARG B 207 18.58 -15.38 -17.53
N GLN B 208 19.73 -15.59 -16.87
CA GLN B 208 19.80 -15.92 -15.42
C GLN B 208 19.98 -14.63 -14.59
N ASP B 209 20.51 -13.56 -15.20
CA ASP B 209 20.68 -12.22 -14.58
C ASP B 209 19.31 -11.57 -14.35
N GLN B 210 19.24 -10.72 -13.33
CA GLN B 210 18.00 -10.04 -12.89
C GLN B 210 17.54 -9.08 -13.99
N ALA B 211 18.50 -8.51 -14.74
CA ALA B 211 18.27 -7.58 -15.87
C ALA B 211 17.21 -8.15 -16.81
N TYR B 212 17.30 -9.44 -17.14
CA TYR B 212 16.37 -10.12 -18.08
C TYR B 212 14.97 -10.15 -17.47
N HIS B 213 14.85 -10.53 -16.20
CA HIS B 213 13.55 -10.64 -15.48
C HIS B 213 12.87 -9.26 -15.40
N VAL B 214 13.64 -8.22 -15.08
CA VAL B 214 13.18 -6.80 -15.03
C VAL B 214 12.65 -6.37 -16.41
N LEU B 215 13.44 -6.61 -17.46
CA LEU B 215 13.08 -6.24 -18.86
C LEU B 215 11.75 -6.89 -19.21
N LEU B 216 11.56 -8.16 -18.88
CA LEU B 216 10.31 -8.89 -19.16
C LEU B 216 9.14 -8.25 -18.38
N ASP B 217 9.35 -7.88 -17.11
CA ASP B 217 8.29 -7.28 -16.26
C ASP B 217 7.79 -5.97 -16.90
N HIS B 218 8.70 -5.16 -17.44
CA HIS B 218 8.35 -3.84 -18.05
C HIS B 218 7.58 -4.10 -19.34
N VAL B 219 8.10 -4.96 -20.21
CA VAL B 219 7.52 -5.26 -21.55
C VAL B 219 6.10 -5.79 -21.38
N LYS B 220 5.84 -6.62 -20.36
CA LYS B 220 4.48 -7.17 -20.06
C LYS B 220 3.51 -6.05 -19.65
N ARG B 221 3.99 -4.86 -19.30
CA ARG B 221 3.12 -3.70 -18.96
C ARG B 221 2.98 -2.73 -20.14
N TYR B 222 3.67 -2.92 -21.27
CA TYR B 222 3.54 -1.97 -22.42
C TYR B 222 2.06 -1.94 -22.87
N VAL B 223 1.37 -3.07 -22.73
CA VAL B 223 -0.08 -3.23 -23.05
C VAL B 223 -0.95 -2.24 -22.27
N LEU B 224 -0.51 -1.74 -21.11
CA LEU B 224 -1.30 -0.82 -20.25
C LEU B 224 -1.30 0.62 -20.78
N ALA B 225 -0.47 0.95 -21.76
CA ALA B 225 -0.35 2.34 -22.26
C ALA B 225 -1.53 2.67 -23.16
N GLU B 226 -2.10 3.87 -23.05
CA GLU B 226 -3.11 4.40 -23.99
C GLU B 226 -2.49 4.47 -25.40
N GLY B 227 -1.20 4.77 -25.46
CA GLY B 227 -0.48 4.96 -26.73
C GLY B 227 1.02 4.83 -26.58
N ILE B 228 1.70 4.47 -27.65
CA ILE B 228 3.19 4.41 -27.70
C ILE B 228 3.68 5.28 -28.84
N PHE B 229 4.30 6.40 -28.49
CA PHE B 229 5.07 7.23 -29.46
C PHE B 229 6.39 6.50 -29.72
N VAL B 230 6.87 6.57 -30.95
CA VAL B 230 8.19 6.00 -31.36
C VAL B 230 8.98 7.09 -32.09
N ASN B 231 10.23 7.32 -31.70
CA ASN B 231 11.06 8.37 -32.34
C ASN B 231 11.61 7.81 -33.63
N THR B 232 10.73 7.63 -34.63
CA THR B 232 11.06 7.09 -35.99
C THR B 232 9.98 7.56 -36.97
N PHE B 233 9.97 7.08 -38.21
CA PHE B 233 8.97 7.48 -39.24
C PHE B 233 8.78 6.38 -40.27
N VAL B 234 7.66 6.42 -40.97
CA VAL B 234 7.18 5.27 -41.80
C VAL B 234 8.22 4.96 -42.87
N ASP B 235 8.76 5.97 -43.56
CA ASP B 235 9.73 5.76 -44.66
C ASP B 235 10.94 4.95 -44.14
N LEU B 236 11.29 5.10 -42.86
CA LEU B 236 12.54 4.54 -42.28
C LEU B 236 12.35 3.07 -41.89
N GLU B 237 11.16 2.68 -41.42
CA GLU B 237 10.92 1.35 -40.81
C GLU B 237 9.51 0.89 -41.16
N PRO B 238 9.16 0.74 -42.45
CA PRO B 238 7.79 0.51 -42.86
C PRO B 238 7.32 -0.88 -42.40
N GLY B 239 8.23 -1.86 -42.43
CA GLY B 239 7.87 -3.26 -42.13
C GLY B 239 7.48 -3.37 -40.68
N ALA B 240 8.38 -2.91 -39.80
CA ALA B 240 8.22 -2.96 -38.33
C ALA B 240 7.00 -2.15 -37.89
N ILE B 241 6.78 -0.99 -38.49
CA ILE B 241 5.64 -0.13 -38.08
C ILE B 241 4.33 -0.80 -38.53
N LYS B 242 4.30 -1.34 -39.75
CA LYS B 242 3.08 -2.03 -40.27
C LYS B 242 2.74 -3.16 -39.30
N THR B 243 3.73 -3.97 -38.94
CA THR B 243 3.54 -5.11 -38.01
C THR B 243 3.01 -4.59 -36.68
N LEU B 244 3.63 -3.57 -36.07
CA LEU B 244 3.27 -3.11 -34.70
C LEU B 244 1.81 -2.67 -34.71
N GLN B 245 1.39 -2.04 -35.80
CA GLN B 245 0.07 -1.38 -35.93
C GLN B 245 -1.05 -2.33 -36.42
N THR B 246 -0.80 -3.62 -36.68
CA THR B 246 -1.80 -4.54 -37.32
C THR B 246 -1.77 -5.96 -36.73
N GLU B 247 -0.60 -6.56 -36.61
CA GLU B 247 -0.35 -7.96 -36.16
C GLU B 247 -1.16 -8.34 -34.88
N ASP B 248 -1.40 -7.44 -33.94
CA ASP B 248 -1.97 -7.80 -32.60
C ASP B 248 -2.84 -6.66 -32.07
N PRO B 249 -4.09 -6.94 -31.62
CA PRO B 249 -4.94 -5.93 -31.03
C PRO B 249 -4.60 -5.70 -29.55
N ASN B 250 -3.97 -6.70 -28.95
CA ASN B 250 -3.43 -6.62 -27.57
C ASN B 250 -2.38 -5.49 -27.46
N VAL B 251 -1.66 -5.17 -28.54
CA VAL B 251 -0.67 -4.06 -28.63
C VAL B 251 -1.43 -2.75 -28.75
N PRO B 252 -1.07 -1.72 -27.94
CA PRO B 252 -1.70 -0.40 -28.02
C PRO B 252 -1.44 0.33 -29.33
N PRO B 253 -2.17 1.43 -29.59
CA PRO B 253 -1.88 2.26 -30.76
C PRO B 253 -0.39 2.63 -30.74
N VAL B 254 0.25 2.67 -31.91
CA VAL B 254 1.70 3.02 -32.07
C VAL B 254 1.77 4.20 -33.05
N TYR B 255 2.39 5.29 -32.63
CA TYR B 255 2.45 6.57 -33.40
C TYR B 255 3.90 6.95 -33.70
N PRO B 256 4.42 6.70 -34.90
CA PRO B 256 5.69 7.26 -35.34
C PRO B 256 5.54 8.78 -35.45
N VAL B 257 6.32 9.55 -34.68
CA VAL B 257 6.22 11.05 -34.63
C VAL B 257 7.61 11.66 -34.80
N GLY B 258 8.57 10.87 -35.29
CA GLY B 258 9.97 11.27 -35.43
C GLY B 258 10.34 11.75 -36.83
N PRO B 259 11.60 12.17 -37.05
CA PRO B 259 12.59 12.31 -35.98
C PRO B 259 12.47 13.58 -35.15
N ILE B 260 12.58 13.44 -33.82
CA ILE B 260 12.65 14.55 -32.86
C ILE B 260 14.06 14.50 -32.27
N ILE B 261 14.84 15.55 -32.47
CA ILE B 261 16.28 15.66 -32.08
C ILE B 261 16.54 17.10 -31.61
N GLN B 262 17.63 17.36 -30.88
CA GLN B 262 17.81 18.63 -30.14
C GLN B 262 17.98 19.78 -31.13
N SER B 263 17.63 21.00 -30.71
CA SER B 263 17.19 22.13 -31.57
C SER B 263 15.72 21.86 -31.91
N SER B 272 33.05 23.67 -29.73
CA SER B 272 33.33 25.11 -29.53
C SER B 272 34.59 25.49 -30.30
N ASP B 273 35.76 24.97 -29.90
CA ASP B 273 37.08 25.19 -30.57
C ASP B 273 37.17 24.32 -31.84
N CYS B 274 36.47 23.18 -31.87
CA CYS B 274 36.55 22.16 -32.94
C CYS B 274 35.78 22.62 -34.18
N LEU B 275 34.78 23.48 -34.00
CA LEU B 275 33.98 24.06 -35.11
C LEU B 275 34.88 24.97 -35.96
N LYS B 276 35.80 25.68 -35.30
CA LYS B 276 36.80 26.55 -35.98
C LYS B 276 37.65 25.62 -36.87
N TRP B 277 38.11 24.52 -36.29
CA TRP B 277 38.93 23.51 -37.00
C TRP B 277 38.16 23.00 -38.23
N LEU B 278 36.87 22.70 -38.07
CA LEU B 278 36.04 22.12 -39.14
C LEU B 278 35.88 23.15 -40.28
N ASP B 279 35.81 24.43 -39.94
CA ASP B 279 35.54 25.53 -40.92
C ASP B 279 36.69 25.58 -41.93
N ARG B 280 37.89 25.08 -41.58
CA ARG B 280 39.09 25.16 -42.47
C ARG B 280 39.03 24.06 -43.55
N GLN B 281 38.32 22.96 -43.27
CA GLN B 281 38.43 21.67 -44.02
C GLN B 281 37.47 21.61 -45.21
N PRO B 282 37.83 20.91 -46.29
CA PRO B 282 36.97 20.78 -47.46
C PRO B 282 35.67 20.02 -47.15
N SER B 283 34.60 20.39 -47.85
CA SER B 283 33.30 19.70 -47.87
C SER B 283 33.47 18.16 -47.90
N GLY B 284 32.79 17.47 -46.96
CA GLY B 284 32.64 16.01 -46.88
C GLY B 284 33.96 15.28 -46.65
N SER B 285 34.95 15.93 -46.04
CA SER B 285 36.35 15.39 -45.95
C SER B 285 36.63 14.84 -44.55
N VAL B 286 35.73 15.06 -43.59
CA VAL B 286 36.05 14.80 -42.15
C VAL B 286 35.18 13.64 -41.65
N LEU B 287 35.81 12.76 -40.88
CA LEU B 287 35.15 11.62 -40.22
C LEU B 287 35.02 11.92 -38.74
N PHE B 288 33.78 12.10 -38.26
CA PHE B 288 33.51 12.30 -36.81
C PHE B 288 33.59 10.93 -36.12
N VAL B 289 34.27 10.84 -35.00
CA VAL B 289 34.40 9.59 -34.21
C VAL B 289 33.95 9.89 -32.78
N SER B 290 32.85 9.28 -32.32
CA SER B 290 32.40 9.35 -30.91
C SER B 290 31.65 8.09 -30.52
N PHE B 291 31.97 7.52 -29.37
CA PHE B 291 31.22 6.44 -28.70
C PHE B 291 30.38 6.98 -27.54
N GLY B 292 30.31 8.30 -27.36
CA GLY B 292 29.56 8.91 -26.24
C GLY B 292 30.11 8.48 -24.88
N SER B 293 29.44 8.91 -23.81
CA SER B 293 29.95 8.83 -22.42
C SER B 293 30.05 7.38 -21.96
N GLY B 294 29.05 6.57 -22.27
CA GLY B 294 28.82 5.25 -21.64
C GLY B 294 29.66 4.15 -22.26
N GLY B 295 30.19 4.39 -23.47
CA GLY B 295 30.97 3.40 -24.24
C GLY B 295 32.41 3.31 -23.76
N THR B 296 32.79 2.19 -23.11
CA THR B 296 34.18 1.93 -22.66
C THR B 296 34.81 0.84 -23.56
N LEU B 297 35.89 1.21 -24.25
CA LEU B 297 36.81 0.33 -25.00
C LEU B 297 38.07 0.08 -24.15
N SER B 298 38.74 -1.07 -24.28
CA SER B 298 40.08 -1.31 -23.67
C SER B 298 41.11 -0.29 -24.22
N ASN B 299 42.12 0.05 -23.40
CA ASN B 299 43.23 0.93 -23.86
C ASN B 299 43.86 0.26 -25.09
N GLU B 300 43.90 -1.07 -25.16
CA GLU B 300 44.43 -1.80 -26.34
C GLU B 300 43.61 -1.44 -27.58
N GLN B 301 42.28 -1.47 -27.48
CA GLN B 301 41.39 -1.24 -28.65
C GLN B 301 41.47 0.24 -29.08
N LEU B 302 41.61 1.15 -28.11
CA LEU B 302 41.79 2.60 -28.37
C LEU B 302 43.07 2.81 -29.19
N ASN B 303 44.19 2.22 -28.74
CA ASN B 303 45.52 2.31 -29.41
C ASN B 303 45.41 1.81 -30.86
N GLU B 304 44.67 0.71 -31.11
CA GLU B 304 44.48 0.16 -32.49
C GLU B 304 43.68 1.18 -33.31
N LEU B 305 42.69 1.80 -32.67
CA LEU B 305 41.83 2.80 -33.34
C LEU B 305 42.69 4.01 -33.73
N ALA B 306 43.57 4.47 -32.85
CA ALA B 306 44.47 5.63 -33.09
C ALA B 306 45.35 5.36 -34.33
N ILE B 307 46.16 4.30 -34.29
CA ILE B 307 47.04 3.90 -35.43
C ILE B 307 46.18 3.77 -36.69
N GLY B 308 44.97 3.21 -36.54
CA GLY B 308 44.04 2.96 -37.67
C GLY B 308 43.58 4.25 -38.32
N LEU B 309 43.26 5.27 -37.52
CA LEU B 309 42.91 6.61 -38.05
C LEU B 309 44.14 7.19 -38.75
N GLU B 310 45.32 7.17 -38.08
CA GLU B 310 46.58 7.73 -38.64
C GLU B 310 46.80 7.18 -40.05
N ILE B 311 46.73 5.87 -40.25
CA ILE B 311 47.19 5.21 -41.50
C ILE B 311 46.08 5.24 -42.57
N SER B 312 44.84 5.60 -42.20
CA SER B 312 43.72 5.82 -43.16
C SER B 312 44.09 6.96 -44.11
N GLY B 313 44.84 7.94 -43.62
CA GLY B 313 45.23 9.14 -44.39
C GLY B 313 44.15 10.20 -44.36
N HIS B 314 42.94 9.89 -43.90
CA HIS B 314 41.80 10.84 -43.94
C HIS B 314 41.77 11.72 -42.69
N ARG B 315 40.97 12.78 -42.73
CA ARG B 315 40.88 13.82 -41.68
C ARG B 315 39.83 13.38 -40.68
N PHE B 316 39.98 13.69 -39.41
CA PHE B 316 39.07 13.12 -38.40
C PHE B 316 39.00 13.98 -37.14
N LEU B 317 37.84 13.95 -36.50
CA LEU B 317 37.57 14.61 -35.20
C LEU B 317 37.13 13.51 -34.23
N TRP B 318 37.91 13.21 -33.22
CA TRP B 318 37.73 12.04 -32.36
C TRP B 318 37.49 12.48 -30.92
N VAL B 319 36.30 12.22 -30.40
CA VAL B 319 35.95 12.42 -28.97
C VAL B 319 36.31 11.15 -28.18
N VAL B 320 37.29 11.23 -27.27
CA VAL B 320 37.51 10.19 -26.21
C VAL B 320 37.14 10.83 -24.87
N PHE B 342 43.00 10.28 -21.93
CA PHE B 342 44.23 11.08 -22.20
C PHE B 342 45.45 10.13 -22.37
N GLY B 343 45.88 9.48 -21.28
CA GLY B 343 47.26 8.99 -21.09
C GLY B 343 47.47 7.56 -21.54
N PHE B 344 46.52 6.97 -22.28
CA PHE B 344 46.64 5.59 -22.84
C PHE B 344 47.42 5.56 -24.17
N LEU B 345 47.81 6.73 -24.70
CA LEU B 345 48.25 6.88 -26.11
C LEU B 345 49.71 6.47 -26.26
N PRO B 346 50.19 6.25 -27.51
CA PRO B 346 51.63 6.25 -27.75
C PRO B 346 52.19 7.61 -27.30
N THR B 347 53.25 7.66 -26.49
CA THR B 347 53.70 8.97 -25.93
C THR B 347 54.34 9.76 -27.08
N GLY B 348 53.88 10.99 -27.30
CA GLY B 348 54.28 11.82 -28.47
C GLY B 348 53.25 11.80 -29.61
N PHE B 349 52.24 10.92 -29.57
CA PHE B 349 51.25 10.73 -30.68
C PHE B 349 50.46 12.03 -30.94
N VAL B 350 49.93 12.67 -29.90
CA VAL B 350 49.13 13.93 -29.98
C VAL B 350 49.76 14.89 -31.01
N ASP B 351 51.09 15.03 -30.94
CA ASP B 351 51.86 16.08 -31.67
C ASP B 351 52.00 15.67 -33.13
N ARG B 352 52.32 14.39 -33.38
CA ARG B 352 52.64 13.80 -34.72
C ARG B 352 51.48 14.01 -35.70
N ILE B 353 50.24 14.06 -35.19
CA ILE B 353 49.01 13.85 -36.00
C ILE B 353 48.14 15.12 -36.05
N LYS B 354 48.64 16.30 -35.69
CA LYS B 354 47.84 17.56 -35.83
C LYS B 354 47.63 17.90 -37.33
N ASP B 355 48.43 17.30 -38.22
CA ASP B 355 48.34 17.43 -39.70
C ASP B 355 46.90 17.64 -40.20
N ARG B 356 45.99 16.70 -39.87
CA ARG B 356 44.58 16.74 -40.35
C ARG B 356 43.61 16.02 -39.41
N GLY B 357 43.98 15.81 -38.14
CA GLY B 357 43.07 15.19 -37.15
C GLY B 357 43.13 15.90 -35.83
N LEU B 358 41.98 16.02 -35.13
CA LEU B 358 41.85 16.79 -33.87
C LEU B 358 41.22 15.90 -32.80
N LEU B 359 41.82 15.88 -31.61
CA LEU B 359 41.38 15.04 -30.48
C LEU B 359 40.71 15.93 -29.42
N VAL B 360 39.47 15.64 -29.11
CA VAL B 360 38.68 16.35 -28.06
C VAL B 360 38.54 15.43 -26.84
N PRO B 361 38.87 15.87 -25.62
CA PRO B 361 38.48 15.11 -24.43
C PRO B 361 36.97 15.18 -24.16
N SER B 362 36.36 14.08 -23.72
CA SER B 362 35.09 14.06 -22.94
C SER B 362 33.86 14.38 -23.81
N TRP B 363 33.78 15.55 -24.45
CA TRP B 363 32.52 16.06 -25.07
C TRP B 363 32.78 16.90 -26.35
N ALA B 364 31.84 16.94 -27.29
CA ALA B 364 31.88 17.81 -28.49
C ALA B 364 30.47 18.22 -28.94
N PRO B 365 30.31 19.35 -29.65
CA PRO B 365 28.99 19.82 -30.05
C PRO B 365 28.45 18.95 -31.19
N GLN B 366 27.87 17.80 -30.85
CA GLN B 366 27.57 16.74 -31.84
C GLN B 366 26.67 17.30 -32.95
N ILE B 367 25.57 17.97 -32.62
CA ILE B 367 24.59 18.43 -33.66
C ILE B 367 25.32 19.36 -34.63
N LYS B 368 26.17 20.25 -34.10
CA LYS B 368 26.87 21.29 -34.89
C LYS B 368 27.89 20.60 -35.78
N VAL B 369 28.60 19.58 -35.26
CA VAL B 369 29.60 18.79 -36.05
C VAL B 369 28.92 18.04 -37.19
N LEU B 370 27.78 17.38 -36.92
CA LEU B 370 27.10 16.51 -37.91
C LEU B 370 26.42 17.34 -38.99
N SER B 371 26.00 18.56 -38.66
CA SER B 371 25.30 19.48 -39.60
C SER B 371 26.30 20.35 -40.36
N HIS B 372 27.58 20.29 -40.01
CA HIS B 372 28.70 20.99 -40.69
C HIS B 372 28.97 20.35 -42.05
N GLY B 373 29.27 21.18 -43.05
CA GLY B 373 29.52 20.77 -44.45
C GLY B 373 30.78 19.92 -44.55
N SER B 374 31.78 20.17 -43.70
CA SER B 374 33.07 19.43 -43.73
C SER B 374 32.87 17.96 -43.33
N THR B 375 32.05 17.71 -42.31
CA THR B 375 31.72 16.34 -41.78
C THR B 375 31.06 15.50 -42.87
N GLY B 376 31.76 14.42 -43.31
CA GLY B 376 31.26 13.51 -44.37
C GLY B 376 30.77 12.19 -43.79
N GLY B 377 31.51 11.61 -42.84
CA GLY B 377 31.18 10.33 -42.21
C GLY B 377 31.15 10.39 -40.69
N PHE B 378 30.51 9.38 -40.08
CA PHE B 378 30.33 9.29 -38.60
C PHE B 378 30.60 7.85 -38.14
N LEU B 379 31.64 7.68 -37.34
CA LEU B 379 31.98 6.39 -36.68
C LEU B 379 31.33 6.49 -35.31
N THR B 380 30.25 5.73 -35.10
CA THR B 380 29.35 5.82 -33.91
C THR B 380 29.12 4.44 -33.31
N HIS B 381 28.73 4.45 -32.03
CA HIS B 381 28.22 3.28 -31.26
C HIS B 381 26.75 2.96 -31.58
N CYS B 382 26.05 3.76 -32.40
CA CYS B 382 24.66 3.51 -32.87
C CYS B 382 23.61 3.73 -31.77
N GLY B 383 23.89 4.47 -30.73
CA GLY B 383 22.79 5.11 -29.99
C GLY B 383 21.79 5.73 -30.96
N TRP B 384 20.50 5.65 -30.65
CA TRP B 384 19.44 6.01 -31.62
C TRP B 384 19.39 7.53 -31.80
N ASN B 385 19.69 8.31 -30.77
CA ASN B 385 19.67 9.79 -30.85
C ASN B 385 20.81 10.22 -31.77
N SER B 386 21.99 9.62 -31.59
CA SER B 386 23.18 9.87 -32.46
C SER B 386 22.84 9.46 -33.88
N THR B 387 22.20 8.32 -34.10
CA THR B 387 21.83 7.80 -35.44
C THR B 387 20.85 8.76 -36.10
N LEU B 388 19.82 9.20 -35.40
CA LEU B 388 18.79 10.12 -35.96
C LEU B 388 19.45 11.45 -36.33
N GLU B 389 20.37 11.99 -35.52
CA GLU B 389 21.09 13.25 -35.85
C GLU B 389 21.81 13.04 -37.19
N SER B 390 22.49 11.89 -37.32
CA SER B 390 23.22 11.53 -38.56
C SER B 390 22.26 11.34 -39.74
N ILE B 391 21.08 10.77 -39.53
CA ILE B 391 20.06 10.58 -40.60
C ILE B 391 19.55 11.94 -41.08
N VAL B 392 19.21 12.86 -40.19
CA VAL B 392 18.57 14.12 -40.65
C VAL B 392 19.64 14.98 -41.33
N ASN B 393 20.94 14.74 -41.14
CA ASN B 393 22.00 15.53 -41.81
C ASN B 393 22.69 14.70 -42.91
N GLY B 394 22.10 13.58 -43.31
CA GLY B 394 22.61 12.76 -44.43
C GLY B 394 24.05 12.29 -44.30
N VAL B 395 24.58 12.06 -43.10
CA VAL B 395 25.99 11.62 -42.87
C VAL B 395 26.02 10.10 -42.74
N PRO B 396 26.65 9.37 -43.68
CA PRO B 396 26.73 7.91 -43.62
C PRO B 396 27.64 7.43 -42.48
N LEU B 397 27.55 6.16 -42.08
CA LEU B 397 28.21 5.75 -40.83
C LEU B 397 29.15 4.58 -41.01
N ILE B 398 30.03 4.42 -40.02
CA ILE B 398 30.67 3.16 -39.63
C ILE B 398 30.10 2.82 -38.27
N VAL B 399 29.46 1.67 -38.13
CA VAL B 399 28.79 1.26 -36.88
C VAL B 399 29.73 0.38 -36.07
N TRP B 400 29.84 0.69 -34.79
CA TRP B 400 30.65 -0.04 -33.80
C TRP B 400 29.84 -0.13 -32.52
N PRO B 401 28.81 -1.01 -32.47
CA PRO B 401 27.91 -1.08 -31.33
C PRO B 401 28.63 -1.63 -30.09
N LEU B 402 28.18 -1.21 -28.90
CA LEU B 402 28.85 -1.45 -27.60
C LEU B 402 27.89 -2.03 -26.55
N TYR B 403 26.66 -1.55 -26.44
CA TYR B 403 25.75 -1.93 -25.32
C TYR B 403 24.30 -1.58 -25.69
N ALA B 404 23.37 -1.84 -24.76
CA ALA B 404 21.92 -1.59 -24.91
C ALA B 404 21.40 -2.34 -26.15
N GLU B 405 20.69 -1.67 -27.04
CA GLU B 405 20.12 -2.27 -28.27
C GLU B 405 20.98 -1.85 -29.48
N GLN B 406 22.23 -1.45 -29.26
CA GLN B 406 23.11 -0.93 -30.35
C GLN B 406 23.41 -2.02 -31.40
N ARG B 407 23.63 -3.28 -31.03
CA ARG B 407 24.00 -4.34 -32.00
C ARG B 407 22.84 -4.52 -32.97
N MET B 408 21.62 -4.43 -32.47
CA MET B 408 20.40 -4.54 -33.29
C MET B 408 20.34 -3.32 -34.23
N ASN B 409 20.61 -2.13 -33.71
CA ASN B 409 20.60 -0.86 -34.50
C ASN B 409 21.62 -0.99 -35.62
N ALA B 410 22.80 -1.54 -35.29
CA ALA B 410 23.93 -1.73 -36.24
C ALA B 410 23.47 -2.62 -37.41
N VAL B 411 22.84 -3.75 -37.10
CA VAL B 411 22.38 -4.74 -38.11
C VAL B 411 21.37 -4.04 -39.02
N MET B 412 20.44 -3.30 -38.42
CA MET B 412 19.39 -2.61 -39.19
C MET B 412 20.03 -1.57 -40.14
N LEU B 413 21.01 -0.81 -39.66
CA LEU B 413 21.61 0.31 -40.43
C LEU B 413 22.54 -0.24 -41.52
N ASN B 414 23.29 -1.30 -41.21
CA ASN B 414 24.25 -1.96 -42.14
C ASN B 414 23.55 -2.84 -43.19
N GLN B 415 22.68 -3.77 -42.76
CA GLN B 415 22.08 -4.80 -43.65
C GLN B 415 20.67 -4.41 -44.13
N GLY B 416 19.96 -3.56 -43.38
CA GLY B 416 18.59 -3.16 -43.70
C GLY B 416 18.56 -1.95 -44.58
N LEU B 417 19.01 -0.81 -44.07
CA LEU B 417 18.98 0.49 -44.79
C LEU B 417 20.22 0.66 -45.67
N LYS B 418 21.31 -0.05 -45.35
CA LYS B 418 22.59 -0.01 -46.12
C LYS B 418 23.11 1.43 -46.15
N VAL B 419 23.08 2.11 -44.99
CA VAL B 419 23.60 3.48 -44.77
C VAL B 419 24.84 3.43 -43.87
N ALA B 420 25.30 2.24 -43.52
CA ALA B 420 26.47 2.05 -42.63
C ALA B 420 27.36 0.95 -43.17
N LEU B 421 28.66 1.06 -42.92
CA LEU B 421 29.67 -0.01 -43.11
C LEU B 421 30.09 -0.48 -41.71
N ARG B 422 30.94 -1.49 -41.67
CA ARG B 422 31.19 -2.23 -40.42
C ARG B 422 32.53 -2.93 -40.55
N PRO B 423 33.49 -2.70 -39.63
CA PRO B 423 34.72 -3.46 -39.62
C PRO B 423 34.50 -4.91 -39.20
N ASN B 424 35.41 -5.80 -39.60
CA ASN B 424 35.52 -7.19 -39.07
C ASN B 424 36.54 -7.22 -37.94
N ALA B 425 36.16 -7.65 -36.75
CA ALA B 425 37.09 -7.99 -35.64
C ALA B 425 37.93 -9.21 -36.07
N SER B 426 39.20 -9.28 -35.68
CA SER B 426 40.02 -10.51 -35.86
C SER B 426 39.54 -11.52 -34.82
N GLN B 427 39.96 -12.79 -34.96
CA GLN B 427 39.47 -13.95 -34.17
C GLN B 427 39.32 -13.52 -32.69
N ARG B 428 40.33 -12.81 -32.18
CA ARG B 428 40.49 -12.41 -30.75
C ARG B 428 39.26 -11.65 -30.24
N GLY B 429 38.63 -10.79 -31.07
CA GLY B 429 37.56 -9.88 -30.64
C GLY B 429 37.98 -8.42 -30.71
N LEU B 430 39.27 -8.16 -30.93
CA LEU B 430 39.89 -6.82 -31.20
C LEU B 430 39.71 -6.44 -32.68
N VAL B 431 39.32 -5.21 -32.99
CA VAL B 431 39.36 -4.67 -34.38
C VAL B 431 40.74 -4.06 -34.61
N GLU B 432 41.48 -4.61 -35.58
CA GLU B 432 42.90 -4.28 -35.83
C GLU B 432 42.98 -2.98 -36.63
N ALA B 433 44.04 -2.21 -36.40
CA ALA B 433 44.35 -0.92 -37.08
C ALA B 433 44.18 -1.04 -38.60
N ASP B 434 44.68 -2.11 -39.21
CA ASP B 434 44.63 -2.29 -40.69
C ASP B 434 43.17 -2.31 -41.16
N GLU B 435 42.28 -2.96 -40.39
CA GLU B 435 40.86 -3.13 -40.78
C GLU B 435 40.12 -1.80 -40.56
N ILE B 436 40.47 -1.06 -39.51
CA ILE B 436 39.91 0.29 -39.24
C ILE B 436 40.25 1.20 -40.43
N ALA B 437 41.51 1.21 -40.83
CA ALA B 437 42.03 1.99 -41.97
C ALA B 437 41.27 1.62 -43.25
N ARG B 438 41.07 0.32 -43.47
CA ARG B 438 40.39 -0.13 -44.72
C ARG B 438 38.98 0.48 -44.74
N VAL B 439 38.24 0.38 -43.63
CA VAL B 439 36.79 0.70 -43.61
C VAL B 439 36.63 2.23 -43.57
N VAL B 440 37.53 2.96 -42.92
CA VAL B 440 37.56 4.45 -43.00
C VAL B 440 37.68 4.89 -44.47
N LYS B 441 38.71 4.41 -45.18
CA LYS B 441 38.92 4.72 -46.61
C LYS B 441 37.68 4.28 -47.41
N GLU B 442 37.10 3.12 -47.08
CA GLU B 442 35.95 2.59 -47.86
C GLU B 442 34.81 3.60 -47.74
N LEU B 443 34.64 4.24 -46.58
CA LEU B 443 33.50 5.16 -46.32
C LEU B 443 33.79 6.54 -46.93
N MET B 444 35.01 7.07 -46.74
CA MET B 444 35.34 8.48 -47.11
C MET B 444 35.55 8.60 -48.63
N ASP B 445 36.13 7.61 -49.31
CA ASP B 445 36.48 7.71 -50.74
C ASP B 445 36.04 6.48 -51.55
N GLY B 446 35.63 5.36 -50.93
CA GLY B 446 35.33 4.08 -51.63
C GLY B 446 33.91 4.02 -52.20
N ASP B 447 33.58 2.98 -52.97
CA ASP B 447 32.28 2.88 -53.69
C ASP B 447 31.16 2.56 -52.70
N GLU B 448 31.40 1.65 -51.76
CA GLU B 448 30.44 1.27 -50.68
C GLU B 448 30.07 2.53 -49.87
N GLY B 449 31.03 3.42 -49.60
CA GLY B 449 30.82 4.78 -49.06
C GLY B 449 29.86 5.61 -49.90
N LYS B 450 30.06 5.69 -51.22
CA LYS B 450 29.20 6.49 -52.14
C LYS B 450 27.78 5.93 -52.08
N LYS B 451 27.62 4.59 -52.09
CA LYS B 451 26.29 3.93 -52.12
C LYS B 451 25.56 4.25 -50.79
N ALA B 452 26.28 4.17 -49.68
CA ALA B 452 25.79 4.49 -48.30
C ALA B 452 25.42 5.97 -48.21
N ARG B 453 26.30 6.87 -48.66
CA ARG B 453 26.05 8.34 -48.64
C ARG B 453 24.80 8.65 -49.44
N TYR B 454 24.59 7.97 -50.58
CA TYR B 454 23.46 8.28 -51.48
C TYR B 454 22.19 7.95 -50.70
N LYS B 455 22.17 6.73 -50.14
CA LYS B 455 21.00 6.20 -49.40
C LYS B 455 20.75 7.09 -48.18
N MET B 456 21.80 7.55 -47.51
CA MET B 456 21.64 8.36 -46.27
C MET B 456 21.03 9.72 -46.63
N ARG B 457 21.37 10.29 -47.78
CA ARG B 457 20.77 11.57 -48.26
C ARG B 457 19.29 11.34 -48.57
N GLU B 458 18.92 10.19 -49.14
CA GLU B 458 17.50 9.84 -49.49
C GLU B 458 16.65 9.82 -48.21
N LEU B 459 17.17 9.18 -47.16
CA LEU B 459 16.54 9.16 -45.82
C LEU B 459 16.49 10.58 -45.25
N SER B 460 17.56 11.38 -45.39
CA SER B 460 17.60 12.81 -44.97
C SER B 460 16.43 13.61 -45.56
N ASP B 461 16.03 13.33 -46.79
CA ASP B 461 14.98 14.09 -47.50
C ASP B 461 13.62 13.57 -47.01
N SER B 462 13.50 12.26 -46.78
CA SER B 462 12.30 11.64 -46.17
C SER B 462 12.03 12.29 -44.80
N ALA B 463 13.07 12.40 -43.98
CA ALA B 463 13.03 12.95 -42.61
C ALA B 463 12.50 14.38 -42.67
N LYS B 464 13.08 15.22 -43.54
CA LYS B 464 12.63 16.63 -43.74
C LYS B 464 11.15 16.66 -44.12
N ARG B 465 10.74 15.83 -45.08
CA ARG B 465 9.36 15.75 -45.60
C ARG B 465 8.39 15.42 -44.45
N VAL B 466 8.63 14.32 -43.71
CA VAL B 466 7.62 13.80 -42.71
C VAL B 466 7.53 14.76 -41.51
N THR B 467 8.53 15.61 -41.28
CA THR B 467 8.62 16.54 -40.12
C THR B 467 8.32 17.98 -40.59
N SER B 468 7.79 18.17 -41.80
CA SER B 468 7.38 19.48 -42.34
C SER B 468 5.93 19.73 -41.90
N GLU B 469 5.41 20.92 -42.21
CA GLU B 469 4.13 21.40 -41.65
C GLU B 469 3.00 20.39 -41.92
N ASN B 470 3.00 19.71 -43.07
CA ASN B 470 1.95 18.70 -43.40
C ASN B 470 2.53 17.30 -43.58
N GLY B 471 3.65 16.99 -42.89
CA GLY B 471 4.28 15.66 -42.90
C GLY B 471 3.48 14.65 -42.08
N GLU B 472 3.60 13.37 -42.39
CA GLU B 472 2.90 12.28 -41.68
C GLU B 472 3.19 12.36 -40.17
N SER B 473 4.44 12.66 -39.79
CA SER B 473 4.89 12.68 -38.39
C SER B 473 4.26 13.85 -37.65
N THR B 474 4.35 15.04 -38.22
CA THR B 474 3.77 16.30 -37.69
C THR B 474 2.25 16.12 -37.50
N LYS B 475 1.55 15.72 -38.57
CA LYS B 475 0.08 15.46 -38.54
C LYS B 475 -0.25 14.50 -37.39
N LEU B 476 0.40 13.34 -37.31
CA LEU B 476 -0.02 12.27 -36.37
C LEU B 476 0.12 12.71 -34.90
N LEU B 477 1.17 13.46 -34.55
CA LEU B 477 1.33 14.02 -33.17
C LEU B 477 0.17 14.98 -32.90
N SER B 478 -0.11 15.90 -33.83
CA SER B 478 -1.21 16.90 -33.75
C SER B 478 -2.54 16.18 -33.54
N GLU B 479 -2.72 15.04 -34.21
CA GLU B 479 -3.94 14.22 -34.14
C GLU B 479 -4.09 13.60 -32.73
N VAL B 480 -3.03 13.11 -32.11
CA VAL B 480 -3.11 12.50 -30.75
C VAL B 480 -3.26 13.62 -29.71
N ALA B 481 -2.52 14.72 -29.88
CA ALA B 481 -2.48 15.86 -28.93
C ALA B 481 -3.85 16.55 -28.83
N SER B 482 -4.58 16.64 -29.95
CA SER B 482 -5.94 17.25 -30.01
C SER B 482 -6.92 16.58 -29.01
N LYS B 483 -6.95 15.24 -28.95
CA LYS B 483 -7.74 14.46 -27.96
C LYS B 483 -7.51 15.02 -26.52
N TRP B 484 -6.30 15.48 -26.22
CA TRP B 484 -5.89 15.98 -24.87
C TRP B 484 -6.47 17.38 -24.62
N SER B 485 -6.56 18.23 -25.65
CA SER B 485 -6.92 19.66 -25.52
C SER B 485 -8.29 19.87 -24.84
N GLN B 486 -9.26 18.97 -25.00
CA GLN B 486 -10.55 18.95 -24.25
C GLN B 486 -10.44 19.69 -22.91
N MET C 21 19.08 -10.18 28.22
CA MET C 21 20.48 -10.45 27.68
C MET C 21 20.47 -10.98 26.24
N GLU C 22 19.78 -12.11 26.01
CA GLU C 22 19.36 -12.60 24.67
C GLU C 22 18.22 -11.72 24.15
N MET C 23 18.27 -11.24 22.89
CA MET C 23 17.14 -10.46 22.27
C MET C 23 16.16 -11.46 21.64
N GLU C 24 14.89 -11.39 22.05
CA GLU C 24 13.79 -12.33 21.65
C GLU C 24 12.73 -11.55 20.86
N ALA C 25 12.30 -12.07 19.70
CA ALA C 25 11.23 -11.53 18.83
C ALA C 25 9.91 -11.57 19.58
N PRO C 26 8.90 -10.71 19.26
CA PRO C 26 7.58 -10.82 19.88
C PRO C 26 6.95 -12.19 19.55
N LEU C 27 6.11 -12.69 20.46
CA LEU C 27 5.57 -14.05 20.41
C LEU C 27 4.08 -13.98 20.09
N ILE C 28 3.65 -14.83 19.13
CA ILE C 28 2.24 -15.06 18.77
C ILE C 28 1.94 -16.50 19.22
N VAL C 29 0.86 -16.68 19.98
CA VAL C 29 0.44 -18.04 20.43
C VAL C 29 -0.70 -18.48 19.52
N ILE C 30 -0.63 -19.69 18.98
CA ILE C 30 -1.69 -20.26 18.10
C ILE C 30 -2.22 -21.55 18.74
N VAL C 31 -3.53 -21.64 18.91
CA VAL C 31 -4.22 -22.84 19.47
C VAL C 31 -5.14 -23.44 18.41
N PRO C 32 -4.59 -24.34 17.58
CA PRO C 32 -5.43 -25.13 16.67
C PRO C 32 -6.32 -26.11 17.43
N SER C 33 -7.53 -26.30 16.92
CA SER C 33 -8.44 -27.42 17.27
C SER C 33 -7.80 -28.75 16.85
N PRO C 34 -8.07 -29.88 17.54
CA PRO C 34 -7.47 -31.16 17.16
C PRO C 34 -8.04 -31.61 15.81
N GLY C 35 -7.26 -32.33 15.00
CA GLY C 35 -7.65 -32.72 13.63
C GLY C 35 -6.84 -31.99 12.57
N MET C 36 -6.46 -32.68 11.48
CA MET C 36 -5.47 -32.19 10.49
C MET C 36 -6.03 -31.00 9.68
N GLY C 37 -7.35 -30.94 9.53
CA GLY C 37 -8.04 -29.91 8.73
C GLY C 37 -8.20 -28.61 9.48
N HIS C 38 -7.92 -28.64 10.79
CA HIS C 38 -7.77 -27.45 11.67
C HIS C 38 -6.28 -27.11 11.85
N LEU C 39 -5.42 -28.12 12.01
CA LEU C 39 -3.96 -27.95 12.28
C LEU C 39 -3.23 -27.38 11.06
N ILE C 40 -3.37 -27.98 9.88
CA ILE C 40 -2.57 -27.65 8.66
C ILE C 40 -2.76 -26.18 8.28
N PRO C 41 -4.01 -25.69 8.15
CA PRO C 41 -4.22 -24.29 7.79
C PRO C 41 -3.49 -23.34 8.74
N LEU C 42 -3.57 -23.60 10.04
CA LEU C 42 -2.99 -22.73 11.11
C LEU C 42 -1.46 -22.84 11.12
N VAL C 43 -0.91 -24.05 10.94
CA VAL C 43 0.54 -24.24 10.71
C VAL C 43 0.98 -23.35 9.52
N GLU C 44 0.22 -23.35 8.42
CA GLU C 44 0.56 -22.58 7.20
C GLU C 44 0.52 -21.09 7.53
N PHE C 45 -0.48 -20.63 8.29
CA PHE C 45 -0.59 -19.21 8.72
C PHE C 45 0.65 -18.86 9.54
N ALA C 46 1.08 -19.76 10.44
CA ALA C 46 2.26 -19.62 11.32
C ALA C 46 3.49 -19.40 10.46
N LYS C 47 3.68 -20.24 9.44
CA LYS C 47 4.88 -20.20 8.53
C LYS C 47 4.90 -18.86 7.80
N VAL C 48 3.73 -18.29 7.51
CA VAL C 48 3.60 -16.98 6.82
C VAL C 48 4.00 -15.86 7.78
N LEU C 49 3.59 -15.95 9.04
CA LEU C 49 3.88 -14.90 10.07
C LEU C 49 5.40 -14.83 10.32
N VAL C 50 6.10 -15.97 10.43
CA VAL C 50 7.55 -16.00 10.75
C VAL C 50 8.40 -15.69 9.49
N SER C 51 7.93 -16.03 8.29
CA SER C 51 8.60 -15.74 6.99
C SER C 51 8.55 -14.24 6.66
N ARG C 52 7.41 -13.57 6.86
CA ARG C 52 7.18 -12.20 6.35
C ARG C 52 7.48 -11.17 7.43
N PHE C 53 7.47 -11.54 8.70
CA PHE C 53 7.57 -10.61 9.85
C PHE C 53 8.60 -11.15 10.85
N HIS C 54 9.05 -10.31 11.79
CA HIS C 54 9.94 -10.78 12.89
C HIS C 54 9.08 -11.08 14.11
N PHE C 55 8.52 -12.29 14.10
CA PHE C 55 7.71 -12.90 15.18
C PHE C 55 8.18 -14.34 15.40
N SER C 56 7.99 -14.84 16.62
CA SER C 56 8.09 -16.28 16.98
C SER C 56 6.67 -16.77 17.30
N VAL C 57 6.42 -18.06 17.06
CA VAL C 57 5.08 -18.65 17.24
C VAL C 57 5.24 -19.88 18.15
N SER C 58 4.42 -19.96 19.22
CA SER C 58 4.22 -21.20 19.99
C SER C 58 2.83 -21.77 19.68
N LEU C 59 2.79 -23.00 19.15
CA LEU C 59 1.56 -23.79 18.96
C LEU C 59 1.29 -24.56 20.25
N LEU C 60 0.13 -24.36 20.85
CA LEU C 60 -0.39 -25.19 21.97
C LEU C 60 -1.47 -26.08 21.40
N LEU C 61 -1.29 -27.41 21.47
CA LEU C 61 -2.16 -28.37 20.74
C LEU C 61 -2.98 -29.17 21.72
N PRO C 62 -4.28 -28.88 21.87
CA PRO C 62 -5.19 -29.77 22.56
C PRO C 62 -5.24 -31.11 21.82
N THR C 63 -5.44 -32.22 22.54
CA THR C 63 -5.39 -33.60 22.01
C THR C 63 -6.39 -34.50 22.75
N THR C 64 -6.97 -35.46 22.03
CA THR C 64 -7.93 -36.47 22.54
C THR C 64 -7.21 -37.82 22.68
N ALA C 65 -5.95 -37.90 22.23
CA ALA C 65 -5.13 -39.11 22.04
C ALA C 65 -3.65 -38.72 21.90
N GLN C 66 -2.74 -39.65 22.14
CA GLN C 66 -1.27 -39.41 22.03
C GLN C 66 -0.97 -38.82 20.66
N PRO C 67 0.07 -37.96 20.56
CA PRO C 67 0.47 -37.39 19.26
C PRO C 67 0.63 -38.49 18.19
N THR C 68 0.25 -38.23 16.94
CA THR C 68 0.38 -39.14 15.78
C THR C 68 1.79 -39.04 15.21
N LYS C 69 2.23 -40.07 14.48
CA LYS C 69 3.44 -40.05 13.61
C LYS C 69 3.30 -38.88 12.63
N ALA C 70 2.13 -38.75 11.98
CA ALA C 70 1.77 -37.69 11.00
C ALA C 70 1.98 -36.30 11.61
N GLN C 71 1.45 -36.07 12.82
CA GLN C 71 1.53 -34.76 13.53
C GLN C 71 3.00 -34.43 13.85
N THR C 72 3.71 -35.37 14.47
CA THR C 72 5.10 -35.21 14.98
C THR C 72 6.04 -34.85 13.81
N THR C 73 5.91 -35.57 12.70
CA THR C 73 6.67 -35.33 11.44
C THR C 73 6.48 -33.87 11.01
N LEU C 74 5.22 -33.48 10.78
CA LEU C 74 4.81 -32.14 10.27
C LEU C 74 5.34 -31.04 11.19
N LEU C 75 5.15 -31.21 12.50
CA LEU C 75 5.48 -30.19 13.54
C LEU C 75 6.99 -30.07 13.71
N ASN C 76 7.75 -31.16 13.64
CA ASN C 76 9.23 -31.11 13.85
C ASN C 76 9.89 -30.55 12.59
N SER C 77 9.18 -30.57 11.45
CA SER C 77 9.64 -30.10 10.12
C SER C 77 9.42 -28.60 9.93
N LEU C 78 9.00 -27.84 10.95
CA LEU C 78 8.67 -26.39 10.83
C LEU C 78 9.93 -25.57 11.03
N PRO C 79 9.92 -24.26 10.69
CA PRO C 79 11.05 -23.39 10.99
C PRO C 79 11.32 -23.39 12.50
N SER C 80 12.58 -23.17 12.88
CA SER C 80 13.02 -23.20 14.29
C SER C 80 12.27 -22.12 15.06
N SER C 81 11.87 -21.02 14.37
CA SER C 81 11.11 -19.87 14.92
C SER C 81 9.71 -20.30 15.44
N VAL C 82 9.28 -21.55 15.20
CA VAL C 82 7.92 -22.05 15.57
C VAL C 82 8.10 -23.23 16.53
N SER C 83 7.90 -22.99 17.84
CA SER C 83 7.87 -24.07 18.87
C SER C 83 6.49 -24.72 18.89
N HIS C 84 6.38 -25.97 19.34
CA HIS C 84 5.10 -26.63 19.61
C HIS C 84 5.12 -27.31 20.99
N ASN C 85 3.94 -27.64 21.50
CA ASN C 85 3.70 -28.11 22.88
C ASN C 85 2.34 -28.82 22.91
N PHE C 86 2.31 -30.15 22.91
CA PHE C 86 1.05 -30.91 23.10
C PHE C 86 0.58 -30.76 24.54
N LEU C 87 -0.69 -30.44 24.73
CA LEU C 87 -1.29 -30.23 26.06
C LEU C 87 -1.75 -31.58 26.59
N PRO C 88 -1.83 -31.75 27.93
CA PRO C 88 -2.29 -32.99 28.51
C PRO C 88 -3.49 -33.50 27.74
N THR C 89 -3.41 -34.75 27.29
CA THR C 89 -4.48 -35.51 26.62
C THR C 89 -5.74 -35.46 27.47
N VAL C 90 -6.89 -35.18 26.87
CA VAL C 90 -8.15 -35.11 27.63
C VAL C 90 -8.61 -36.56 27.85
N ASP C 91 -8.77 -36.91 29.14
CA ASP C 91 -9.28 -38.23 29.59
C ASP C 91 -10.52 -38.55 28.78
N PRO C 92 -10.53 -39.67 27.99
CA PRO C 92 -11.69 -40.02 27.16
C PRO C 92 -12.99 -40.42 27.90
N ALA C 93 -12.99 -40.45 29.23
CA ALA C 93 -14.21 -40.52 30.08
C ALA C 93 -14.93 -39.16 30.12
N HIS C 94 -14.20 -38.07 29.85
CA HIS C 94 -14.75 -36.68 29.87
C HIS C 94 -15.47 -36.37 28.56
N LEU C 95 -15.29 -37.13 27.48
CA LEU C 95 -15.94 -36.87 26.16
C LEU C 95 -16.70 -38.09 25.66
N PRO C 96 -18.02 -37.96 25.36
CA PRO C 96 -18.89 -39.09 24.98
C PRO C 96 -18.59 -39.85 23.68
N ASP C 97 -19.35 -40.94 23.47
CA ASP C 97 -19.29 -41.82 22.26
C ASP C 97 -20.42 -41.44 21.30
N GLY C 98 -20.09 -41.47 20.00
CA GLY C 98 -21.00 -41.23 18.85
C GLY C 98 -21.74 -39.90 18.91
N VAL C 99 -21.06 -38.80 19.26
CA VAL C 99 -21.59 -37.40 19.11
C VAL C 99 -20.91 -36.75 17.90
N ALA C 100 -21.39 -35.57 17.52
CA ALA C 100 -20.90 -34.76 16.38
C ALA C 100 -19.46 -34.27 16.64
N HIS C 101 -18.67 -34.03 15.60
CA HIS C 101 -17.25 -33.57 15.74
C HIS C 101 -17.23 -32.21 16.45
N GLU C 102 -18.18 -31.33 16.14
CA GLU C 102 -18.29 -30.00 16.81
C GLU C 102 -18.32 -30.21 18.33
N VAL C 103 -19.01 -31.23 18.84
CA VAL C 103 -19.15 -31.46 20.31
C VAL C 103 -17.83 -32.00 20.89
N THR C 104 -17.23 -32.96 20.22
CA THR C 104 -15.94 -33.59 20.63
C THR C 104 -14.86 -32.50 20.68
N ILE C 105 -14.78 -31.65 19.65
CA ILE C 105 -13.77 -30.56 19.51
C ILE C 105 -13.96 -29.55 20.67
N SER C 106 -15.19 -29.10 20.87
CA SER C 106 -15.60 -28.10 21.87
C SER C 106 -15.23 -28.63 23.27
N LEU C 107 -15.51 -29.91 23.52
CA LEU C 107 -15.24 -30.53 24.83
C LEU C 107 -13.73 -30.70 25.06
N THR C 108 -12.98 -31.03 24.02
CA THR C 108 -11.49 -31.08 24.06
C THR C 108 -10.94 -29.70 24.50
N HIS C 109 -11.43 -28.61 23.92
CA HIS C 109 -11.04 -27.21 24.26
C HIS C 109 -11.38 -26.92 25.73
N ALA C 110 -12.59 -27.23 26.18
CA ALA C 110 -13.05 -27.02 27.58
C ALA C 110 -12.14 -27.75 28.57
N HIS C 111 -11.91 -29.04 28.33
CA HIS C 111 -11.10 -29.92 29.20
C HIS C 111 -9.60 -29.64 29.01
N SER C 112 -9.19 -28.67 28.18
CA SER C 112 -7.78 -28.22 28.08
C SER C 112 -7.62 -26.77 28.57
N LEU C 113 -8.67 -26.16 29.12
CA LEU C 113 -8.73 -24.68 29.37
C LEU C 113 -7.74 -24.27 30.46
N SER C 114 -7.74 -24.95 31.60
CA SER C 114 -6.72 -24.79 32.68
C SER C 114 -5.29 -24.85 32.11
N SER C 115 -4.97 -25.86 31.31
CA SER C 115 -3.60 -26.06 30.77
C SER C 115 -3.23 -24.87 29.87
N ILE C 116 -4.16 -24.43 29.01
CA ILE C 116 -3.90 -23.30 28.09
C ILE C 116 -3.69 -22.01 28.92
N ARG C 117 -4.58 -21.74 29.89
CA ARG C 117 -4.46 -20.55 30.76
C ARG C 117 -3.06 -20.56 31.41
N ALA C 118 -2.64 -21.69 31.98
CA ALA C 118 -1.31 -21.89 32.61
C ALA C 118 -0.19 -21.53 31.63
N ALA C 119 -0.20 -22.08 30.41
CA ALA C 119 0.84 -21.83 29.36
C ALA C 119 0.85 -20.37 28.95
N LEU C 120 -0.33 -19.79 28.73
CA LEU C 120 -0.48 -18.35 28.36
C LEU C 120 0.06 -17.43 29.48
N GLY C 121 -0.40 -17.68 30.72
CA GLY C 121 0.03 -16.91 31.90
C GLY C 121 1.54 -16.88 32.02
N SER C 122 2.21 -18.01 31.73
CA SER C 122 3.67 -18.13 31.90
C SER C 122 4.37 -17.43 30.73
N LEU C 123 3.92 -17.66 29.49
CA LEU C 123 4.49 -17.00 28.29
C LEU C 123 4.36 -15.49 28.48
N ALA C 124 3.21 -15.03 29.01
CA ALA C 124 2.88 -13.60 29.10
C ALA C 124 3.89 -12.90 30.03
N GLN C 125 4.33 -13.61 31.08
CA GLN C 125 5.24 -13.05 32.11
C GLN C 125 6.66 -12.97 31.54
N GLN C 126 7.09 -14.01 30.79
CA GLN C 126 8.50 -14.23 30.38
C GLN C 126 8.76 -13.68 28.97
N ALA C 127 7.77 -13.08 28.31
CA ALA C 127 7.90 -12.63 26.89
C ALA C 127 6.78 -11.67 26.56
N GLN C 128 6.94 -10.94 25.46
CA GLN C 128 5.90 -10.04 24.90
C GLN C 128 5.06 -10.91 23.97
N VAL C 129 3.91 -11.34 24.48
CA VAL C 129 2.90 -12.10 23.71
C VAL C 129 1.98 -11.04 23.17
N VAL C 130 1.96 -10.88 21.84
CA VAL C 130 1.31 -9.73 21.13
C VAL C 130 -0.10 -10.13 20.69
N ALA C 131 -0.40 -11.42 20.61
CA ALA C 131 -1.69 -11.94 20.09
C ALA C 131 -1.79 -13.46 20.32
N LEU C 132 -3.01 -13.87 20.59
CA LEU C 132 -3.46 -15.28 20.49
C LEU C 132 -4.29 -15.44 19.20
N ILE C 133 -4.04 -16.50 18.45
CA ILE C 133 -4.87 -16.90 17.29
C ILE C 133 -5.49 -18.26 17.54
N THR C 134 -6.81 -18.33 17.43
CA THR C 134 -7.54 -19.61 17.45
C THR C 134 -8.25 -19.79 16.12
N ASP C 135 -8.86 -20.97 15.95
CA ASP C 135 -9.80 -21.28 14.85
C ASP C 135 -11.20 -21.18 15.46
N LEU C 136 -12.23 -21.53 14.72
CA LEU C 136 -13.64 -21.18 15.07
C LEU C 136 -14.12 -21.93 16.31
N PHE C 137 -13.35 -22.88 16.86
CA PHE C 137 -13.80 -23.69 18.04
C PHE C 137 -13.00 -23.36 19.28
N GLY C 138 -12.07 -22.40 19.19
CA GLY C 138 -11.22 -21.96 20.32
C GLY C 138 -11.74 -20.71 21.03
N THR C 139 -13.03 -20.38 20.94
CA THR C 139 -13.56 -19.08 21.45
C THR C 139 -13.64 -19.09 22.97
N GLY C 140 -13.64 -20.27 23.62
CA GLY C 140 -13.55 -20.33 25.10
C GLY C 140 -12.30 -19.62 25.63
N LEU C 141 -11.24 -19.43 24.83
CA LEU C 141 -9.96 -18.83 25.31
C LEU C 141 -10.02 -17.30 25.34
N TYR C 142 -11.06 -16.67 24.81
CA TYR C 142 -11.04 -15.22 24.47
C TYR C 142 -11.07 -14.40 25.78
N THR C 143 -12.00 -14.65 26.71
CA THR C 143 -12.00 -14.00 28.06
C THR C 143 -10.61 -14.20 28.72
N VAL C 144 -10.10 -15.44 28.73
CA VAL C 144 -8.80 -15.79 29.38
C VAL C 144 -7.65 -14.97 28.79
N ALA C 145 -7.59 -14.83 27.48
CA ALA C 145 -6.56 -14.01 26.80
C ALA C 145 -6.72 -12.52 27.15
N ARG C 146 -7.96 -12.02 27.29
CA ARG C 146 -8.22 -10.59 27.61
C ARG C 146 -7.73 -10.27 29.04
N ASP C 147 -8.09 -11.11 30.03
CA ASP C 147 -7.62 -11.04 31.44
C ASP C 147 -6.10 -10.86 31.49
N LEU C 148 -5.34 -11.52 30.61
CA LEU C 148 -3.85 -11.47 30.58
C LEU C 148 -3.34 -10.35 29.68
N GLY C 149 -4.25 -9.49 29.16
CA GLY C 149 -3.91 -8.35 28.26
C GLY C 149 -3.32 -8.81 26.94
N ILE C 150 -3.81 -9.94 26.40
CA ILE C 150 -3.43 -10.50 25.07
C ILE C 150 -4.66 -10.41 24.18
N PRO C 151 -4.57 -9.71 23.03
CA PRO C 151 -5.71 -9.63 22.11
C PRO C 151 -5.92 -10.96 21.40
N PRO C 152 -7.14 -11.54 21.48
CA PRO C 152 -7.48 -12.75 20.73
C PRO C 152 -8.02 -12.45 19.32
N TYR C 153 -7.54 -13.20 18.33
CA TYR C 153 -8.00 -13.16 16.93
C TYR C 153 -8.47 -14.54 16.48
N LEU C 154 -9.52 -14.55 15.65
CA LEU C 154 -10.05 -15.76 14.97
C LEU C 154 -9.42 -15.86 13.57
N TYR C 155 -8.74 -16.95 13.23
CA TYR C 155 -8.38 -17.31 11.84
C TYR C 155 -9.47 -18.26 11.32
N PHE C 156 -10.33 -17.74 10.45
CA PHE C 156 -11.51 -18.45 9.89
C PHE C 156 -11.10 -19.17 8.60
N THR C 157 -11.15 -20.48 8.64
CA THR C 157 -10.47 -21.38 7.69
C THR C 157 -11.44 -21.79 6.58
N SER C 158 -12.62 -21.15 6.52
CA SER C 158 -13.65 -21.35 5.49
C SER C 158 -14.04 -20.00 4.85
N THR C 159 -15.20 -19.92 4.20
CA THR C 159 -15.59 -18.80 3.30
C THR C 159 -16.15 -17.61 4.10
N ALA C 160 -16.05 -16.42 3.52
CA ALA C 160 -16.72 -15.20 4.01
C ALA C 160 -18.22 -15.47 4.10
N MET C 161 -18.79 -16.21 3.12
CA MET C 161 -20.24 -16.53 3.12
C MET C 161 -20.54 -17.33 4.39
N CYS C 162 -19.68 -18.29 4.73
CA CYS C 162 -19.88 -19.18 5.89
C CYS C 162 -19.83 -18.36 7.19
N LEU C 163 -18.83 -17.48 7.34
CA LEU C 163 -18.71 -16.56 8.50
C LEU C 163 -19.99 -15.74 8.65
N LEU C 164 -20.43 -15.08 7.56
CA LEU C 164 -21.65 -14.22 7.53
C LEU C 164 -22.88 -15.04 7.93
N PHE C 165 -23.02 -16.26 7.41
CA PHE C 165 -24.13 -17.16 7.80
C PHE C 165 -24.13 -17.29 9.34
N LEU C 166 -22.94 -17.49 9.93
CA LEU C 166 -22.78 -17.82 11.38
C LEU C 166 -23.12 -16.57 12.22
N PHE C 167 -22.63 -15.40 11.83
CA PHE C 167 -23.00 -14.12 12.48
C PHE C 167 -24.52 -13.91 12.42
N HIS C 168 -25.19 -14.38 11.36
CA HIS C 168 -26.66 -14.21 11.18
C HIS C 168 -27.45 -15.29 11.94
N LEU C 169 -26.83 -16.39 12.32
CA LEU C 169 -27.55 -17.58 12.85
C LEU C 169 -28.26 -17.25 14.17
N PRO C 170 -27.69 -16.46 15.11
CA PRO C 170 -28.41 -16.11 16.33
C PRO C 170 -29.75 -15.38 16.07
N LYS C 171 -29.74 -14.34 15.23
CA LYS C 171 -30.99 -13.64 14.82
C LYS C 171 -31.92 -14.67 14.17
N LEU C 172 -31.42 -15.47 13.23
CA LEU C 172 -32.20 -16.50 12.49
C LEU C 172 -32.79 -17.53 13.47
N ASP C 173 -32.08 -17.88 14.54
CA ASP C 173 -32.57 -18.82 15.59
C ASP C 173 -33.83 -18.24 16.26
N GLU C 174 -33.87 -16.93 16.50
CA GLU C 174 -35.03 -16.26 17.14
C GLU C 174 -36.17 -16.09 16.12
N THR C 175 -35.86 -15.73 14.87
CA THR C 175 -36.83 -15.45 13.78
C THR C 175 -37.60 -16.72 13.36
N VAL C 176 -36.89 -17.82 13.06
CA VAL C 176 -37.51 -19.03 12.43
C VAL C 176 -37.55 -20.13 13.49
N SER C 177 -38.69 -20.82 13.60
CA SER C 177 -38.98 -21.80 14.67
C SER C 177 -38.95 -23.22 14.11
N CYS C 178 -39.05 -23.41 12.79
CA CYS C 178 -39.05 -24.75 12.16
C CYS C 178 -37.60 -25.26 12.01
N GLU C 179 -37.42 -26.58 11.84
CA GLU C 179 -36.14 -27.16 11.38
C GLU C 179 -35.78 -26.50 10.04
N TYR C 180 -34.53 -26.07 9.87
CA TYR C 180 -34.14 -25.15 8.77
C TYR C 180 -34.42 -25.78 7.40
N ARG C 181 -34.36 -27.11 7.27
CA ARG C 181 -34.63 -27.79 5.98
C ARG C 181 -36.10 -27.62 5.54
N ASP C 182 -36.99 -27.28 6.48
CA ASP C 182 -38.45 -27.07 6.20
C ASP C 182 -38.77 -25.58 6.04
N MET C 183 -37.76 -24.71 5.87
CA MET C 183 -37.99 -23.27 5.59
C MET C 183 -38.63 -23.14 4.22
N PRO C 184 -39.81 -22.48 4.10
CA PRO C 184 -40.51 -22.38 2.81
C PRO C 184 -39.73 -21.59 1.75
N GLU C 185 -38.83 -20.70 2.18
CA GLU C 185 -38.00 -19.87 1.26
C GLU C 185 -36.52 -20.11 1.54
N PRO C 186 -35.64 -19.80 0.57
CA PRO C 186 -34.19 -19.79 0.82
C PRO C 186 -33.78 -18.54 1.64
N LEU C 187 -32.69 -18.66 2.41
CA LEU C 187 -32.07 -17.54 3.13
C LEU C 187 -31.32 -16.69 2.09
N VAL C 188 -31.48 -15.37 2.14
CA VAL C 188 -30.81 -14.44 1.22
C VAL C 188 -29.93 -13.49 2.04
N LEU C 189 -28.72 -13.93 2.36
CA LEU C 189 -27.73 -13.06 3.07
C LEU C 189 -27.31 -11.96 2.10
N PRO C 190 -27.20 -10.71 2.56
CA PRO C 190 -26.72 -9.63 1.70
C PRO C 190 -25.42 -9.97 0.96
N GLY C 191 -25.44 -9.89 -0.37
CA GLY C 191 -24.26 -10.03 -1.24
C GLY C 191 -24.04 -11.46 -1.69
N CYS C 192 -24.93 -12.38 -1.28
CA CYS C 192 -24.73 -13.84 -1.43
C CYS C 192 -25.82 -14.46 -2.29
N VAL C 193 -25.50 -15.59 -2.92
CA VAL C 193 -26.47 -16.50 -3.56
C VAL C 193 -27.47 -16.98 -2.51
N PRO C 194 -28.75 -17.15 -2.91
CA PRO C 194 -29.76 -17.77 -2.05
C PRO C 194 -29.26 -19.13 -1.58
N LEU C 195 -29.58 -19.48 -0.33
CA LEU C 195 -29.14 -20.73 0.32
C LEU C 195 -30.34 -21.40 0.99
N HIS C 196 -30.76 -22.55 0.48
CA HIS C 196 -31.86 -23.36 1.07
C HIS C 196 -31.37 -23.96 2.39
N GLY C 197 -32.27 -24.13 3.34
CA GLY C 197 -31.98 -24.67 4.69
C GLY C 197 -31.32 -26.03 4.64
N LYS C 198 -31.66 -26.88 3.66
CA LYS C 198 -31.04 -28.24 3.56
C LYS C 198 -29.52 -28.10 3.32
N ASP C 199 -29.04 -26.94 2.83
CA ASP C 199 -27.61 -26.69 2.49
C ASP C 199 -26.90 -25.94 3.63
N PHE C 200 -27.59 -25.62 4.72
CA PHE C 200 -26.98 -25.01 5.93
C PHE C 200 -25.99 -26.02 6.53
N VAL C 201 -24.99 -25.52 7.26
CA VAL C 201 -23.93 -26.31 7.94
C VAL C 201 -24.57 -27.46 8.73
N ASP C 202 -23.88 -28.60 8.75
CA ASP C 202 -24.31 -29.89 9.34
C ASP C 202 -24.92 -29.72 10.74
N PRO C 203 -24.25 -29.07 11.72
CA PRO C 203 -24.79 -28.93 13.06
C PRO C 203 -26.13 -28.20 13.17
N ALA C 204 -26.50 -27.40 12.17
CA ALA C 204 -27.75 -26.61 12.13
C ALA C 204 -28.93 -27.43 11.60
N GLN C 205 -28.72 -28.69 11.21
CA GLN C 205 -29.77 -29.53 10.56
C GLN C 205 -30.56 -30.35 11.59
N ASP C 206 -30.17 -30.28 12.88
CA ASP C 206 -30.92 -30.83 14.04
C ASP C 206 -30.80 -29.87 15.22
N ARG C 207 -31.80 -29.03 15.41
CA ARG C 207 -31.83 -27.95 16.42
C ARG C 207 -32.04 -28.54 17.84
N GLN C 208 -32.34 -29.84 17.94
CA GLN C 208 -32.55 -30.55 19.23
C GLN C 208 -31.23 -31.19 19.70
N ASP C 209 -30.29 -31.46 18.78
CA ASP C 209 -28.95 -32.03 19.09
C ASP C 209 -28.11 -30.96 19.82
N GLN C 210 -27.17 -31.42 20.66
CA GLN C 210 -26.32 -30.49 21.45
C GLN C 210 -25.34 -29.80 20.48
N ALA C 211 -25.01 -30.42 19.34
CA ALA C 211 -24.18 -29.83 18.24
C ALA C 211 -24.64 -28.41 17.90
N TYR C 212 -25.95 -28.19 17.79
CA TYR C 212 -26.53 -26.88 17.42
C TYR C 212 -26.27 -25.88 18.55
N HIS C 213 -26.52 -26.28 19.81
CA HIS C 213 -26.35 -25.39 20.99
C HIS C 213 -24.86 -25.00 21.16
N VAL C 214 -23.95 -25.95 20.96
CA VAL C 214 -22.47 -25.71 20.97
C VAL C 214 -22.10 -24.69 19.88
N LEU C 215 -22.55 -24.91 18.64
CA LEU C 215 -22.28 -24.01 17.49
C LEU C 215 -22.73 -22.60 17.85
N LEU C 216 -23.92 -22.45 18.43
CA LEU C 216 -24.49 -21.13 18.84
C LEU C 216 -23.59 -20.49 19.90
N ASP C 217 -23.13 -21.28 20.88
CA ASP C 217 -22.31 -20.75 22.00
C ASP C 217 -21.02 -20.14 21.44
N HIS C 218 -20.39 -20.81 20.46
CA HIS C 218 -19.12 -20.35 19.86
C HIS C 218 -19.41 -19.07 19.08
N VAL C 219 -20.40 -19.09 18.20
CA VAL C 219 -20.72 -17.96 17.29
C VAL C 219 -21.04 -16.70 18.08
N LYS C 220 -21.75 -16.81 19.21
CA LYS C 220 -22.06 -15.67 20.11
C LYS C 220 -20.78 -15.01 20.67
N ARG C 221 -19.65 -15.75 20.67
CA ARG C 221 -18.36 -15.23 21.17
C ARG C 221 -17.48 -14.69 20.03
N TYR C 222 -17.85 -14.81 18.75
CA TYR C 222 -17.02 -14.26 17.64
C TYR C 222 -16.89 -12.73 17.83
N VAL C 223 -17.91 -12.10 18.44
CA VAL C 223 -17.92 -10.65 18.79
C VAL C 223 -16.75 -10.30 19.72
N LEU C 224 -16.26 -11.23 20.54
CA LEU C 224 -15.17 -10.99 21.54
C LEU C 224 -13.80 -10.92 20.86
N ALA C 225 -13.65 -11.27 19.60
CA ALA C 225 -12.34 -11.27 18.90
C ALA C 225 -11.94 -9.83 18.57
N GLU C 226 -10.67 -9.48 18.76
CA GLU C 226 -10.09 -8.19 18.28
C GLU C 226 -10.24 -8.10 16.76
N GLY C 227 -10.12 -9.24 16.09
CA GLY C 227 -10.17 -9.31 14.62
C GLY C 227 -10.42 -10.72 14.10
N ILE C 228 -10.96 -10.84 12.89
CA ILE C 228 -11.21 -12.14 12.23
C ILE C 228 -10.51 -12.15 10.88
N PHE C 229 -9.44 -12.91 10.75
CA PHE C 229 -8.81 -13.30 9.47
C PHE C 229 -9.75 -14.29 8.78
N VAL C 230 -9.84 -14.23 7.46
CA VAL C 230 -10.60 -15.21 6.62
C VAL C 230 -9.70 -15.67 5.50
N ASN C 231 -9.53 -16.98 5.29
CA ASN C 231 -8.65 -17.52 4.22
C ASN C 231 -9.43 -17.45 2.89
N THR C 232 -9.70 -16.22 2.43
CA THR C 232 -10.43 -15.89 1.19
C THR C 232 -9.93 -14.53 0.67
N PHE C 233 -10.54 -13.98 -0.39
CA PHE C 233 -10.08 -12.68 -0.95
C PHE C 233 -11.25 -11.94 -1.61
N VAL C 234 -11.08 -10.63 -1.77
CA VAL C 234 -12.21 -9.71 -2.13
C VAL C 234 -12.82 -10.17 -3.46
N ASP C 235 -11.98 -10.44 -4.47
CA ASP C 235 -12.44 -10.79 -5.84
C ASP C 235 -13.37 -12.01 -5.76
N LEU C 236 -13.14 -12.91 -4.79
CA LEU C 236 -13.81 -14.23 -4.71
C LEU C 236 -15.19 -14.11 -4.06
N GLU C 237 -15.36 -13.21 -3.09
CA GLU C 237 -16.60 -13.12 -2.26
C GLU C 237 -16.89 -11.67 -1.91
N PRO C 238 -17.09 -10.78 -2.91
CA PRO C 238 -17.12 -9.35 -2.66
C PRO C 238 -18.40 -8.96 -1.88
N GLY C 239 -19.49 -9.67 -2.15
CA GLY C 239 -20.79 -9.35 -1.52
C GLY C 239 -20.71 -9.60 -0.03
N ALA C 240 -20.33 -10.82 0.34
CA ALA C 240 -20.19 -11.29 1.74
C ALA C 240 -19.18 -10.43 2.49
N ILE C 241 -18.08 -10.07 1.84
CA ILE C 241 -17.04 -9.27 2.52
C ILE C 241 -17.61 -7.90 2.88
N LYS C 242 -18.24 -7.21 1.94
CA LYS C 242 -18.79 -5.87 2.23
C LYS C 242 -19.82 -5.99 3.35
N THR C 243 -20.69 -6.97 3.28
CA THR C 243 -21.73 -7.12 4.33
C THR C 243 -21.07 -7.22 5.71
N LEU C 244 -20.09 -8.10 5.91
CA LEU C 244 -19.47 -8.24 7.25
C LEU C 244 -18.88 -6.90 7.67
N GLN C 245 -17.99 -6.41 6.79
CA GLN C 245 -17.28 -5.12 6.95
C GLN C 245 -18.22 -3.92 7.11
N THR C 246 -19.47 -4.03 6.68
CA THR C 246 -20.33 -2.82 6.82
C THR C 246 -21.79 -3.14 7.14
N GLU C 247 -22.13 -4.29 7.75
CA GLU C 247 -23.61 -4.37 8.03
C GLU C 247 -23.97 -4.28 9.52
N ASP C 248 -22.96 -4.41 10.35
CA ASP C 248 -23.04 -4.32 11.84
C ASP C 248 -21.72 -3.80 12.39
N PRO C 249 -21.72 -2.83 13.34
CA PRO C 249 -20.54 -2.52 14.15
C PRO C 249 -20.35 -3.53 15.28
N ASN C 250 -21.43 -4.24 15.65
CA ASN C 250 -21.50 -5.48 16.47
C ASN C 250 -20.42 -6.50 16.03
N VAL C 251 -20.22 -6.67 14.73
CA VAL C 251 -19.23 -7.59 14.12
C VAL C 251 -17.85 -6.95 14.19
N PRO C 252 -16.81 -7.68 14.62
CA PRO C 252 -15.43 -7.17 14.63
C PRO C 252 -14.85 -6.90 13.25
N PRO C 253 -13.69 -6.22 13.18
CA PRO C 253 -12.93 -6.10 11.95
C PRO C 253 -12.80 -7.47 11.27
N VAL C 254 -12.91 -7.50 9.94
CA VAL C 254 -12.76 -8.75 9.13
C VAL C 254 -11.67 -8.51 8.09
N TYR C 255 -10.63 -9.36 8.05
CA TYR C 255 -9.45 -9.21 7.16
C TYR C 255 -9.31 -10.40 6.23
N PRO C 256 -9.76 -10.31 4.95
CA PRO C 256 -9.43 -11.32 3.95
C PRO C 256 -7.93 -11.26 3.66
N VAL C 257 -7.21 -12.35 3.88
CA VAL C 257 -5.72 -12.41 3.73
C VAL C 257 -5.34 -13.65 2.91
N GLY C 258 -6.32 -14.25 2.22
CA GLY C 258 -6.11 -15.49 1.44
C GLY C 258 -5.81 -15.26 -0.05
N PRO C 259 -5.52 -16.33 -0.81
CA PRO C 259 -5.40 -17.69 -0.27
C PRO C 259 -4.04 -18.01 0.34
N ILE C 260 -4.04 -18.66 1.49
CA ILE C 260 -2.85 -19.28 2.13
C ILE C 260 -3.06 -20.78 2.06
N ILE C 261 -2.11 -21.49 1.44
CA ILE C 261 -2.20 -22.88 0.93
C ILE C 261 -0.94 -23.60 1.37
N GLN C 262 -0.96 -24.93 1.61
CA GLN C 262 0.22 -25.80 1.91
C GLN C 262 1.19 -25.68 0.74
N SER C 263 2.54 -25.77 0.96
CA SER C 263 3.64 -25.31 0.07
C SER C 263 3.62 -23.76 0.03
N SER C 272 3.77 -39.65 -4.67
CA SER C 272 5.15 -39.97 -5.08
C SER C 272 5.13 -40.48 -6.53
N ASP C 273 4.62 -41.70 -6.75
CA ASP C 273 4.77 -42.45 -8.02
C ASP C 273 3.71 -42.02 -9.05
N CYS C 274 2.60 -41.42 -8.59
CA CYS C 274 1.45 -41.03 -9.45
C CYS C 274 1.79 -39.79 -10.28
N LEU C 275 2.76 -38.98 -9.86
CA LEU C 275 3.28 -37.82 -10.63
C LEU C 275 3.94 -38.31 -11.92
N LYS C 276 4.62 -39.45 -11.86
CA LYS C 276 5.24 -40.08 -13.06
C LYS C 276 4.10 -40.48 -13.99
N TRP C 277 3.04 -41.08 -13.45
CA TRP C 277 1.84 -41.45 -14.24
C TRP C 277 1.27 -40.19 -14.91
N LEU C 278 1.16 -39.08 -14.18
CA LEU C 278 0.55 -37.83 -14.69
C LEU C 278 1.40 -37.25 -15.81
N ASP C 279 2.73 -37.41 -15.74
CA ASP C 279 3.69 -36.83 -16.71
C ASP C 279 3.42 -37.45 -18.10
N ARG C 280 2.83 -38.64 -18.15
CA ARG C 280 2.60 -39.43 -19.40
C ARG C 280 1.25 -39.05 -20.01
N GLN C 281 0.42 -38.25 -19.34
CA GLN C 281 -0.97 -37.98 -19.78
C GLN C 281 -1.07 -36.63 -20.48
N PRO C 282 -1.97 -36.51 -21.48
CA PRO C 282 -2.14 -35.25 -22.20
C PRO C 282 -2.65 -34.11 -21.31
N SER C 283 -2.24 -32.90 -21.64
CA SER C 283 -2.67 -31.64 -20.97
C SER C 283 -4.19 -31.63 -20.74
N GLY C 284 -4.61 -31.33 -19.50
CA GLY C 284 -5.99 -31.12 -19.06
C GLY C 284 -6.89 -32.35 -19.21
N SER C 285 -6.34 -33.56 -19.22
CA SER C 285 -7.09 -34.79 -19.59
C SER C 285 -7.51 -35.60 -18.36
N VAL C 286 -7.00 -35.25 -17.18
CA VAL C 286 -7.12 -36.12 -15.98
C VAL C 286 -8.05 -35.47 -14.96
N LEU C 287 -9.05 -36.25 -14.51
CA LEU C 287 -9.95 -35.90 -13.38
C LEU C 287 -9.32 -36.42 -12.08
N PHE C 288 -8.96 -35.52 -11.17
CA PHE C 288 -8.49 -35.92 -9.82
C PHE C 288 -9.72 -36.20 -8.98
N VAL C 289 -9.76 -37.32 -8.26
CA VAL C 289 -10.91 -37.71 -7.41
C VAL C 289 -10.40 -37.98 -6.00
N SER C 290 -10.81 -37.17 -5.03
CA SER C 290 -10.46 -37.38 -3.60
C SER C 290 -11.54 -36.80 -2.69
N PHE C 291 -12.00 -37.60 -1.73
CA PHE C 291 -12.81 -37.16 -0.57
C PHE C 291 -11.89 -37.09 0.66
N GLY C 292 -12.40 -36.59 1.78
CA GLY C 292 -11.66 -36.53 3.04
C GLY C 292 -11.25 -37.93 3.53
N SER C 293 -10.48 -37.99 4.61
CA SER C 293 -10.40 -39.18 5.50
C SER C 293 -11.68 -39.24 6.35
N GLY C 294 -12.24 -38.07 6.71
CA GLY C 294 -13.50 -37.90 7.46
C GLY C 294 -14.75 -38.20 6.62
N GLY C 295 -14.60 -38.23 5.28
CA GLY C 295 -15.65 -38.56 4.30
C GLY C 295 -15.99 -40.04 4.31
N THR C 296 -17.22 -40.36 4.72
CA THR C 296 -17.82 -41.72 4.59
C THR C 296 -18.76 -41.80 3.38
N LEU C 297 -18.37 -42.56 2.37
CA LEU C 297 -19.24 -43.07 1.29
C LEU C 297 -19.51 -44.54 1.63
N SER C 298 -20.76 -45.01 1.49
CA SER C 298 -21.12 -46.45 1.62
C SER C 298 -20.35 -47.28 0.57
N ASN C 299 -20.09 -48.55 0.85
CA ASN C 299 -19.50 -49.48 -0.16
C ASN C 299 -20.37 -49.43 -1.42
N GLU C 300 -21.69 -49.31 -1.26
CA GLU C 300 -22.63 -49.18 -2.41
C GLU C 300 -22.29 -47.94 -3.24
N GLN C 301 -22.08 -46.79 -2.60
CA GLN C 301 -21.84 -45.50 -3.32
C GLN C 301 -20.44 -45.52 -3.96
N LEU C 302 -19.47 -46.18 -3.32
CA LEU C 302 -18.10 -46.37 -3.88
C LEU C 302 -18.20 -47.17 -5.17
N ASN C 303 -18.92 -48.30 -5.16
CA ASN C 303 -19.13 -49.19 -6.32
C ASN C 303 -19.75 -48.39 -7.48
N GLU C 304 -20.71 -47.52 -7.20
CA GLU C 304 -21.36 -46.68 -8.24
C GLU C 304 -20.30 -45.71 -8.80
N LEU C 305 -19.47 -45.17 -7.91
CA LEU C 305 -18.42 -44.20 -8.30
C LEU C 305 -17.40 -44.89 -9.21
N ALA C 306 -16.99 -46.12 -8.87
CA ALA C 306 -16.04 -46.91 -9.68
C ALA C 306 -16.57 -47.11 -11.10
N ILE C 307 -17.74 -47.77 -11.23
CA ILE C 307 -18.40 -48.02 -12.55
C ILE C 307 -18.52 -46.68 -13.27
N GLY C 308 -18.87 -45.62 -12.57
CA GLY C 308 -19.13 -44.29 -13.16
C GLY C 308 -17.87 -43.70 -13.77
N LEU C 309 -16.74 -43.85 -13.08
CA LEU C 309 -15.44 -43.38 -13.64
C LEU C 309 -15.09 -44.23 -14.86
N GLU C 310 -15.16 -45.57 -14.72
CA GLU C 310 -14.86 -46.54 -15.81
C GLU C 310 -15.60 -46.13 -17.09
N ILE C 311 -16.89 -45.87 -17.02
CA ILE C 311 -17.76 -45.75 -18.22
C ILE C 311 -17.76 -44.31 -18.74
N SER C 312 -17.21 -43.36 -17.98
CA SER C 312 -16.99 -41.95 -18.45
C SER C 312 -16.07 -41.97 -19.68
N GLY C 313 -15.12 -42.92 -19.72
CA GLY C 313 -14.15 -43.04 -20.82
C GLY C 313 -12.98 -42.10 -20.62
N HIS C 314 -13.03 -41.21 -19.64
CA HIS C 314 -11.93 -40.25 -19.36
C HIS C 314 -10.90 -40.88 -18.42
N ARG C 315 -9.75 -40.20 -18.32
CA ARG C 315 -8.61 -40.59 -17.45
C ARG C 315 -8.85 -40.01 -16.07
N PHE C 316 -8.42 -40.71 -15.04
CA PHE C 316 -8.71 -40.26 -13.67
C PHE C 316 -7.68 -40.81 -12.69
N LEU C 317 -7.43 -40.05 -11.64
CA LEU C 317 -6.54 -40.41 -10.51
C LEU C 317 -7.42 -40.38 -9.25
N TRP C 318 -7.67 -41.53 -8.65
CA TRP C 318 -8.71 -41.68 -7.59
C TRP C 318 -8.03 -42.12 -6.29
N VAL C 319 -8.06 -41.25 -5.28
CA VAL C 319 -7.60 -41.56 -3.89
C VAL C 319 -8.79 -42.17 -3.13
N VAL C 320 -8.67 -43.42 -2.69
CA VAL C 320 -9.78 -44.22 -2.05
C VAL C 320 -9.52 -44.43 -0.56
N ARG C 321 -10.57 -44.31 0.28
CA ARG C 321 -10.70 -44.97 1.62
C ARG C 321 -12.14 -44.82 2.17
N PHE C 342 -9.19 -50.30 -3.01
CA PHE C 342 -9.30 -51.22 -1.85
C PHE C 342 -10.19 -52.41 -2.26
N GLY C 343 -10.53 -53.31 -1.32
CA GLY C 343 -11.08 -54.64 -1.62
C GLY C 343 -12.56 -54.64 -1.98
N PHE C 344 -13.26 -53.51 -1.90
CA PHE C 344 -14.73 -53.37 -2.06
C PHE C 344 -15.19 -53.33 -3.53
N LEU C 345 -14.25 -53.39 -4.47
CA LEU C 345 -14.48 -53.10 -5.90
C LEU C 345 -15.08 -54.30 -6.61
N PRO C 346 -15.64 -54.11 -7.82
CA PRO C 346 -15.91 -55.23 -8.71
C PRO C 346 -14.59 -55.99 -8.93
N THR C 347 -14.62 -57.32 -8.85
CA THR C 347 -13.42 -58.15 -8.58
C THR C 347 -12.38 -58.00 -9.70
N GLY C 348 -12.74 -57.61 -10.93
CA GLY C 348 -11.77 -57.49 -12.03
C GLY C 348 -11.37 -56.05 -12.37
N PHE C 349 -11.65 -55.07 -11.50
CA PHE C 349 -11.76 -53.64 -11.88
C PHE C 349 -10.40 -53.08 -12.35
N VAL C 350 -9.33 -53.29 -11.57
CA VAL C 350 -8.00 -52.65 -11.85
C VAL C 350 -7.61 -52.97 -13.30
N ASP C 351 -7.94 -54.19 -13.74
CA ASP C 351 -7.55 -54.77 -15.03
C ASP C 351 -8.30 -54.08 -16.18
N ARG C 352 -9.61 -53.85 -16.01
CA ARG C 352 -10.52 -53.34 -17.07
C ARG C 352 -10.11 -51.92 -17.49
N ILE C 353 -9.53 -51.15 -16.57
CA ILE C 353 -9.13 -49.73 -16.74
C ILE C 353 -7.62 -49.71 -16.49
N LYS C 354 -6.83 -50.24 -17.41
CA LYS C 354 -5.42 -50.60 -17.11
C LYS C 354 -4.53 -49.36 -16.99
N ASP C 355 -4.39 -48.57 -18.08
CA ASP C 355 -3.43 -47.43 -18.12
C ASP C 355 -4.18 -46.12 -18.36
N ARG C 356 -5.51 -46.12 -18.21
CA ARG C 356 -6.39 -44.94 -18.45
C ARG C 356 -6.74 -44.27 -17.10
N GLY C 357 -6.82 -45.07 -16.03
CA GLY C 357 -7.04 -44.56 -14.66
C GLY C 357 -6.04 -45.18 -13.71
N LEU C 358 -5.72 -44.44 -12.65
CA LEU C 358 -4.79 -44.88 -11.59
C LEU C 358 -5.48 -44.81 -10.24
N LEU C 359 -5.41 -45.88 -9.45
CA LEU C 359 -5.97 -45.94 -8.07
C LEU C 359 -4.82 -45.80 -7.07
N VAL C 360 -4.87 -44.78 -6.22
CA VAL C 360 -3.91 -44.57 -5.11
C VAL C 360 -4.60 -44.93 -3.80
N PRO C 361 -4.04 -45.83 -2.97
CA PRO C 361 -4.59 -46.03 -1.62
C PRO C 361 -4.26 -44.84 -0.71
N SER C 362 -5.22 -44.44 0.15
CA SER C 362 -5.00 -43.65 1.38
C SER C 362 -4.64 -42.18 1.09
N TRP C 363 -3.54 -41.88 0.38
CA TRP C 363 -2.98 -40.50 0.29
C TRP C 363 -2.29 -40.24 -1.06
N ALA C 364 -2.30 -38.98 -1.54
CA ALA C 364 -1.59 -38.53 -2.76
C ALA C 364 -1.16 -37.06 -2.63
N PRO C 365 -0.11 -36.64 -3.35
CA PRO C 365 0.40 -35.28 -3.23
C PRO C 365 -0.54 -34.28 -3.92
N GLN C 366 -1.60 -33.89 -3.20
CA GLN C 366 -2.71 -33.07 -3.75
C GLN C 366 -2.17 -31.82 -4.44
N ILE C 367 -1.30 -31.01 -3.80
CA ILE C 367 -0.91 -29.70 -4.41
C ILE C 367 -0.17 -29.99 -5.73
N LYS C 368 0.68 -31.03 -5.73
CA LYS C 368 1.50 -31.38 -6.92
C LYS C 368 0.55 -31.86 -8.03
N VAL C 369 -0.47 -32.66 -7.70
CA VAL C 369 -1.47 -33.18 -8.69
C VAL C 369 -2.28 -32.02 -9.29
N LEU C 370 -2.74 -31.10 -8.46
CA LEU C 370 -3.65 -30.00 -8.90
C LEU C 370 -2.87 -28.97 -9.71
N SER C 371 -1.57 -28.82 -9.45
CA SER C 371 -0.68 -27.83 -10.14
C SER C 371 -0.07 -28.44 -11.40
N HIS C 372 -0.24 -29.74 -11.61
CA HIS C 372 0.20 -30.49 -12.81
C HIS C 372 -0.66 -30.10 -14.01
N GLY C 373 -0.03 -29.99 -15.17
CA GLY C 373 -0.66 -29.58 -16.45
C GLY C 373 -1.64 -30.62 -16.94
N SER C 374 -1.43 -31.91 -16.62
CA SER C 374 -2.30 -33.02 -17.11
C SER C 374 -3.66 -32.99 -16.39
N THR C 375 -3.74 -32.43 -15.18
CA THR C 375 -4.95 -32.38 -14.33
C THR C 375 -5.93 -31.31 -14.83
N GLY C 376 -7.10 -31.74 -15.32
CA GLY C 376 -8.10 -30.89 -15.98
C GLY C 376 -9.33 -30.65 -15.11
N GLY C 377 -9.59 -31.52 -14.13
CA GLY C 377 -10.71 -31.32 -13.19
C GLY C 377 -10.48 -32.00 -11.87
N PHE C 378 -11.33 -31.66 -10.90
CA PHE C 378 -11.24 -32.16 -9.51
C PHE C 378 -12.64 -32.52 -8.99
N LEU C 379 -12.87 -33.79 -8.71
CA LEU C 379 -14.07 -34.27 -8.00
C LEU C 379 -13.73 -34.29 -6.50
N THR C 380 -14.29 -33.35 -5.75
CA THR C 380 -13.95 -33.08 -4.32
C THR C 380 -15.21 -32.99 -3.47
N HIS C 381 -15.05 -33.17 -2.16
CA HIS C 381 -16.07 -32.97 -1.10
C HIS C 381 -16.19 -31.49 -0.72
N CYS C 382 -15.39 -30.57 -1.29
CA CYS C 382 -15.50 -29.09 -1.10
C CYS C 382 -15.00 -28.65 0.27
N GLY C 383 -14.18 -29.44 0.96
CA GLY C 383 -13.30 -28.83 1.97
C GLY C 383 -12.67 -27.55 1.42
N TRP C 384 -12.57 -26.48 2.23
CA TRP C 384 -12.15 -25.16 1.73
C TRP C 384 -10.67 -25.15 1.37
N ASN C 385 -9.83 -25.92 2.05
CA ASN C 385 -8.38 -25.99 1.72
C ASN C 385 -8.23 -26.65 0.35
N SER C 386 -8.93 -27.75 0.12
CA SER C 386 -8.94 -28.46 -1.19
C SER C 386 -9.47 -27.53 -2.27
N THR C 387 -10.56 -26.80 -2.01
CA THR C 387 -11.15 -25.84 -2.98
C THR C 387 -10.13 -24.74 -3.30
N LEU C 388 -9.48 -24.15 -2.30
CA LEU C 388 -8.50 -23.04 -2.49
C LEU C 388 -7.32 -23.53 -3.32
N GLU C 389 -6.80 -24.74 -3.06
CA GLU C 389 -5.70 -25.31 -3.85
C GLU C 389 -6.15 -25.35 -5.32
N SER C 390 -7.37 -25.81 -5.57
CA SER C 390 -7.97 -25.95 -6.92
C SER C 390 -8.17 -24.56 -7.55
N ILE C 391 -8.60 -23.57 -6.78
CA ILE C 391 -8.79 -22.18 -7.28
C ILE C 391 -7.45 -21.58 -7.71
N VAL C 392 -6.42 -21.72 -6.89
CA VAL C 392 -5.07 -21.13 -7.16
C VAL C 392 -4.48 -21.76 -8.42
N ASN C 393 -4.86 -22.98 -8.78
CA ASN C 393 -4.30 -23.68 -9.97
C ASN C 393 -5.32 -23.74 -11.12
N GLY C 394 -6.41 -22.98 -11.06
CA GLY C 394 -7.43 -22.91 -12.12
C GLY C 394 -8.04 -24.25 -12.53
N VAL C 395 -8.20 -25.21 -11.62
CA VAL C 395 -8.79 -26.55 -11.90
C VAL C 395 -10.27 -26.51 -11.56
N PRO C 396 -11.19 -26.65 -12.56
CA PRO C 396 -12.63 -26.63 -12.32
C PRO C 396 -13.12 -27.86 -11.54
N LEU C 397 -14.31 -27.82 -10.94
CA LEU C 397 -14.69 -28.90 -9.99
C LEU C 397 -15.96 -29.65 -10.39
N ILE C 398 -16.08 -30.86 -9.87
CA ILE C 398 -17.38 -31.55 -9.58
C ILE C 398 -17.49 -31.60 -8.06
N VAL C 399 -18.52 -30.97 -7.52
CA VAL C 399 -18.67 -30.80 -6.05
C VAL C 399 -19.61 -31.88 -5.55
N TRP C 400 -19.19 -32.56 -4.48
CA TRP C 400 -19.95 -33.67 -3.85
C TRP C 400 -19.83 -33.50 -2.35
N PRO C 401 -20.59 -32.54 -1.76
CA PRO C 401 -20.44 -32.22 -0.34
C PRO C 401 -20.94 -33.36 0.54
N LEU C 402 -20.34 -33.51 1.73
CA LEU C 402 -20.55 -34.66 2.66
C LEU C 402 -20.88 -34.16 4.08
N TYR C 403 -20.17 -33.16 4.60
CA TYR C 403 -20.26 -32.76 6.03
C TYR C 403 -19.75 -31.33 6.23
N ALA C 404 -19.87 -30.86 7.46
CA ALA C 404 -19.40 -29.51 7.89
C ALA C 404 -20.16 -28.45 7.08
N GLU C 405 -19.45 -27.48 6.50
CA GLU C 405 -20.04 -26.38 5.69
C GLU C 405 -19.86 -26.69 4.20
N GLN C 406 -19.66 -27.96 3.84
CA GLN C 406 -19.41 -28.36 2.43
C GLN C 406 -20.64 -28.06 1.54
N ARG C 407 -21.87 -28.26 2.01
CA ARG C 407 -23.07 -28.10 1.15
C ARG C 407 -23.18 -26.63 0.76
N MET C 408 -22.85 -25.74 1.68
CA MET C 408 -22.95 -24.29 1.35
C MET C 408 -21.78 -23.95 0.43
N ASN C 409 -20.58 -24.52 0.62
CA ASN C 409 -19.42 -24.30 -0.29
C ASN C 409 -19.84 -24.74 -1.70
N ALA C 410 -20.53 -25.88 -1.80
CA ALA C 410 -20.97 -26.48 -3.08
C ALA C 410 -21.90 -25.51 -3.80
N VAL C 411 -22.90 -24.97 -3.09
CA VAL C 411 -23.89 -24.03 -3.66
C VAL C 411 -23.17 -22.79 -4.16
N MET C 412 -22.25 -22.27 -3.35
CA MET C 412 -21.47 -21.07 -3.73
C MET C 412 -20.66 -21.34 -5.01
N LEU C 413 -19.98 -22.47 -5.10
CA LEU C 413 -19.05 -22.79 -6.21
C LEU C 413 -19.86 -23.12 -7.49
N ASN C 414 -20.99 -23.81 -7.35
CA ASN C 414 -21.88 -24.24 -8.45
C ASN C 414 -22.76 -23.10 -8.96
N GLN C 415 -23.51 -22.43 -8.09
CA GLN C 415 -24.55 -21.44 -8.48
C GLN C 415 -24.02 -20.01 -8.38
N GLY C 416 -23.01 -19.74 -7.55
CA GLY C 416 -22.46 -18.38 -7.33
C GLY C 416 -21.35 -18.08 -8.32
N LEU C 417 -20.25 -18.81 -8.24
CA LEU C 417 -19.02 -18.57 -9.04
C LEU C 417 -19.12 -19.33 -10.37
N LYS C 418 -19.95 -20.37 -10.44
CA LYS C 418 -20.15 -21.21 -11.66
C LYS C 418 -18.81 -21.79 -12.11
N VAL C 419 -18.01 -22.31 -11.16
CA VAL C 419 -16.70 -22.96 -11.41
C VAL C 419 -16.80 -24.47 -11.15
N ALA C 420 -18.00 -24.95 -10.79
CA ALA C 420 -18.25 -26.36 -10.43
C ALA C 420 -19.53 -26.85 -11.11
N LEU C 421 -19.56 -28.12 -11.46
CA LEU C 421 -20.80 -28.87 -11.82
C LEU C 421 -21.15 -29.79 -10.65
N ARG C 422 -22.31 -30.42 -10.69
CA ARG C 422 -22.87 -31.10 -9.50
C ARG C 422 -23.77 -32.23 -9.97
N PRO C 423 -23.48 -33.48 -9.57
CA PRO C 423 -24.35 -34.59 -9.92
C PRO C 423 -25.68 -34.52 -9.15
N ASN C 424 -26.73 -35.11 -9.71
CA ASN C 424 -28.07 -35.24 -9.07
C ASN C 424 -28.15 -36.62 -8.44
N ALA C 425 -28.40 -36.69 -7.13
CA ALA C 425 -28.74 -37.93 -6.42
C ALA C 425 -30.12 -38.39 -6.89
N SER C 426 -30.36 -39.71 -6.97
CA SER C 426 -31.72 -40.27 -7.17
C SER C 426 -32.49 -40.09 -5.85
N GLN C 427 -33.82 -40.32 -5.87
CA GLN C 427 -34.73 -40.18 -4.69
C GLN C 427 -34.03 -40.69 -3.43
N ARG C 428 -33.40 -41.87 -3.55
CA ARG C 428 -32.76 -42.66 -2.44
C ARG C 428 -31.75 -41.78 -1.67
N GLY C 429 -30.94 -40.99 -2.38
CA GLY C 429 -29.82 -40.23 -1.80
C GLY C 429 -28.48 -40.70 -2.34
N LEU C 430 -28.49 -41.75 -3.16
CA LEU C 430 -27.30 -42.32 -3.88
C LEU C 430 -27.11 -41.62 -5.22
N VAL C 431 -25.87 -41.25 -5.58
CA VAL C 431 -25.53 -40.77 -6.96
C VAL C 431 -25.20 -41.98 -7.83
N GLU C 432 -25.99 -42.18 -8.89
CA GLU C 432 -25.92 -43.38 -9.78
C GLU C 432 -24.72 -43.26 -10.73
N ALA C 433 -24.09 -44.38 -11.08
CA ALA C 433 -22.95 -44.48 -12.01
C ALA C 433 -23.25 -43.71 -13.32
N ASP C 434 -24.45 -43.82 -13.89
CA ASP C 434 -24.76 -43.13 -15.17
C ASP C 434 -24.67 -41.61 -14.98
N GLU C 435 -25.08 -41.10 -13.83
CA GLU C 435 -25.07 -39.64 -13.53
C GLU C 435 -23.63 -39.17 -13.27
N ILE C 436 -22.81 -39.99 -12.62
CA ILE C 436 -21.37 -39.71 -12.41
C ILE C 436 -20.69 -39.59 -13.77
N ALA C 437 -20.91 -40.55 -14.65
CA ALA C 437 -20.35 -40.60 -16.02
C ALA C 437 -20.80 -39.36 -16.80
N ARG C 438 -22.07 -38.98 -16.68
CA ARG C 438 -22.60 -37.80 -17.40
C ARG C 438 -21.79 -36.57 -16.97
N VAL C 439 -21.63 -36.36 -15.66
CA VAL C 439 -21.10 -35.08 -15.13
C VAL C 439 -19.57 -35.06 -15.31
N VAL C 440 -18.91 -36.22 -15.23
CA VAL C 440 -17.46 -36.33 -15.58
C VAL C 440 -17.25 -35.87 -17.04
N LYS C 441 -17.97 -36.47 -17.99
CA LYS C 441 -17.87 -36.10 -19.43
C LYS C 441 -18.23 -34.61 -19.57
N GLU C 442 -19.24 -34.12 -18.84
CA GLU C 442 -19.67 -32.71 -19.00
C GLU C 442 -18.50 -31.80 -18.62
N LEU C 443 -17.70 -32.19 -17.62
CA LEU C 443 -16.59 -31.35 -17.07
C LEU C 443 -15.36 -31.47 -17.97
N MET C 444 -15.02 -32.70 -18.41
CA MET C 444 -13.73 -32.95 -19.10
C MET C 444 -13.82 -32.51 -20.57
N ASP C 445 -14.96 -32.73 -21.24
CA ASP C 445 -15.08 -32.53 -22.72
C ASP C 445 -16.32 -31.69 -23.08
N GLY C 446 -17.27 -31.45 -22.16
CA GLY C 446 -18.55 -30.75 -22.44
C GLY C 446 -18.42 -29.23 -22.38
N ASP C 447 -19.46 -28.50 -22.77
CA ASP C 447 -19.41 -27.02 -22.94
C ASP C 447 -19.47 -26.35 -21.57
N GLU C 448 -20.35 -26.85 -20.69
CA GLU C 448 -20.50 -26.37 -19.29
C GLU C 448 -19.16 -26.50 -18.55
N GLY C 449 -18.40 -27.58 -18.82
CA GLY C 449 -16.99 -27.77 -18.42
C GLY C 449 -16.08 -26.63 -18.87
N LYS C 450 -16.11 -26.29 -20.16
CA LYS C 450 -15.27 -25.22 -20.74
C LYS C 450 -15.63 -23.88 -20.06
N LYS C 451 -16.91 -23.59 -19.84
CA LYS C 451 -17.37 -22.32 -19.25
C LYS C 451 -16.87 -22.24 -17.79
N ALA C 452 -16.97 -23.34 -17.04
CA ALA C 452 -16.46 -23.51 -15.66
C ALA C 452 -14.93 -23.35 -15.62
N ARG C 453 -14.22 -24.05 -16.49
CA ARG C 453 -12.73 -23.97 -16.59
C ARG C 453 -12.30 -22.51 -16.86
N TYR C 454 -13.03 -21.81 -17.71
CA TYR C 454 -12.66 -20.44 -18.12
C TYR C 454 -12.78 -19.55 -16.88
N LYS C 455 -13.90 -19.66 -16.19
CA LYS C 455 -14.21 -18.87 -14.97
C LYS C 455 -13.17 -19.22 -13.88
N MET C 456 -12.79 -20.49 -13.76
CA MET C 456 -11.85 -20.93 -12.71
C MET C 456 -10.48 -20.31 -12.97
N ARG C 457 -10.07 -20.20 -14.24
CA ARG C 457 -8.76 -19.55 -14.59
C ARG C 457 -8.81 -18.05 -14.24
N GLU C 458 -9.95 -17.39 -14.45
CA GLU C 458 -10.14 -15.93 -14.11
C GLU C 458 -9.90 -15.72 -12.61
N LEU C 459 -10.50 -16.58 -11.78
CA LEU C 459 -10.29 -16.59 -10.31
C LEU C 459 -8.83 -16.92 -10.00
N SER C 460 -8.22 -17.88 -10.69
CA SER C 460 -6.78 -18.24 -10.53
C SER C 460 -5.86 -17.03 -10.69
N ASP C 461 -6.20 -16.10 -11.60
CA ASP C 461 -5.33 -14.94 -11.91
C ASP C 461 -5.58 -13.89 -10.83
N SER C 462 -6.82 -13.73 -10.37
CA SER C 462 -7.17 -12.89 -9.20
C SER C 462 -6.34 -13.34 -7.98
N ALA C 463 -6.34 -14.64 -7.69
CA ALA C 463 -5.64 -15.27 -6.55
C ALA C 463 -4.13 -14.94 -6.61
N LYS C 464 -3.50 -15.13 -7.77
CA LYS C 464 -2.05 -14.82 -7.97
C LYS C 464 -1.81 -13.31 -7.71
N ARG C 465 -2.65 -12.45 -8.26
CA ARG C 465 -2.58 -10.97 -8.11
C ARG C 465 -2.64 -10.60 -6.61
N VAL C 466 -3.66 -11.06 -5.86
CA VAL C 466 -3.91 -10.58 -4.46
C VAL C 466 -2.83 -11.13 -3.50
N THR C 467 -2.08 -12.16 -3.89
CA THR C 467 -0.99 -12.77 -3.07
C THR C 467 0.38 -12.41 -3.67
N SER C 468 0.47 -11.41 -4.53
CA SER C 468 1.76 -10.93 -5.12
C SER C 468 2.32 -9.85 -4.21
N GLU C 469 3.51 -9.33 -4.53
CA GLU C 469 4.28 -8.37 -3.70
C GLU C 469 3.39 -7.21 -3.25
N ASN C 470 2.48 -6.69 -4.08
CA ASN C 470 1.61 -5.53 -3.74
C ASN C 470 0.12 -5.92 -3.79
N GLY C 471 -0.20 -7.20 -3.56
CA GLY C 471 -1.60 -7.70 -3.57
C GLY C 471 -2.38 -7.25 -2.34
N GLU C 472 -3.71 -7.08 -2.47
CA GLU C 472 -4.51 -6.54 -1.34
C GLU C 472 -4.45 -7.52 -0.17
N SER C 473 -4.33 -8.83 -0.40
CA SER C 473 -4.29 -9.83 0.69
C SER C 473 -2.96 -9.72 1.46
N THR C 474 -1.82 -9.68 0.74
CA THR C 474 -0.47 -9.51 1.35
C THR C 474 -0.40 -8.18 2.12
N LYS C 475 -0.78 -7.07 1.50
CA LYS C 475 -0.83 -5.73 2.15
C LYS C 475 -1.65 -5.83 3.46
N LEU C 476 -2.87 -6.34 3.42
CA LEU C 476 -3.80 -6.25 4.58
C LEU C 476 -3.25 -7.05 5.78
N LEU C 477 -2.61 -8.20 5.56
CA LEU C 477 -1.95 -8.98 6.65
C LEU C 477 -0.85 -8.10 7.29
N SER C 478 0.02 -7.54 6.45
CA SER C 478 1.16 -6.66 6.85
C SER C 478 0.62 -5.48 7.67
N GLU C 479 -0.53 -4.96 7.28
CA GLU C 479 -1.20 -3.80 7.95
C GLU C 479 -1.66 -4.20 9.35
N VAL C 480 -2.21 -5.41 9.56
CA VAL C 480 -2.70 -5.85 10.90
C VAL C 480 -1.48 -6.22 11.76
N ALA C 481 -0.48 -6.90 11.16
CA ALA C 481 0.71 -7.41 11.87
C ALA C 481 1.56 -6.24 12.44
N SER C 482 1.60 -5.11 11.73
CA SER C 482 2.27 -3.86 12.15
C SER C 482 1.79 -3.38 13.54
N LYS C 483 0.48 -3.35 13.81
CA LYS C 483 -0.11 -3.01 15.15
C LYS C 483 0.59 -3.81 16.26
N TRP C 484 0.97 -5.05 15.98
CA TRP C 484 1.60 -5.98 16.95
C TRP C 484 3.09 -5.61 17.15
#